data_8EPR
#
_entry.id   8EPR
#
_cell.length_a   135.625
_cell.length_b   178.740
_cell.length_c   179.851
_cell.angle_alpha   90.000
_cell.angle_beta   90.000
_cell.angle_gamma   90.000
#
_symmetry.space_group_name_H-M   'I 2 2 2'
#
loop_
_entity.id
_entity.type
_entity.pdbx_description
1 polymer 'Chaetomium alpha glucosidase'
2 non-polymer (2R,3R,4R,5S)-2-(hydroxymethyl)-1-{[3-({[(5M)-3-(methanesulfonyl)-5-(pyridazin-3-yl)phenyl]amino}methyl)phenyl]methyl}piperidine-3,4,5-triol
3 non-polymer GLYCEROL
4 non-polymer 'SULFATE ION'
5 non-polymer 2-[BIS-(2-HYDROXY-ETHYL)-AMINO]-2-HYDROXYMETHYL-PROPANE-1,3-DIOL
6 non-polymer 2-acetamido-2-deoxy-beta-D-glucopyranose
7 water water
#
_entity_poly.entity_id   1
_entity_poly.type   'polypeptide(L)'
_entity_poly.pdbx_seq_one_letter_code
;MGILPSPGMPALLSLVSLLSVLLMGCVAETGVEGESILHSEIGRLNNQSLLWGPYRPNIYFGTRPRIGKSLMTGLMWGKI
ESYTDFQHTVRYTCEQNEGMKGYGWDEYDPRRGGIQSIHDIQNGLDITTSFVKIPGGAHGGSWAARIKGTLNDDAPKDQK
TIVVFYVSQEGENSELEAVPSENEFGYEGDVILKGRSEALGNYKLVVTKGKGVIPQSDHDLSRLRGPGQTVVQSLTYPDE
VLWQAKPILFQQLKAGIDWLVENKYDVADPPPPWQVYLLANKPGSGNVHIVQKVFEGDFEFDILFSSESAGKEVTSKDLE
REVKQATEVFGERFARVFDLKAPFQGDNYKKFGKSMFSNLIGGIGYFYGHSLVDRSYAPEYDEENEGFWEDAAEARARHQ
EALEGPYELFTSIPSRPFFPRGFLWDEGFHLLPIADWDIDLALEIIKSWYNLMDEDGWIAREQILGAEARSKVPKEFQTQ
YPHYANPPTLFLVLDNFVERLRKNNASQPVVKDNLSLDETLSTASVDNPEVGLEYLRRLYPLLRRQFDWFRKTQAGDIKS
YDREAYSTKEAYRWRGRTVSHCLTSGLDDYPRPQPPHPGELHVDLMSWVGVMVKSLISIGSLLGATEDVEFYTKVLDAIE
HNLDDLHWSEKEGCYCDATIDEFEEHKLVCHKGYISLFPFLTGLLKPDSPKLGKLLALIGDESELWSPYGLRSLSKKDEF
YGTAENYWRSPVWININYLAIVQLYNIATQDGPYKETARDLYTRLRKNIVETVYRNWEETGFAWEQYNPETGKGQRTQHF
TGWTSLVVKIMSGHHHHHH
;
_entity_poly.pdbx_strand_id   A,B
#
# COMPACT_ATOMS: atom_id res chain seq x y z
N SER A 40 22.26 9.83 19.40
CA SER A 40 22.73 9.67 18.04
C SER A 40 24.02 8.84 17.99
N GLU A 41 24.93 9.11 18.93
CA GLU A 41 26.25 8.46 18.96
C GLU A 41 26.09 6.97 19.29
N ILE A 42 25.28 6.66 20.31
CA ILE A 42 25.06 5.28 20.72
C ILE A 42 24.41 4.52 19.57
N GLY A 43 23.47 5.19 18.87
CA GLY A 43 22.82 4.63 17.69
C GLY A 43 23.83 4.21 16.62
N ARG A 44 24.80 5.10 16.35
CA ARG A 44 25.82 4.88 15.33
C ARG A 44 26.70 3.68 15.72
N LEU A 45 27.09 3.63 17.00
CA LEU A 45 27.95 2.57 17.52
C LEU A 45 27.22 1.23 17.44
N ASN A 46 25.91 1.27 17.75
CA ASN A 46 25.07 0.09 17.71
C ASN A 46 24.97 -0.42 16.27
N ASN A 47 24.78 0.51 15.32
CA ASN A 47 24.66 0.24 13.89
C ASN A 47 25.95 -0.44 13.39
N GLN A 48 27.11 0.15 13.74
CA GLN A 48 28.38 -0.42 13.32
C GLN A 48 28.55 -1.82 13.90
N SER A 49 28.13 -1.97 15.16
CA SER A 49 28.37 -3.19 15.92
C SER A 49 27.54 -4.35 15.35
N LEU A 50 26.33 -4.05 14.86
CA LEU A 50 25.40 -5.11 14.50
C LEU A 50 25.35 -5.34 12.99
N LEU A 51 26.09 -4.52 12.22
CA LEU A 51 25.88 -4.51 10.76
C LEU A 51 26.07 -5.90 10.14
N TRP A 52 27.15 -6.61 10.50
CA TRP A 52 27.43 -7.91 9.90
C TRP A 52 26.89 -9.03 10.76
N GLY A 53 26.47 -10.13 10.12
CA GLY A 53 26.22 -11.34 10.91
C GLY A 53 25.89 -12.49 9.98
N PRO A 54 25.68 -13.71 10.52
CA PRO A 54 25.22 -14.84 9.72
C PRO A 54 23.70 -14.74 9.63
N TYR A 55 23.24 -13.61 9.11
CA TYR A 55 21.87 -13.16 9.29
C TYR A 55 20.97 -13.81 8.24
N ARG A 56 21.26 -15.10 7.92
CA ARG A 56 20.49 -15.83 6.92
C ARG A 56 20.04 -17.17 7.53
N PRO A 57 19.15 -17.14 8.54
CA PRO A 57 18.85 -18.34 9.31
C PRO A 57 18.03 -19.34 8.48
N ASN A 58 17.52 -18.93 7.31
CA ASN A 58 16.82 -19.85 6.42
C ASN A 58 17.78 -20.89 5.80
N ILE A 59 19.09 -20.63 5.82
CA ILE A 59 20.06 -21.59 5.26
C ILE A 59 20.99 -22.08 6.37
N TYR A 60 21.69 -23.23 6.13
CA TYR A 60 22.56 -23.76 7.16
C TYR A 60 23.61 -22.73 7.57
N PHE A 61 24.26 -22.13 6.58
CA PHE A 61 25.28 -21.16 6.93
C PHE A 61 25.48 -20.18 5.78
N GLY A 62 25.37 -18.90 6.12
CA GLY A 62 25.67 -17.81 5.20
C GLY A 62 25.72 -16.48 5.97
N THR A 63 26.20 -15.42 5.33
CA THR A 63 26.30 -14.13 5.97
C THR A 63 25.69 -13.09 5.05
N ARG A 64 25.24 -12.00 5.65
CA ARG A 64 24.88 -10.79 4.93
C ARG A 64 24.90 -9.64 5.93
N PRO A 65 25.12 -8.39 5.48
CA PRO A 65 25.04 -7.25 6.38
C PRO A 65 23.59 -6.77 6.39
N ARG A 66 23.28 -5.85 7.34
CA ARG A 66 21.93 -5.31 7.43
C ARG A 66 21.75 -4.21 6.38
N ILE A 67 21.87 -4.59 5.11
CA ILE A 67 21.70 -3.70 3.96
C ILE A 67 20.93 -4.50 2.91
N GLY A 68 19.89 -3.89 2.33
CA GLY A 68 19.00 -4.62 1.43
C GLY A 68 19.74 -5.23 0.23
N LYS A 69 20.57 -4.42 -0.43
CA LYS A 69 21.21 -4.82 -1.68
C LYS A 69 22.72 -4.73 -1.50
N SER A 70 23.34 -5.88 -1.20
CA SER A 70 24.73 -5.86 -0.81
C SER A 70 25.33 -7.25 -1.03
N LEU A 71 26.38 -7.56 -0.26
CA LEU A 71 27.14 -8.78 -0.44
C LEU A 71 26.56 -9.87 0.47
N MET A 72 26.32 -11.07 -0.09
CA MET A 72 25.77 -12.19 0.68
C MET A 72 26.59 -13.44 0.39
N THR A 73 26.72 -14.32 1.39
CA THR A 73 27.44 -15.57 1.13
C THR A 73 26.58 -16.74 1.61
N GLY A 74 26.84 -17.93 1.06
CA GLY A 74 26.16 -19.14 1.52
C GLY A 74 27.03 -20.38 1.26
N LEU A 75 26.85 -21.38 2.12
CA LEU A 75 27.61 -22.62 2.08
C LEU A 75 26.71 -23.75 1.57
N MET A 76 27.25 -24.60 0.69
CA MET A 76 26.58 -25.83 0.34
C MET A 76 27.60 -26.97 0.49
N TRP A 77 27.10 -28.18 0.76
CA TRP A 77 27.96 -29.36 0.76
C TRP A 77 27.12 -30.60 0.42
N GLY A 78 27.77 -31.65 -0.08
CA GLY A 78 27.07 -32.91 -0.27
C GLY A 78 28.07 -33.98 -0.71
N LYS A 79 27.84 -35.21 -0.25
CA LYS A 79 28.69 -36.32 -0.68
C LYS A 79 28.33 -36.60 -2.13
N ILE A 80 29.27 -37.20 -2.86
CA ILE A 80 28.98 -37.64 -4.21
C ILE A 80 29.54 -39.06 -4.34
N GLU A 81 28.63 -39.99 -4.57
CA GLU A 81 28.98 -41.40 -4.72
C GLU A 81 28.61 -41.90 -6.11
N SER A 82 27.83 -41.12 -6.87
CA SER A 82 27.41 -41.61 -8.18
C SER A 82 27.29 -40.43 -9.13
N TYR A 83 26.83 -40.69 -10.35
CA TYR A 83 26.70 -39.65 -11.35
C TYR A 83 25.38 -38.89 -11.17
N THR A 84 24.53 -39.33 -10.22
CA THR A 84 23.22 -38.70 -10.13
C THR A 84 22.80 -38.33 -8.71
N ASP A 85 23.65 -38.60 -7.69
CA ASP A 85 23.23 -38.45 -6.31
C ASP A 85 23.39 -37.00 -5.79
N PHE A 86 24.37 -36.24 -6.29
CA PHE A 86 24.71 -34.96 -5.67
C PHE A 86 23.50 -34.01 -5.67
N GLN A 87 22.67 -34.05 -6.73
CA GLN A 87 21.47 -33.20 -6.75
C GLN A 87 20.56 -33.49 -5.55
N HIS A 88 20.61 -34.73 -5.04
CA HIS A 88 19.74 -35.15 -3.93
C HIS A 88 20.44 -35.01 -2.58
N THR A 89 21.78 -35.00 -2.54
CA THR A 89 22.47 -34.94 -1.25
C THR A 89 22.83 -33.52 -0.87
N VAL A 90 22.92 -32.60 -1.85
CA VAL A 90 23.46 -31.29 -1.56
C VAL A 90 22.57 -30.58 -0.52
N ARG A 91 23.21 -29.87 0.40
CA ARG A 91 22.54 -29.15 1.49
C ARG A 91 22.71 -27.65 1.24
N TYR A 92 21.64 -26.88 1.51
CA TYR A 92 21.74 -25.44 1.39
C TYR A 92 20.72 -24.80 2.32
N THR A 93 19.43 -24.92 1.99
CA THR A 93 18.38 -24.38 2.85
C THR A 93 18.04 -25.34 4.00
N CYS A 94 17.69 -24.77 5.18
CA CYS A 94 17.45 -25.60 6.37
C CYS A 94 16.19 -26.45 6.20
N GLU A 95 16.27 -27.73 6.59
CA GLU A 95 15.12 -28.65 6.61
C GLU A 95 15.23 -29.50 7.89
N GLN A 96 14.23 -30.36 8.12
CA GLN A 96 14.38 -31.31 9.22
C GLN A 96 13.59 -32.54 8.81
N ASN A 97 14.29 -33.67 8.75
CA ASN A 97 13.80 -34.96 8.27
C ASN A 97 14.78 -36.02 8.75
N GLU A 98 14.54 -37.29 8.35
CA GLU A 98 15.31 -38.44 8.83
C GLU A 98 16.80 -38.32 8.49
N GLY A 99 17.14 -37.60 7.41
CA GLY A 99 18.53 -37.53 6.94
C GLY A 99 19.38 -36.52 7.72
N MET A 100 18.75 -35.77 8.63
CA MET A 100 19.48 -34.78 9.42
C MET A 100 19.26 -35.08 10.90
N LYS A 101 20.34 -35.40 11.63
CA LYS A 101 20.19 -35.70 13.04
C LYS A 101 19.80 -34.44 13.82
N GLY A 102 20.45 -33.32 13.51
CA GLY A 102 20.26 -32.11 14.28
C GLY A 102 21.23 -31.04 13.82
N TYR A 103 20.95 -29.79 14.21
CA TYR A 103 21.91 -28.72 13.99
C TYR A 103 21.46 -27.54 14.81
N GLY A 104 22.40 -26.63 15.04
CA GLY A 104 22.04 -25.44 15.79
C GLY A 104 23.30 -24.79 16.36
N TRP A 105 23.09 -23.66 17.03
CA TRP A 105 24.17 -22.84 17.55
C TRP A 105 24.50 -23.33 18.95
N ASP A 106 25.80 -23.58 19.20
CA ASP A 106 26.24 -24.01 20.52
C ASP A 106 26.45 -22.77 21.37
N GLU A 107 26.82 -21.67 20.70
CA GLU A 107 27.02 -20.41 21.34
C GLU A 107 26.77 -19.33 20.31
N TYR A 108 26.22 -18.20 20.73
CA TYR A 108 26.05 -17.14 19.74
C TYR A 108 25.76 -15.83 20.44
N ASP A 109 26.37 -14.79 19.90
CA ASP A 109 26.07 -13.41 20.26
C ASP A 109 26.23 -12.61 18.98
N PRO A 110 25.20 -11.90 18.49
CA PRO A 110 25.27 -11.26 17.19
C PRO A 110 26.35 -10.17 17.12
N ARG A 111 26.82 -9.67 18.28
CA ARG A 111 27.91 -8.69 18.24
C ARG A 111 29.27 -9.37 18.01
N ARG A 112 29.41 -10.65 18.40
CA ARG A 112 30.74 -11.24 18.52
C ARG A 112 30.90 -12.41 17.53
N GLY A 113 29.82 -13.18 17.36
CA GLY A 113 29.85 -14.38 16.55
C GLY A 113 29.42 -15.61 17.33
N GLY A 114 29.76 -16.79 16.82
CA GLY A 114 29.43 -18.00 17.54
C GLY A 114 29.89 -19.24 16.78
N ILE A 115 29.41 -20.40 17.25
CA ILE A 115 29.79 -21.67 16.65
C ILE A 115 28.51 -22.49 16.47
N GLN A 116 28.33 -22.99 15.25
CA GLN A 116 27.16 -23.79 14.95
C GLN A 116 27.64 -25.22 14.67
N SER A 117 26.89 -26.23 15.16
CA SER A 117 27.24 -27.59 14.78
C SER A 117 26.10 -28.27 14.01
N ILE A 118 26.45 -29.05 12.98
CA ILE A 118 25.49 -29.65 12.07
C ILE A 118 25.80 -31.15 12.01
N HIS A 119 24.77 -31.99 12.27
CA HIS A 119 24.89 -33.43 12.29
C HIS A 119 24.05 -34.03 11.16
N ASP A 120 24.73 -34.30 10.05
CA ASP A 120 24.10 -34.69 8.80
C ASP A 120 24.32 -36.20 8.61
N ILE A 121 23.22 -36.98 8.73
CA ILE A 121 23.28 -38.44 8.57
C ILE A 121 23.43 -38.79 7.09
N GLN A 122 22.62 -38.14 6.22
CA GLN A 122 22.65 -38.46 4.80
C GLN A 122 24.06 -38.32 4.24
N ASN A 123 24.75 -37.23 4.61
CA ASN A 123 26.07 -36.93 4.06
C ASN A 123 27.20 -37.48 4.95
N GLY A 124 26.85 -38.14 6.07
CA GLY A 124 27.84 -38.80 6.91
C GLY A 124 28.86 -37.82 7.51
N LEU A 125 28.41 -36.60 7.89
CA LEU A 125 29.32 -35.53 8.24
C LEU A 125 28.82 -34.81 9.48
N ASP A 126 29.77 -34.49 10.38
CA ASP A 126 29.53 -33.57 11.46
C ASP A 126 30.32 -32.31 11.14
N ILE A 127 29.60 -31.20 10.95
CA ILE A 127 30.21 -29.97 10.50
C ILE A 127 30.13 -28.93 11.61
N THR A 128 31.18 -28.12 11.71
CA THR A 128 31.21 -26.98 12.59
C THR A 128 31.40 -25.75 11.71
N THR A 129 30.58 -24.71 11.92
CA THR A 129 30.84 -23.44 11.27
C THR A 129 31.03 -22.39 12.38
N SER A 130 32.26 -21.84 12.47
CA SER A 130 32.60 -20.82 13.45
C SER A 130 32.60 -19.47 12.75
N PHE A 131 31.93 -18.48 13.36
CA PHE A 131 31.83 -17.15 12.76
C PHE A 131 32.24 -16.12 13.81
N VAL A 132 33.05 -15.14 13.41
CA VAL A 132 33.54 -14.18 14.40
C VAL A 132 33.67 -12.84 13.70
N LYS A 133 33.37 -11.76 14.44
CA LYS A 133 33.39 -10.41 13.89
C LYS A 133 34.58 -9.67 14.48
N ILE A 134 35.20 -8.78 13.68
CA ILE A 134 36.41 -8.08 14.11
C ILE A 134 36.21 -6.62 13.79
N PRO A 135 35.86 -5.79 14.82
CA PRO A 135 35.51 -4.38 14.61
C PRO A 135 36.68 -3.60 14.01
N GLY A 136 36.36 -2.50 13.30
CA GLY A 136 37.39 -1.67 12.71
C GLY A 136 36.98 -1.01 11.41
N GLY A 137 37.51 0.20 11.18
CA GLY A 137 37.21 0.91 9.96
C GLY A 137 35.84 1.56 10.01
N ALA A 138 35.26 1.84 8.85
CA ALA A 138 34.11 2.72 8.79
C ALA A 138 32.91 2.00 8.22
N HIS A 139 32.98 0.66 8.04
CA HIS A 139 32.00 0.02 7.17
C HIS A 139 31.40 -1.22 7.86
N GLY A 140 31.48 -1.25 9.19
CA GLY A 140 30.85 -2.28 9.99
C GLY A 140 31.82 -3.41 10.31
N GLY A 141 33.10 -3.17 10.02
CA GLY A 141 34.15 -4.09 10.46
C GLY A 141 34.33 -5.28 9.52
N SER A 142 35.13 -6.25 9.98
CA SER A 142 35.55 -7.42 9.24
C SER A 142 34.96 -8.66 9.92
N TRP A 143 35.12 -9.85 9.30
CA TRP A 143 34.58 -11.09 9.88
C TRP A 143 35.31 -12.27 9.28
N ALA A 144 35.21 -13.42 9.94
CA ALA A 144 35.83 -14.63 9.41
C ALA A 144 35.02 -15.83 9.84
N ALA A 145 35.12 -16.93 9.09
CA ALA A 145 34.41 -18.14 9.44
C ALA A 145 35.34 -19.30 9.17
N ARG A 146 35.25 -20.34 10.00
CA ARG A 146 35.93 -21.59 9.70
C ARG A 146 34.88 -22.66 9.49
N ILE A 147 35.00 -23.37 8.36
CA ILE A 147 34.13 -24.50 8.04
C ILE A 147 34.92 -25.80 8.26
N LYS A 148 34.46 -26.65 9.18
CA LYS A 148 35.17 -27.89 9.43
C LYS A 148 34.23 -29.09 9.25
N GLY A 149 34.65 -30.06 8.43
CA GLY A 149 33.83 -31.26 8.27
C GLY A 149 34.58 -32.52 8.72
N THR A 150 33.93 -33.34 9.57
CA THR A 150 34.54 -34.57 10.06
C THR A 150 33.57 -35.71 9.73
N LEU A 151 34.02 -36.70 8.95
CA LEU A 151 33.15 -37.82 8.61
C LEU A 151 32.77 -38.54 9.89
N ASN A 152 31.54 -39.02 9.98
CA ASN A 152 31.16 -39.78 11.15
C ASN A 152 31.65 -41.22 10.98
N ASP A 153 31.41 -42.06 11.99
CA ASP A 153 31.96 -43.41 12.03
C ASP A 153 31.39 -44.28 10.90
N ASP A 154 30.17 -43.97 10.45
CA ASP A 154 29.47 -44.77 9.48
C ASP A 154 29.92 -44.47 8.04
N ALA A 155 30.51 -43.30 7.82
CA ALA A 155 30.77 -42.86 6.45
C ALA A 155 31.95 -43.66 5.86
N PRO A 156 31.98 -43.94 4.54
CA PRO A 156 33.18 -44.50 3.92
C PRO A 156 34.32 -43.52 4.18
N LYS A 157 35.50 -44.04 4.55
CA LYS A 157 36.62 -43.21 4.98
C LYS A 157 37.16 -42.38 3.81
N ASP A 158 36.86 -42.80 2.59
CA ASP A 158 37.36 -42.13 1.39
C ASP A 158 36.21 -41.38 0.71
N GLN A 159 35.12 -41.14 1.45
CA GLN A 159 34.01 -40.34 0.91
C GLN A 159 34.53 -39.09 0.21
N LYS A 160 33.99 -38.80 -0.98
CA LYS A 160 34.19 -37.52 -1.63
C LYS A 160 33.04 -36.58 -1.24
N THR A 161 33.38 -35.39 -0.72
CA THR A 161 32.39 -34.37 -0.42
C THR A 161 32.68 -33.14 -1.27
N ILE A 162 31.67 -32.66 -2.00
CA ILE A 162 31.75 -31.40 -2.71
C ILE A 162 31.31 -30.29 -1.74
N VAL A 163 32.11 -29.21 -1.70
CA VAL A 163 31.78 -28.07 -0.89
C VAL A 163 31.79 -26.85 -1.80
N VAL A 164 30.79 -25.99 -1.64
CA VAL A 164 30.68 -24.77 -2.42
C VAL A 164 30.55 -23.60 -1.46
N PHE A 165 31.32 -22.52 -1.74
CA PHE A 165 31.04 -21.24 -1.11
C PHE A 165 30.56 -20.27 -2.19
N TYR A 166 29.32 -19.82 -2.06
CA TYR A 166 28.65 -19.04 -3.08
C TYR A 166 28.58 -17.59 -2.62
N VAL A 167 29.00 -16.65 -3.48
CA VAL A 167 29.07 -15.26 -3.08
C VAL A 167 28.32 -14.45 -4.13
N SER A 168 27.41 -13.59 -3.68
CA SER A 168 26.68 -12.74 -4.61
C SER A 168 26.75 -11.29 -4.12
N GLN A 169 26.64 -10.33 -5.06
CA GLN A 169 26.55 -8.93 -4.67
C GLN A 169 25.53 -8.17 -5.53
N GLU A 170 24.59 -7.53 -4.85
CA GLU A 170 23.51 -6.79 -5.51
C GLU A 170 23.81 -5.30 -5.35
N GLY A 171 23.45 -4.52 -6.37
CA GLY A 171 23.70 -3.08 -6.37
C GLY A 171 24.17 -2.60 -7.76
N GLU A 172 23.84 -1.34 -8.12
CA GLU A 172 24.16 -0.82 -9.45
C GLU A 172 25.66 -0.55 -9.64
N ASN A 173 26.27 0.21 -8.72
CA ASN A 173 27.62 0.75 -8.90
C ASN A 173 28.57 0.06 -7.94
N SER A 174 28.61 -1.28 -8.03
CA SER A 174 29.45 -2.06 -7.14
C SER A 174 30.18 -3.13 -7.94
N GLU A 175 31.32 -3.60 -7.45
CA GLU A 175 32.14 -4.49 -8.26
C GLU A 175 32.65 -5.62 -7.38
N LEU A 176 32.90 -6.75 -8.01
CA LEU A 176 33.45 -7.90 -7.32
C LEU A 176 34.16 -8.79 -8.35
N GLU A 177 35.40 -9.16 -8.07
CA GLU A 177 36.20 -9.85 -9.06
C GLU A 177 37.06 -10.90 -8.36
N ALA A 178 37.09 -12.11 -8.89
CA ALA A 178 38.00 -13.14 -8.40
C ALA A 178 39.36 -12.96 -9.05
N VAL A 179 40.40 -12.82 -8.24
CA VAL A 179 41.75 -12.70 -8.78
C VAL A 179 42.11 -14.03 -9.44
N PRO A 180 42.51 -14.05 -10.74
CA PRO A 180 42.84 -15.30 -11.42
C PRO A 180 43.97 -16.02 -10.69
N SER A 181 43.93 -17.35 -10.79
CA SER A 181 44.98 -18.22 -10.30
C SER A 181 46.23 -18.08 -11.18
N GLU A 182 47.39 -18.55 -10.69
CA GLU A 182 48.58 -18.73 -11.52
C GLU A 182 48.50 -20.05 -12.28
N ASN A 183 47.88 -21.06 -11.67
CA ASN A 183 47.77 -22.38 -12.26
C ASN A 183 46.66 -22.42 -13.30
N GLU A 184 46.78 -23.33 -14.27
CA GLU A 184 46.00 -23.14 -15.49
C GLU A 184 44.54 -23.59 -15.32
N PHE A 185 44.28 -24.46 -14.35
CA PHE A 185 43.04 -25.21 -14.28
C PHE A 185 42.25 -24.85 -13.02
N GLY A 186 42.83 -24.01 -12.16
CA GLY A 186 42.23 -23.72 -10.87
C GLY A 186 43.28 -23.26 -9.87
N TYR A 187 43.00 -23.44 -8.58
CA TYR A 187 43.75 -22.79 -7.51
C TYR A 187 44.41 -23.86 -6.66
N GLU A 188 45.71 -23.70 -6.41
CA GLU A 188 46.43 -24.59 -5.52
C GLU A 188 46.33 -24.06 -4.11
N GLY A 189 46.13 -22.75 -3.98
CA GLY A 189 46.08 -22.11 -2.66
C GLY A 189 44.79 -21.31 -2.46
N ASP A 190 44.90 -20.11 -1.90
CA ASP A 190 43.74 -19.31 -1.50
C ASP A 190 43.07 -18.71 -2.72
N VAL A 191 41.75 -18.47 -2.62
CA VAL A 191 41.04 -17.75 -3.67
C VAL A 191 40.75 -16.36 -3.11
N ILE A 192 41.14 -15.31 -3.84
CA ILE A 192 40.93 -13.95 -3.34
C ILE A 192 39.88 -13.26 -4.20
N LEU A 193 38.81 -12.77 -3.56
CA LEU A 193 37.83 -11.92 -4.22
C LEU A 193 38.10 -10.49 -3.79
N LYS A 194 38.16 -9.56 -4.76
CA LYS A 194 38.30 -8.15 -4.44
C LYS A 194 37.03 -7.44 -4.87
N GLY A 195 36.45 -6.65 -3.97
CA GLY A 195 35.20 -5.99 -4.32
C GLY A 195 35.10 -4.58 -3.73
N ARG A 196 34.05 -3.88 -4.14
CA ARG A 196 33.84 -2.53 -3.66
C ARG A 196 32.36 -2.19 -3.76
N SER A 197 31.81 -1.51 -2.74
CA SER A 197 30.49 -0.92 -2.90
C SER A 197 30.44 0.39 -2.13
N GLU A 198 29.38 1.20 -2.38
CA GLU A 198 29.18 2.41 -1.59
C GLU A 198 29.02 2.02 -0.12
N ALA A 199 28.22 0.97 0.13
CA ALA A 199 27.93 0.57 1.50
C ALA A 199 29.18 0.05 2.19
N LEU A 200 29.99 -0.75 1.48
CA LEU A 200 31.04 -1.50 2.17
C LEU A 200 32.42 -0.87 1.94
N GLY A 201 32.51 0.13 1.06
CA GLY A 201 33.81 0.59 0.59
C GLY A 201 34.56 -0.56 -0.10
N ASN A 202 35.91 -0.53 -0.04
CA ASN A 202 36.71 -1.63 -0.59
C ASN A 202 36.81 -2.76 0.41
N TYR A 203 36.83 -4.01 -0.10
CA TYR A 203 37.01 -5.14 0.79
C TYR A 203 37.64 -6.29 0.04
N LYS A 204 38.13 -7.26 0.80
CA LYS A 204 38.56 -8.48 0.19
C LYS A 204 37.96 -9.66 0.93
N LEU A 205 37.61 -10.70 0.18
CA LEU A 205 37.01 -11.91 0.73
C LEU A 205 37.87 -13.08 0.28
N VAL A 206 38.47 -13.80 1.22
CA VAL A 206 39.37 -14.88 0.87
C VAL A 206 38.75 -16.21 1.28
N VAL A 207 38.77 -17.18 0.37
CA VAL A 207 38.50 -18.55 0.75
C VAL A 207 39.82 -19.31 0.72
N THR A 208 40.26 -19.74 1.90
CA THR A 208 41.59 -20.30 2.05
C THR A 208 41.69 -21.69 1.44
N LYS A 209 42.93 -22.14 1.26
CA LYS A 209 43.21 -23.40 0.61
C LYS A 209 42.53 -24.52 1.40
N GLY A 210 42.69 -24.46 2.72
CA GLY A 210 42.12 -25.41 3.65
C GLY A 210 43.02 -26.62 3.84
N LYS A 211 42.54 -27.56 4.66
CA LYS A 211 43.24 -28.80 4.95
C LYS A 211 42.33 -29.95 4.53
N GLY A 212 42.93 -30.97 3.92
CA GLY A 212 42.23 -32.21 3.63
C GLY A 212 42.74 -32.75 2.29
N VAL A 213 42.55 -34.03 2.05
CA VAL A 213 42.98 -34.63 0.79
C VAL A 213 42.11 -34.10 -0.34
N ILE A 214 42.77 -33.70 -1.43
CA ILE A 214 42.06 -33.37 -2.65
C ILE A 214 42.19 -34.54 -3.63
N PRO A 215 41.08 -35.20 -4.05
CA PRO A 215 41.20 -36.36 -4.92
C PRO A 215 41.78 -35.94 -6.26
N GLN A 216 42.48 -36.87 -6.92
CA GLN A 216 43.15 -36.54 -8.16
C GLN A 216 42.69 -37.55 -9.20
N SER A 217 42.35 -37.07 -10.39
CA SER A 217 41.85 -37.95 -11.44
C SER A 217 42.97 -38.24 -12.44
N ASP A 218 43.10 -39.51 -12.82
CA ASP A 218 44.08 -39.90 -13.83
C ASP A 218 43.41 -40.02 -15.19
N HIS A 219 42.14 -39.62 -15.29
CA HIS A 219 41.42 -39.66 -16.56
C HIS A 219 42.00 -38.64 -17.55
N ASP A 220 41.81 -38.97 -18.81
CA ASP A 220 42.11 -38.10 -19.95
C ASP A 220 41.56 -36.69 -19.75
N LEU A 221 40.35 -36.58 -19.17
CA LEU A 221 39.73 -35.27 -18.94
C LEU A 221 40.66 -34.31 -18.20
N SER A 222 41.51 -34.85 -17.32
CA SER A 222 42.36 -34.01 -16.49
C SER A 222 43.31 -33.15 -17.35
N ARG A 223 43.54 -33.57 -18.60
CA ARG A 223 44.36 -32.80 -19.51
C ARG A 223 43.67 -31.46 -19.83
N LEU A 224 42.33 -31.39 -19.76
CA LEU A 224 41.60 -30.17 -20.10
C LEU A 224 40.98 -29.53 -18.87
N ARG A 225 40.81 -30.28 -17.77
CA ARG A 225 40.08 -29.79 -16.60
C ARG A 225 41.00 -29.79 -15.40
N GLY A 226 42.25 -30.27 -15.58
CA GLY A 226 43.13 -30.45 -14.44
C GLY A 226 42.80 -31.70 -13.65
N PRO A 227 43.74 -32.23 -12.83
CA PRO A 227 43.51 -33.50 -12.12
C PRO A 227 42.57 -33.40 -10.92
N GLY A 228 42.22 -32.17 -10.53
CA GLY A 228 41.42 -31.95 -9.34
C GLY A 228 42.03 -30.83 -8.50
N GLN A 229 41.27 -29.74 -8.29
CA GLN A 229 41.77 -28.56 -7.63
C GLN A 229 40.58 -27.65 -7.32
N THR A 230 40.76 -26.67 -6.43
CA THR A 230 39.74 -25.63 -6.21
C THR A 230 39.49 -24.89 -7.50
N VAL A 231 38.22 -24.56 -7.78
CA VAL A 231 37.86 -23.83 -8.99
C VAL A 231 36.91 -22.70 -8.61
N VAL A 232 36.85 -21.70 -9.49
CA VAL A 232 35.99 -20.54 -9.30
C VAL A 232 35.29 -20.25 -10.63
N GLN A 233 33.96 -20.01 -10.58
CA GLN A 233 33.22 -19.44 -11.71
C GLN A 233 32.66 -18.09 -11.32
N SER A 234 32.95 -17.08 -12.15
CA SER A 234 32.45 -15.73 -11.94
C SER A 234 31.41 -15.45 -13.00
N LEU A 235 30.22 -15.00 -12.57
CA LEU A 235 29.07 -14.97 -13.45
C LEU A 235 28.27 -13.70 -13.14
N THR A 236 27.38 -13.34 -14.06
CA THR A 236 26.44 -12.25 -13.80
CA THR A 236 26.42 -12.27 -13.75
C THR A 236 25.02 -12.69 -14.13
N TYR A 237 24.09 -12.39 -13.20
CA TYR A 237 22.67 -12.49 -13.48
C TYR A 237 22.04 -11.17 -13.05
N PRO A 238 20.80 -10.87 -13.50
CA PRO A 238 20.05 -9.73 -12.95
C PRO A 238 19.95 -9.88 -11.44
N ASP A 239 20.22 -8.77 -10.74
CA ASP A 239 20.33 -8.71 -9.29
C ASP A 239 19.20 -9.47 -8.57
N GLU A 240 17.97 -9.45 -9.11
CA GLU A 240 16.86 -9.90 -8.27
C GLU A 240 16.85 -11.44 -8.19
N VAL A 241 17.70 -12.12 -8.97
CA VAL A 241 17.68 -13.58 -8.87
C VAL A 241 18.91 -14.16 -8.19
N LEU A 242 19.84 -13.31 -7.71
CA LEU A 242 21.09 -13.83 -7.17
C LEU A 242 20.86 -14.72 -5.95
N TRP A 243 19.73 -14.54 -5.24
CA TRP A 243 19.42 -15.38 -4.08
C TRP A 243 19.25 -16.85 -4.48
N GLN A 244 18.98 -17.12 -5.75
CA GLN A 244 18.63 -18.48 -6.16
C GLN A 244 19.89 -19.34 -6.38
N ALA A 245 20.67 -19.51 -5.31
CA ALA A 245 21.99 -20.11 -5.43
C ALA A 245 21.95 -21.55 -5.96
N LYS A 246 20.99 -22.37 -5.47
CA LYS A 246 21.02 -23.76 -5.89
C LYS A 246 20.77 -23.90 -7.41
N PRO A 247 19.69 -23.34 -7.96
CA PRO A 247 19.46 -23.42 -9.40
C PRO A 247 20.63 -22.84 -10.20
N ILE A 248 21.24 -21.75 -9.69
CA ILE A 248 22.34 -21.10 -10.38
C ILE A 248 23.55 -22.04 -10.44
N LEU A 249 23.84 -22.67 -9.31
CA LEU A 249 24.94 -23.64 -9.27
C LEU A 249 24.65 -24.78 -10.24
N PHE A 250 23.46 -25.38 -10.15
CA PHE A 250 23.11 -26.53 -10.98
C PHE A 250 23.11 -26.21 -12.48
N GLN A 251 22.71 -24.99 -12.84
CA GLN A 251 22.80 -24.57 -14.24
C GLN A 251 24.25 -24.71 -14.71
N GLN A 252 25.20 -24.28 -13.87
CA GLN A 252 26.62 -24.34 -14.27
C GLN A 252 27.10 -25.79 -14.29
N LEU A 253 26.66 -26.62 -13.34
CA LEU A 253 27.06 -28.04 -13.30
C LEU A 253 26.55 -28.75 -14.55
N LYS A 254 25.30 -28.44 -14.94
CA LYS A 254 24.70 -29.06 -16.10
C LYS A 254 25.42 -28.64 -17.39
N ALA A 255 25.78 -27.36 -17.51
CA ALA A 255 26.52 -26.91 -18.68
C ALA A 255 27.85 -27.67 -18.77
N GLY A 256 28.49 -27.90 -17.60
CA GLY A 256 29.75 -28.65 -17.53
C GLY A 256 29.55 -30.08 -18.04
N ILE A 257 28.40 -30.67 -17.72
CA ILE A 257 28.11 -32.03 -18.15
C ILE A 257 27.76 -32.08 -19.63
N ASP A 258 27.03 -31.06 -20.11
CA ASP A 258 26.74 -30.99 -21.55
C ASP A 258 28.05 -30.86 -22.34
N TRP A 259 29.01 -30.13 -21.79
CA TRP A 259 30.30 -30.00 -22.47
C TRP A 259 30.99 -31.36 -22.58
N LEU A 260 30.89 -32.20 -21.53
CA LEU A 260 31.48 -33.53 -21.59
C LEU A 260 30.85 -34.34 -22.71
N VAL A 261 29.51 -34.32 -22.76
CA VAL A 261 28.79 -35.15 -23.71
C VAL A 261 29.24 -34.75 -25.11
N GLU A 262 29.38 -33.44 -25.29
CA GLU A 262 29.65 -32.84 -26.59
C GLU A 262 31.10 -33.14 -27.00
N ASN A 263 31.96 -33.33 -26.01
CA ASN A 263 33.37 -33.52 -26.24
C ASN A 263 33.78 -34.98 -26.10
N LYS A 264 32.80 -35.91 -26.18
CA LYS A 264 33.08 -37.33 -26.40
C LYS A 264 33.54 -38.02 -25.12
N TYR A 265 33.28 -37.40 -23.96
CA TYR A 265 33.43 -38.11 -22.68
C TYR A 265 32.12 -38.84 -22.36
N ASP A 266 32.15 -40.19 -22.41
CA ASP A 266 30.94 -41.02 -22.48
C ASP A 266 31.03 -42.24 -21.55
N VAL A 267 30.02 -43.13 -21.62
CA VAL A 267 29.88 -44.22 -20.65
C VAL A 267 30.86 -45.35 -20.93
N ALA A 268 31.47 -45.37 -22.13
CA ALA A 268 32.54 -46.34 -22.40
C ALA A 268 33.75 -46.11 -21.49
N ASP A 269 34.05 -44.85 -21.14
CA ASP A 269 35.20 -44.54 -20.28
C ASP A 269 34.91 -43.23 -19.51
N PRO A 270 34.00 -43.23 -18.51
CA PRO A 270 33.50 -41.98 -17.92
C PRO A 270 34.51 -41.46 -16.91
N PRO A 271 34.70 -40.12 -16.80
CA PRO A 271 35.51 -39.56 -15.74
C PRO A 271 34.86 -39.95 -14.41
N PRO A 272 35.57 -39.94 -13.28
CA PRO A 272 34.94 -40.15 -11.97
C PRO A 272 33.83 -39.12 -11.67
N PRO A 273 32.80 -39.49 -10.88
CA PRO A 273 31.67 -38.60 -10.60
C PRO A 273 32.11 -37.24 -10.05
N TRP A 274 33.02 -37.23 -9.08
CA TRP A 274 33.42 -35.95 -8.49
C TRP A 274 34.07 -35.04 -9.55
N GLN A 275 34.70 -35.64 -10.58
CA GLN A 275 35.31 -34.81 -11.61
C GLN A 275 34.26 -34.32 -12.61
N VAL A 276 33.25 -35.16 -12.89
CA VAL A 276 32.14 -34.75 -13.77
C VAL A 276 31.40 -33.55 -13.15
N TYR A 277 31.38 -33.50 -11.81
CA TYR A 277 30.67 -32.44 -11.09
C TYR A 277 31.62 -31.34 -10.57
N LEU A 278 32.86 -31.31 -11.08
CA LEU A 278 33.75 -30.20 -10.74
C LEU A 278 33.69 -29.17 -11.87
N LEU A 279 33.36 -27.91 -11.54
CA LEU A 279 33.13 -26.90 -12.56
C LEU A 279 34.47 -26.61 -13.25
N ALA A 280 34.41 -26.23 -14.54
CA ALA A 280 35.57 -25.68 -15.23
C ALA A 280 35.91 -24.31 -14.63
N ASN A 281 37.18 -24.08 -14.30
CA ASN A 281 37.62 -22.83 -13.69
C ASN A 281 37.43 -21.66 -14.67
N LYS A 282 36.73 -20.59 -14.25
CA LYS A 282 36.60 -19.39 -15.09
C LYS A 282 36.36 -18.16 -14.20
N PRO A 283 37.37 -17.73 -13.44
CA PRO A 283 37.24 -16.59 -12.55
C PRO A 283 37.25 -15.29 -13.35
N GLY A 284 36.72 -14.23 -12.75
CA GLY A 284 36.62 -12.96 -13.44
C GLY A 284 35.77 -12.01 -12.63
N SER A 285 35.18 -11.05 -13.33
CA SER A 285 34.27 -10.09 -12.73
C SER A 285 32.85 -10.62 -12.80
N GLY A 286 32.02 -10.24 -11.81
CA GLY A 286 30.60 -10.57 -11.88
C GLY A 286 29.90 -10.31 -10.55
N ASN A 287 28.60 -10.60 -10.50
CA ASN A 287 27.84 -10.41 -9.27
C ASN A 287 27.54 -11.75 -8.61
N VAL A 288 28.02 -12.85 -9.24
CA VAL A 288 28.01 -14.16 -8.58
C VAL A 288 29.40 -14.80 -8.70
N HIS A 289 29.91 -15.35 -7.60
CA HIS A 289 31.14 -16.12 -7.63
C HIS A 289 30.93 -17.44 -6.90
N ILE A 290 31.18 -18.55 -7.62
CA ILE A 290 31.04 -19.87 -7.05
C ILE A 290 32.45 -20.42 -6.82
N VAL A 291 32.77 -20.69 -5.56
CA VAL A 291 34.05 -21.28 -5.20
C VAL A 291 33.79 -22.73 -4.82
N GLN A 292 34.44 -23.66 -5.50
CA GLN A 292 34.09 -25.06 -5.32
C GLN A 292 35.34 -25.86 -4.95
N LYS A 293 35.20 -26.78 -3.99
CA LYS A 293 36.29 -27.66 -3.58
C LYS A 293 35.72 -29.06 -3.47
N VAL A 294 36.55 -30.08 -3.74
CA VAL A 294 36.19 -31.46 -3.48
C VAL A 294 37.23 -32.01 -2.50
N PHE A 295 36.75 -32.70 -1.46
CA PHE A 295 37.61 -33.27 -0.45
C PHE A 295 37.35 -34.76 -0.39
N GLU A 296 38.42 -35.51 -0.06
CA GLU A 296 38.26 -36.90 0.31
C GLU A 296 38.60 -37.01 1.80
N GLY A 297 37.69 -37.59 2.59
CA GLY A 297 37.92 -37.60 4.03
C GLY A 297 37.57 -36.26 4.68
N ASP A 298 38.16 -35.98 5.85
CA ASP A 298 37.84 -34.81 6.67
C ASP A 298 38.42 -33.57 6.01
N PHE A 299 37.84 -32.40 6.32
CA PHE A 299 38.31 -31.19 5.66
C PHE A 299 38.09 -29.96 6.55
N GLU A 300 38.80 -28.87 6.22
CA GLU A 300 38.45 -27.57 6.77
C GLU A 300 38.99 -26.48 5.87
N PHE A 301 38.35 -25.31 5.89
CA PHE A 301 38.86 -24.11 5.23
C PHE A 301 38.26 -22.85 5.88
N ASP A 302 38.86 -21.70 5.57
CA ASP A 302 38.43 -20.49 6.23
C ASP A 302 37.88 -19.51 5.21
N ILE A 303 37.04 -18.59 5.69
CA ILE A 303 36.60 -17.48 4.88
C ILE A 303 37.01 -16.23 5.63
N LEU A 304 37.73 -15.33 4.96
CA LEU A 304 38.27 -14.16 5.63
C LEU A 304 37.80 -12.91 4.90
N PHE A 305 36.93 -12.13 5.57
CA PHE A 305 36.42 -10.90 5.01
C PHE A 305 37.16 -9.73 5.67
N SER A 306 37.90 -8.96 4.87
CA SER A 306 38.72 -7.85 5.36
C SER A 306 38.14 -6.54 4.83
N SER A 307 37.60 -5.73 5.75
CA SER A 307 37.16 -4.38 5.38
C SER A 307 38.40 -3.51 5.14
N GLU A 308 38.56 -2.93 3.94
CA GLU A 308 39.79 -2.21 3.65
C GLU A 308 40.01 -1.05 4.64
N SER A 309 38.92 -0.36 4.98
CA SER A 309 39.02 0.81 5.84
C SER A 309 39.50 0.47 7.25
N ALA A 310 39.57 -0.81 7.62
CA ALA A 310 40.03 -1.22 8.95
C ALA A 310 41.55 -1.33 8.99
N GLY A 311 42.20 -1.21 7.83
CA GLY A 311 43.64 -1.41 7.74
C GLY A 311 44.01 -2.89 7.79
N LYS A 312 44.43 -3.36 8.98
CA LYS A 312 44.89 -4.72 9.19
C LYS A 312 43.92 -5.71 8.53
N GLU A 313 44.42 -6.48 7.55
CA GLU A 313 43.63 -7.54 6.91
C GLU A 313 43.54 -8.75 7.85
N VAL A 314 42.41 -9.47 7.83
CA VAL A 314 42.14 -10.57 8.75
C VAL A 314 42.91 -11.83 8.32
N THR A 315 43.50 -12.53 9.30
CA THR A 315 44.20 -13.77 9.02
C THR A 315 43.47 -14.93 9.71
N SER A 316 43.84 -16.17 9.34
CA SER A 316 43.33 -17.34 10.01
C SER A 316 43.78 -17.36 11.47
N LYS A 317 44.97 -16.81 11.76
CA LYS A 317 45.40 -16.76 13.16
C LYS A 317 44.46 -15.81 13.95
N ASP A 318 44.06 -14.68 13.34
CA ASP A 318 43.07 -13.80 13.95
C ASP A 318 41.76 -14.56 14.19
N LEU A 319 41.31 -15.30 13.18
CA LEU A 319 40.08 -16.07 13.29
C LEU A 319 40.14 -16.93 14.56
N GLU A 320 41.24 -17.66 14.76
CA GLU A 320 41.34 -18.60 15.85
C GLU A 320 41.36 -17.89 17.20
N ARG A 321 42.11 -16.77 17.27
CA ARG A 321 42.18 -15.99 18.50
C ARG A 321 40.79 -15.48 18.85
N GLU A 322 40.10 -14.91 17.85
CA GLU A 322 38.84 -14.20 18.08
C GLU A 322 37.73 -15.20 18.49
N VAL A 323 37.76 -16.40 17.91
CA VAL A 323 36.84 -17.48 18.25
C VAL A 323 37.05 -17.91 19.71
N LYS A 324 38.31 -18.08 20.14
CA LYS A 324 38.57 -18.48 21.52
C LYS A 324 38.04 -17.41 22.49
N GLN A 325 38.24 -16.15 22.11
CA GLN A 325 37.87 -15.03 22.95
C GLN A 325 36.34 -14.91 23.06
N ALA A 326 35.64 -15.08 21.93
CA ALA A 326 34.19 -14.95 21.94
C ALA A 326 33.57 -16.00 22.85
N THR A 327 34.13 -17.22 22.82
CA THR A 327 33.68 -18.30 23.69
C THR A 327 33.84 -17.90 25.16
N GLU A 328 35.00 -17.31 25.51
CA GLU A 328 35.27 -16.91 26.88
C GLU A 328 34.20 -15.90 27.31
N VAL A 329 33.96 -14.89 26.47
CA VAL A 329 33.02 -13.82 26.80
C VAL A 329 31.60 -14.37 26.91
N PHE A 330 31.26 -15.35 26.04
CA PHE A 330 29.91 -15.91 26.07
C PHE A 330 29.68 -16.60 27.42
N GLY A 331 30.65 -17.45 27.82
CA GLY A 331 30.60 -18.17 29.08
C GLY A 331 30.33 -17.24 30.25
N GLU A 332 31.09 -16.14 30.34
CA GLU A 332 31.01 -15.22 31.46
C GLU A 332 29.66 -14.52 31.45
N ARG A 333 29.21 -14.07 30.28
CA ARG A 333 27.96 -13.35 30.21
C ARG A 333 26.81 -14.28 30.59
N PHE A 334 26.83 -15.52 30.09
CA PHE A 334 25.72 -16.43 30.37
C PHE A 334 25.58 -16.67 31.88
N ALA A 335 26.70 -16.88 32.56
CA ALA A 335 26.70 -17.17 33.99
C ALA A 335 26.09 -16.02 34.78
N ARG A 336 26.31 -14.79 34.31
CA ARG A 336 25.81 -13.58 34.94
C ARG A 336 24.34 -13.40 34.58
N VAL A 337 24.01 -13.48 33.27
CA VAL A 337 22.67 -13.10 32.83
C VAL A 337 21.65 -14.22 33.14
N PHE A 338 22.05 -15.47 32.91
CA PHE A 338 21.16 -16.60 33.12
C PHE A 338 21.72 -17.49 34.22
N ASP A 339 21.68 -16.98 35.46
CA ASP A 339 22.09 -17.74 36.63
C ASP A 339 20.95 -18.72 36.96
N LEU A 340 21.15 -19.99 36.64
CA LEU A 340 20.07 -20.97 36.76
C LEU A 340 19.87 -21.33 38.23
N LYS A 341 18.62 -21.30 38.72
CA LYS A 341 18.32 -21.54 40.13
C LYS A 341 17.90 -22.99 40.38
N ALA A 342 17.97 -23.42 41.65
CA ALA A 342 17.53 -24.74 42.08
C ALA A 342 16.13 -25.03 41.52
N PRO A 343 15.84 -26.28 41.08
CA PRO A 343 16.82 -27.37 41.06
C PRO A 343 17.58 -27.56 39.74
N PHE A 344 17.88 -26.45 39.06
CA PHE A 344 18.44 -26.52 37.71
C PHE A 344 19.84 -25.92 37.67
N GLN A 345 20.58 -26.01 38.78
CA GLN A 345 21.91 -25.41 38.85
C GLN A 345 22.95 -26.32 38.21
N GLY A 346 22.60 -27.59 38.02
CA GLY A 346 23.59 -28.55 37.55
C GLY A 346 24.07 -28.26 36.12
N ASP A 347 25.22 -28.85 35.77
CA ASP A 347 25.90 -28.64 34.50
C ASP A 347 25.02 -29.08 33.34
N ASN A 348 24.22 -30.13 33.55
CA ASN A 348 23.38 -30.66 32.49
C ASN A 348 22.33 -29.62 32.08
N TYR A 349 21.81 -28.86 33.08
CA TYR A 349 20.81 -27.84 32.81
C TYR A 349 21.43 -26.58 32.23
N LYS A 350 22.69 -26.32 32.60
CA LYS A 350 23.42 -25.21 32.05
C LYS A 350 23.65 -25.42 30.55
N LYS A 351 24.04 -26.62 30.17
CA LYS A 351 24.30 -26.92 28.77
C LYS A 351 22.99 -26.82 27.97
N PHE A 352 21.91 -27.35 28.55
CA PHE A 352 20.57 -27.25 28.00
C PHE A 352 20.21 -25.78 27.80
N GLY A 353 20.38 -24.96 28.84
CA GLY A 353 20.02 -23.55 28.77
C GLY A 353 20.84 -22.80 27.71
N LYS A 354 22.13 -23.15 27.60
CA LYS A 354 23.01 -22.49 26.63
C LYS A 354 22.55 -22.84 25.22
N SER A 355 22.08 -24.07 25.04
CA SER A 355 21.63 -24.51 23.71
C SER A 355 20.31 -23.81 23.36
N MET A 356 19.37 -23.81 24.31
CA MET A 356 18.06 -23.20 24.06
C MET A 356 18.24 -21.70 23.75
N PHE A 357 19.13 -21.05 24.53
CA PHE A 357 19.34 -19.62 24.35
C PHE A 357 20.06 -19.32 23.04
N SER A 358 21.13 -20.09 22.77
CA SER A 358 21.95 -19.80 21.60
C SER A 358 21.16 -20.00 20.31
N ASN A 359 20.28 -21.02 20.28
CA ASN A 359 19.42 -21.24 19.13
C ASN A 359 18.45 -20.09 18.91
N LEU A 360 17.90 -19.54 19.99
CA LEU A 360 16.97 -18.45 19.88
C LEU A 360 17.66 -17.20 19.34
N ILE A 361 18.75 -16.77 19.97
CA ILE A 361 19.36 -15.52 19.55
C ILE A 361 20.05 -15.74 18.21
N GLY A 362 20.56 -16.97 18.00
CA GLY A 362 21.21 -17.32 16.73
C GLY A 362 20.24 -17.37 15.55
N GLY A 363 18.93 -17.33 15.82
CA GLY A 363 17.92 -17.33 14.75
C GLY A 363 17.73 -15.93 14.10
N ILE A 364 18.39 -14.91 14.65
CA ILE A 364 18.19 -13.53 14.17
C ILE A 364 18.54 -13.46 12.68
N GLY A 365 17.63 -12.90 11.90
CA GLY A 365 17.91 -12.69 10.50
C GLY A 365 17.72 -11.23 10.11
N TYR A 366 18.29 -10.86 8.96
CA TYR A 366 17.97 -9.61 8.28
C TYR A 366 17.22 -9.94 7.01
N PHE A 367 16.03 -9.36 6.86
CA PHE A 367 15.18 -9.65 5.72
C PHE A 367 14.88 -8.35 4.98
N TYR A 368 14.78 -8.44 3.65
CA TYR A 368 14.60 -7.25 2.83
C TYR A 368 13.84 -7.60 1.56
N GLY A 369 12.83 -6.80 1.23
CA GLY A 369 12.19 -6.89 -0.08
C GLY A 369 10.72 -6.45 0.00
N HIS A 370 9.96 -6.76 -1.05
CA HIS A 370 8.55 -6.41 -1.09
C HIS A 370 7.70 -7.48 -0.38
N SER A 371 6.54 -7.03 0.07
CA SER A 371 5.56 -7.83 0.80
C SER A 371 4.27 -7.83 0.00
N LEU A 372 3.49 -8.91 0.10
CA LEU A 372 2.23 -9.02 -0.64
C LEU A 372 1.05 -8.61 0.25
N VAL A 373 0.32 -7.55 -0.13
CA VAL A 373 -0.71 -6.97 0.73
C VAL A 373 -1.97 -6.66 -0.08
N ASP A 374 -3.14 -6.99 0.50
CA ASP A 374 -4.43 -6.61 -0.07
C ASP A 374 -4.78 -5.23 0.48
N ARG A 375 -4.64 -4.20 -0.38
CA ARG A 375 -4.93 -2.83 0.03
C ARG A 375 -6.31 -2.39 -0.48
N SER A 376 -7.19 -3.33 -0.77
CA SER A 376 -8.53 -2.98 -1.22
C SER A 376 -9.39 -2.35 -0.11
N TYR A 377 -9.15 -2.73 1.14
CA TYR A 377 -10.03 -2.40 2.25
C TYR A 377 -11.48 -2.66 1.84
N ALA A 378 -11.72 -3.82 1.21
CA ALA A 378 -13.06 -4.19 0.79
C ALA A 378 -14.01 -4.11 1.99
N PRO A 379 -15.24 -3.61 1.81
CA PRO A 379 -16.16 -3.42 2.94
C PRO A 379 -16.52 -4.77 3.59
N GLU A 380 -16.45 -5.86 2.82
CA GLU A 380 -16.63 -7.21 3.38
C GLU A 380 -15.66 -7.49 4.53
N TYR A 381 -14.52 -6.79 4.57
CA TYR A 381 -13.53 -7.01 5.61
C TYR A 381 -13.96 -6.39 6.93
N ASP A 382 -15.04 -5.59 6.91
CA ASP A 382 -15.53 -4.97 8.15
C ASP A 382 -16.16 -6.07 9.02
N GLU A 383 -16.63 -7.15 8.37
CA GLU A 383 -17.26 -8.27 9.05
C GLU A 383 -18.46 -7.78 9.89
N GLU A 384 -19.40 -7.05 9.26
CA GLU A 384 -20.48 -6.45 10.03
C GLU A 384 -21.71 -7.35 10.09
N ASN A 385 -21.82 -8.30 9.16
CA ASN A 385 -23.04 -9.12 9.07
C ASN A 385 -22.79 -10.53 9.62
N GLU A 386 -23.87 -11.22 9.94
CA GLU A 386 -23.84 -12.65 10.15
C GLU A 386 -23.30 -13.30 8.89
N GLY A 387 -22.54 -14.39 9.05
CA GLY A 387 -21.94 -15.12 7.93
C GLY A 387 -20.83 -14.32 7.22
N PHE A 388 -20.16 -13.42 7.95
CA PHE A 388 -19.19 -12.52 7.34
C PHE A 388 -18.04 -13.27 6.66
N TRP A 389 -17.76 -14.50 7.11
CA TRP A 389 -16.58 -15.21 6.63
C TRP A 389 -16.75 -15.52 5.15
N GLU A 390 -17.99 -15.78 4.71
CA GLU A 390 -18.28 -16.01 3.31
C GLU A 390 -18.05 -14.74 2.49
N ASP A 391 -18.47 -13.58 3.01
CA ASP A 391 -18.29 -12.31 2.33
C ASP A 391 -16.79 -11.99 2.22
N ALA A 392 -16.03 -12.23 3.31
CA ALA A 392 -14.60 -11.97 3.29
C ALA A 392 -13.91 -12.87 2.27
N ALA A 393 -14.34 -14.14 2.15
CA ALA A 393 -13.81 -15.06 1.15
C ALA A 393 -14.05 -14.52 -0.25
N GLU A 394 -15.25 -13.97 -0.47
CA GLU A 394 -15.61 -13.35 -1.74
C GLU A 394 -14.63 -12.23 -2.08
N ALA A 395 -14.35 -11.36 -1.10
CA ALA A 395 -13.48 -10.22 -1.34
C ALA A 395 -12.05 -10.72 -1.63
N ARG A 396 -11.61 -11.75 -0.88
CA ARG A 396 -10.29 -12.33 -1.13
C ARG A 396 -10.21 -12.88 -2.55
N ALA A 397 -11.31 -13.46 -3.03
CA ALA A 397 -11.34 -14.06 -4.35
C ALA A 397 -11.22 -13.03 -5.48
N ARG A 398 -11.35 -11.74 -5.16
CA ARG A 398 -11.11 -10.69 -6.15
C ARG A 398 -9.60 -10.53 -6.44
N HIS A 399 -8.72 -11.12 -5.60
CA HIS A 399 -7.27 -11.04 -5.71
C HIS A 399 -6.77 -9.64 -6.09
N GLN A 400 -7.08 -8.65 -5.26
CA GLN A 400 -6.59 -7.30 -5.46
C GLN A 400 -5.19 -7.12 -4.87
N GLU A 401 -4.64 -8.14 -4.20
CA GLU A 401 -3.37 -7.91 -3.51
C GLU A 401 -2.28 -7.61 -4.54
N ALA A 402 -1.27 -6.82 -4.13
CA ALA A 402 -0.09 -6.50 -4.93
C ALA A 402 1.12 -6.35 -4.01
N LEU A 403 2.32 -6.45 -4.61
CA LEU A 403 3.57 -6.26 -3.90
C LEU A 403 3.75 -4.79 -3.54
N GLU A 404 4.28 -4.54 -2.35
CA GLU A 404 4.61 -3.20 -1.95
C GLU A 404 5.87 -3.25 -1.10
N GLY A 405 6.46 -2.07 -0.93
CA GLY A 405 7.69 -1.91 -0.17
C GLY A 405 8.72 -1.17 -1.04
N PRO A 406 10.02 -1.54 -1.02
CA PRO A 406 10.51 -2.69 -0.23
C PRO A 406 10.58 -2.36 1.26
N TYR A 407 10.55 -3.40 2.11
CA TYR A 407 10.71 -3.22 3.54
C TYR A 407 11.97 -3.96 4.00
N GLU A 408 12.45 -3.65 5.21
CA GLU A 408 13.47 -4.49 5.83
C GLU A 408 12.99 -4.89 7.22
N LEU A 409 13.57 -5.96 7.77
CA LEU A 409 13.30 -6.33 9.15
C LEU A 409 14.47 -7.08 9.69
N PHE A 410 14.86 -6.67 10.90
CA PHE A 410 15.84 -7.36 11.69
C PHE A 410 15.09 -7.97 12.88
N THR A 411 15.06 -9.31 12.97
CA THR A 411 14.19 -10.00 13.92
C THR A 411 14.73 -11.40 14.21
N SER A 412 14.41 -11.95 15.38
CA SER A 412 14.53 -13.39 15.57
C SER A 412 13.30 -14.09 14.95
N ILE A 413 13.28 -15.44 14.91
CA ILE A 413 12.29 -16.20 14.16
C ILE A 413 11.83 -17.40 14.99
N PRO A 414 10.64 -17.95 14.72
CA PRO A 414 10.19 -19.12 15.49
C PRO A 414 10.98 -20.37 15.12
N SER A 415 11.42 -20.51 13.86
CA SER A 415 11.93 -21.81 13.43
C SER A 415 12.70 -21.72 12.10
N ARG A 416 13.97 -22.14 12.10
CA ARG A 416 14.78 -22.08 10.90
C ARG A 416 14.18 -22.93 9.78
N PRO A 417 13.89 -24.24 9.97
CA PRO A 417 13.44 -25.06 8.84
C PRO A 417 12.01 -24.77 8.39
N PHE A 418 11.15 -24.30 9.31
CA PHE A 418 9.73 -24.22 8.98
C PHE A 418 9.22 -22.78 8.87
N PHE A 419 9.64 -21.90 9.78
CA PHE A 419 9.04 -20.57 9.83
C PHE A 419 10.12 -19.49 9.90
N PRO A 420 11.03 -19.38 8.91
CA PRO A 420 12.21 -18.51 9.09
C PRO A 420 11.89 -17.07 8.72
N ARG A 421 11.02 -16.42 9.51
CA ARG A 421 10.66 -15.03 9.22
C ARG A 421 10.00 -14.45 10.47
N GLY A 422 9.72 -13.14 10.42
CA GLY A 422 9.16 -12.43 11.59
C GLY A 422 7.68 -12.77 11.79
N PHE A 423 7.31 -13.10 13.05
CA PHE A 423 5.92 -13.24 13.47
C PHE A 423 5.71 -12.30 14.66
N LEU A 424 4.67 -11.46 14.54
CA LEU A 424 4.50 -10.28 15.39
C LEU A 424 4.39 -10.66 16.87
N TRP A 425 3.46 -11.55 17.22
CA TRP A 425 3.33 -11.88 18.66
C TRP A 425 4.43 -12.83 19.15
N ASP A 426 5.00 -13.69 18.26
CA ASP A 426 6.09 -14.54 18.72
C ASP A 426 7.26 -13.64 19.16
N GLU A 427 7.48 -12.53 18.45
CA GLU A 427 8.72 -11.76 18.72
C GLU A 427 8.72 -11.20 20.15
N GLY A 428 7.55 -10.78 20.63
CA GLY A 428 7.42 -10.38 22.04
C GLY A 428 7.97 -11.42 23.01
N PHE A 429 7.73 -12.71 22.72
CA PHE A 429 8.30 -13.75 23.56
C PHE A 429 9.78 -13.94 23.27
N HIS A 430 10.19 -13.96 22.00
CA HIS A 430 11.60 -14.14 21.68
C HIS A 430 12.48 -13.15 22.42
N LEU A 431 11.99 -11.89 22.52
CA LEU A 431 12.86 -10.81 22.99
C LEU A 431 12.95 -10.81 24.50
N LEU A 432 12.13 -11.60 25.20
CA LEU A 432 12.22 -11.59 26.65
C LEU A 432 13.59 -12.11 27.12
N PRO A 433 14.06 -13.28 26.67
CA PRO A 433 15.43 -13.67 26.99
C PRO A 433 16.50 -12.84 26.27
N ILE A 434 16.20 -12.38 25.06
CA ILE A 434 17.21 -11.63 24.33
C ILE A 434 17.47 -10.29 25.04
N ALA A 435 16.42 -9.66 25.59
CA ALA A 435 16.56 -8.40 26.29
C ALA A 435 17.41 -8.55 27.54
N ASP A 436 17.31 -9.70 28.22
CA ASP A 436 18.13 -9.96 29.39
C ASP A 436 19.59 -9.94 28.97
N TRP A 437 19.86 -10.58 27.83
CA TRP A 437 21.20 -10.73 27.31
C TRP A 437 21.76 -9.39 26.83
N ASP A 438 20.96 -8.63 26.09
CA ASP A 438 21.45 -7.46 25.36
C ASP A 438 20.25 -6.57 25.10
N ILE A 439 19.94 -5.68 26.07
CA ILE A 439 18.75 -4.85 25.97
C ILE A 439 18.81 -4.00 24.70
N ASP A 440 20.01 -3.52 24.35
CA ASP A 440 20.16 -2.63 23.20
C ASP A 440 19.80 -3.35 21.89
N LEU A 441 20.17 -4.64 21.82
CA LEU A 441 19.80 -5.46 20.68
C LEU A 441 18.28 -5.62 20.62
N ALA A 442 17.65 -5.96 21.77
CA ALA A 442 16.20 -6.14 21.79
C ALA A 442 15.49 -4.86 21.31
N LEU A 443 15.98 -3.70 21.78
CA LEU A 443 15.34 -2.42 21.45
C LEU A 443 15.47 -2.13 19.96
N GLU A 444 16.59 -2.60 19.40
CA GLU A 444 16.87 -2.47 17.99
C GLU A 444 15.86 -3.28 17.18
N ILE A 445 15.50 -4.47 17.68
CA ILE A 445 14.57 -5.32 16.98
C ILE A 445 13.15 -4.74 17.10
N ILE A 446 12.79 -4.25 18.29
CA ILE A 446 11.49 -3.59 18.45
C ILE A 446 11.40 -2.42 17.46
N LYS A 447 12.49 -1.66 17.36
CA LYS A 447 12.47 -0.49 16.51
C LYS A 447 12.29 -0.92 15.05
N SER A 448 12.99 -2.00 14.68
CA SER A 448 12.85 -2.52 13.33
C SER A 448 11.39 -2.89 13.04
N TRP A 449 10.74 -3.55 14.02
CA TRP A 449 9.36 -3.96 13.77
C TRP A 449 8.47 -2.73 13.59
N TYR A 450 8.65 -1.74 14.47
CA TYR A 450 7.71 -0.60 14.50
C TYR A 450 7.92 0.27 13.26
N ASN A 451 9.08 0.14 12.64
CA ASN A 451 9.38 0.85 11.39
C ASN A 451 8.55 0.33 10.24
N LEU A 452 7.93 -0.85 10.42
CA LEU A 452 7.03 -1.39 9.41
C LEU A 452 5.63 -0.78 9.46
N MET A 453 5.27 -0.17 10.60
CA MET A 453 3.86 0.19 10.81
C MET A 453 3.40 1.21 9.78
N ASP A 454 2.18 1.04 9.23
CA ASP A 454 1.71 1.93 8.18
C ASP A 454 1.03 3.14 8.83
N GLU A 455 0.45 4.02 7.98
CA GLU A 455 -0.08 5.31 8.48
C GLU A 455 -1.22 5.07 9.47
N ASP A 456 -1.92 3.92 9.35
CA ASP A 456 -3.10 3.61 10.14
C ASP A 456 -2.75 3.03 11.52
N GLY A 457 -1.55 2.46 11.67
CA GLY A 457 -1.18 1.77 12.90
C GLY A 457 -1.06 0.24 12.76
N TRP A 458 -1.08 -0.27 11.51
CA TRP A 458 -1.04 -1.69 11.21
C TRP A 458 0.39 -2.13 10.91
N ILE A 459 0.78 -3.26 11.54
CA ILE A 459 1.98 -4.03 11.21
C ILE A 459 1.49 -5.43 10.82
N ALA A 460 1.86 -5.92 9.62
CA ALA A 460 1.39 -7.25 9.22
C ALA A 460 1.91 -8.30 10.22
N ARG A 461 1.08 -9.31 10.56
CA ARG A 461 1.44 -10.20 11.64
C ARG A 461 2.54 -11.19 11.19
N GLU A 462 2.67 -11.39 9.87
CA GLU A 462 3.69 -12.30 9.33
C GLU A 462 4.45 -11.52 8.24
N GLN A 463 5.78 -11.42 8.38
CA GLN A 463 6.58 -10.56 7.53
C GLN A 463 7.37 -11.41 6.53
N ILE A 464 6.86 -11.47 5.31
CA ILE A 464 7.46 -12.27 4.25
C ILE A 464 8.09 -11.29 3.27
N LEU A 465 9.39 -10.99 3.43
CA LEU A 465 9.98 -9.86 2.72
C LEU A 465 10.91 -10.37 1.62
N GLY A 466 10.50 -10.23 0.36
CA GLY A 466 11.34 -10.53 -0.79
C GLY A 466 11.08 -11.93 -1.34
N ALA A 467 11.54 -12.17 -2.57
CA ALA A 467 11.33 -13.41 -3.29
C ALA A 467 11.95 -14.59 -2.51
N GLU A 468 13.13 -14.37 -1.90
CA GLU A 468 13.77 -15.42 -1.11
C GLU A 468 12.84 -15.88 0.02
N ALA A 469 12.24 -14.93 0.74
CA ALA A 469 11.34 -15.28 1.83
C ALA A 469 10.06 -15.94 1.31
N ARG A 470 9.55 -15.45 0.17
CA ARG A 470 8.34 -15.98 -0.46
C ARG A 470 8.51 -17.44 -0.92
N SER A 471 9.74 -17.85 -1.24
CA SER A 471 9.99 -19.16 -1.82
C SER A 471 9.56 -20.24 -0.84
N LYS A 472 9.50 -19.90 0.44
CA LYS A 472 9.23 -20.86 1.49
C LYS A 472 7.73 -20.94 1.80
N VAL A 473 6.92 -20.07 1.21
CA VAL A 473 5.55 -19.85 1.68
C VAL A 473 4.59 -20.13 0.52
N PRO A 474 3.61 -21.06 0.68
CA PRO A 474 2.60 -21.26 -0.37
C PRO A 474 1.90 -19.93 -0.68
N LYS A 475 1.64 -19.69 -1.97
CA LYS A 475 1.21 -18.40 -2.44
C LYS A 475 -0.11 -17.99 -1.77
N GLU A 476 -0.97 -18.97 -1.51
CA GLU A 476 -2.28 -18.73 -0.94
C GLU A 476 -2.14 -18.13 0.48
N PHE A 477 -0.96 -18.25 1.08
CA PHE A 477 -0.76 -17.84 2.47
C PHE A 477 0.17 -16.63 2.56
N GLN A 478 0.53 -16.05 1.40
CA GLN A 478 1.47 -14.92 1.44
C GLN A 478 0.76 -13.61 1.76
N THR A 479 -0.50 -13.46 1.29
CA THR A 479 -1.15 -12.15 1.31
C THR A 479 -1.41 -11.71 2.74
N GLN A 480 -1.05 -10.46 3.07
CA GLN A 480 -1.39 -9.94 4.39
C GLN A 480 -2.58 -8.96 4.26
N TYR A 481 -3.34 -8.84 5.35
CA TYR A 481 -4.61 -8.12 5.42
C TYR A 481 -4.51 -7.03 6.48
N PRO A 482 -4.72 -5.74 6.10
CA PRO A 482 -4.60 -4.62 7.04
C PRO A 482 -5.63 -4.60 8.17
N HIS A 483 -6.63 -5.49 8.13
CA HIS A 483 -7.56 -5.58 9.28
C HIS A 483 -7.19 -6.71 10.25
N TYR A 484 -6.09 -7.45 9.95
CA TYR A 484 -5.70 -8.58 10.77
C TYR A 484 -4.67 -8.15 11.81
N ALA A 485 -5.02 -8.31 13.09
CA ALA A 485 -4.13 -7.97 14.17
C ALA A 485 -3.36 -9.22 14.61
N ASN A 486 -2.58 -9.08 15.68
CA ASN A 486 -1.96 -10.20 16.38
C ASN A 486 -1.66 -9.68 17.79
N PRO A 487 -1.51 -10.52 18.85
CA PRO A 487 -1.23 -9.98 20.16
C PRO A 487 -0.03 -9.05 20.23
N PRO A 488 -0.15 -7.92 20.95
CA PRO A 488 0.94 -6.94 21.07
C PRO A 488 1.92 -7.30 22.18
N THR A 489 2.51 -8.50 22.07
CA THR A 489 3.44 -8.98 23.07
C THR A 489 4.73 -8.17 23.09
N LEU A 490 5.00 -7.41 22.03
CA LEU A 490 6.21 -6.57 22.10
C LEU A 490 6.11 -5.55 23.25
N PHE A 491 4.89 -5.23 23.67
CA PHE A 491 4.71 -4.35 24.83
C PHE A 491 5.28 -4.98 26.11
N LEU A 492 5.21 -6.32 26.24
CA LEU A 492 5.79 -6.98 27.42
C LEU A 492 7.30 -6.70 27.53
N VAL A 493 8.01 -6.67 26.38
CA VAL A 493 9.44 -6.41 26.41
C VAL A 493 9.68 -4.96 26.84
N LEU A 494 8.85 -4.06 26.31
CA LEU A 494 8.95 -2.65 26.66
C LEU A 494 8.75 -2.45 28.16
N ASP A 495 7.80 -3.21 28.74
CA ASP A 495 7.52 -3.20 30.17
C ASP A 495 8.77 -3.55 30.97
N ASN A 496 9.50 -4.59 30.53
CA ASN A 496 10.70 -5.02 31.22
C ASN A 496 11.76 -3.93 31.14
N PHE A 497 11.87 -3.29 29.97
CA PHE A 497 12.84 -2.23 29.74
C PHE A 497 12.53 -1.04 30.65
N VAL A 498 11.25 -0.64 30.68
CA VAL A 498 10.81 0.45 31.54
C VAL A 498 11.22 0.16 32.97
N GLU A 499 10.97 -1.07 33.44
CA GLU A 499 11.27 -1.44 34.82
C GLU A 499 12.78 -1.31 35.09
N ARG A 500 13.61 -1.71 34.11
CA ARG A 500 15.05 -1.64 34.28
C ARG A 500 15.51 -0.18 34.28
N LEU A 501 14.85 0.65 33.46
CA LEU A 501 15.15 2.08 33.36
C LEU A 501 14.84 2.76 34.69
N ARG A 502 13.80 2.31 35.39
CA ARG A 502 13.39 2.87 36.67
C ARG A 502 14.40 2.48 37.76
N LYS A 503 14.79 1.19 37.80
CA LYS A 503 15.76 0.71 38.77
C LYS A 503 17.18 0.87 38.24
N LEU A 517 33.40 -2.86 25.34
CA LEU A 517 32.97 -2.12 24.12
C LEU A 517 31.66 -2.72 23.61
N ASP A 518 31.64 -4.05 23.45
CA ASP A 518 30.41 -4.79 23.20
C ASP A 518 29.64 -4.91 24.52
N GLU A 519 30.40 -4.99 25.62
CA GLU A 519 29.88 -4.94 26.98
C GLU A 519 29.04 -3.66 27.15
N THR A 520 29.68 -2.51 26.93
CA THR A 520 29.11 -1.17 27.06
C THR A 520 27.87 -1.02 26.17
N LEU A 521 27.98 -1.48 24.92
CA LEU A 521 26.97 -1.20 23.89
C LEU A 521 25.67 -1.89 24.26
N SER A 522 25.80 -3.07 24.87
CA SER A 522 24.64 -3.94 25.08
C SER A 522 23.68 -3.34 26.08
N THR A 523 24.15 -2.44 26.98
CA THR A 523 23.28 -1.87 28.02
C THR A 523 23.25 -0.34 28.03
N ALA A 524 23.70 0.28 26.92
CA ALA A 524 23.86 1.72 26.86
C ALA A 524 22.51 2.42 27.07
N SER A 525 21.43 1.78 26.65
CA SER A 525 20.11 2.39 26.68
C SER A 525 19.51 2.34 28.07
N VAL A 526 20.07 1.50 28.95
CA VAL A 526 19.65 1.57 30.35
C VAL A 526 20.68 2.34 31.16
N ASP A 527 21.97 2.20 30.82
CA ASP A 527 23.02 2.78 31.64
C ASP A 527 23.00 4.30 31.49
N ASN A 528 22.51 4.79 30.35
CA ASN A 528 22.37 6.21 30.11
C ASN A 528 20.88 6.52 30.03
N PRO A 529 20.24 7.03 31.12
CA PRO A 529 18.78 7.19 31.15
C PRO A 529 18.24 8.08 30.04
N GLU A 530 19.02 9.08 29.63
CA GLU A 530 18.58 10.03 28.62
C GLU A 530 18.47 9.31 27.28
N VAL A 531 19.38 8.36 27.02
CA VAL A 531 19.34 7.52 25.83
C VAL A 531 18.03 6.73 25.78
N GLY A 532 17.74 5.99 26.87
CA GLY A 532 16.54 5.19 27.02
C GLY A 532 15.28 6.03 26.86
N LEU A 533 15.27 7.20 27.48
CA LEU A 533 14.11 8.08 27.45
C LEU A 533 13.86 8.58 26.03
N GLU A 534 14.93 8.92 25.31
CA GLU A 534 14.80 9.39 23.94
C GLU A 534 14.27 8.27 23.05
N TYR A 535 14.75 7.03 23.28
CA TYR A 535 14.23 5.88 22.57
C TYR A 535 12.71 5.82 22.75
N LEU A 536 12.28 5.90 24.01
CA LEU A 536 10.86 5.82 24.31
C LEU A 536 10.11 6.99 23.68
N ARG A 537 10.73 8.17 23.72
CA ARG A 537 10.13 9.38 23.17
C ARG A 537 9.81 9.14 21.70
N ARG A 538 10.74 8.51 20.98
CA ARG A 538 10.56 8.34 19.55
C ARG A 538 9.55 7.24 19.25
N LEU A 539 9.50 6.20 20.09
CA LEU A 539 8.67 5.02 19.82
C LEU A 539 7.22 5.28 20.26
N TYR A 540 7.06 6.10 21.31
CA TYR A 540 5.77 6.29 21.99
C TYR A 540 4.64 6.60 21.00
N PRO A 541 4.80 7.56 20.06
CA PRO A 541 3.73 7.87 19.12
C PRO A 541 3.27 6.66 18.30
N LEU A 542 4.19 5.77 17.96
CA LEU A 542 3.86 4.59 17.18
C LEU A 542 3.09 3.60 18.07
N LEU A 543 3.49 3.50 19.35
CA LEU A 543 2.74 2.67 20.29
C LEU A 543 1.30 3.17 20.42
N ARG A 544 1.15 4.50 20.54
CA ARG A 544 -0.15 5.11 20.63
C ARG A 544 -0.93 4.85 19.35
N ARG A 545 -0.26 5.00 18.19
CA ARG A 545 -0.93 4.77 16.93
C ARG A 545 -1.49 3.34 16.90
N GLN A 546 -0.72 2.39 17.44
CA GLN A 546 -1.13 0.99 17.35
C GLN A 546 -2.30 0.74 18.29
N PHE A 547 -2.24 1.35 19.48
CA PHE A 547 -3.34 1.29 20.44
C PHE A 547 -4.62 1.78 19.79
N ASP A 548 -4.53 2.97 19.15
CA ASP A 548 -5.67 3.59 18.50
C ASP A 548 -6.18 2.67 17.40
N TRP A 549 -5.24 2.02 16.69
CA TRP A 549 -5.57 1.13 15.58
C TRP A 549 -6.37 -0.08 16.10
N PHE A 550 -5.96 -0.66 17.23
CA PHE A 550 -6.73 -1.78 17.81
C PHE A 550 -8.17 -1.32 18.10
N ARG A 551 -8.33 -0.11 18.64
CA ARG A 551 -9.68 0.34 19.04
C ARG A 551 -10.53 0.70 17.82
N LYS A 552 -9.89 1.14 16.74
CA LYS A 552 -10.58 1.46 15.51
C LYS A 552 -10.99 0.19 14.78
N THR A 553 -10.06 -0.77 14.63
CA THR A 553 -10.27 -1.88 13.71
C THR A 553 -10.78 -3.14 14.42
N GLN A 554 -10.52 -3.29 15.73
CA GLN A 554 -10.91 -4.55 16.39
C GLN A 554 -12.00 -4.31 17.45
N ALA A 555 -12.81 -3.23 17.30
CA ALA A 555 -13.84 -2.89 18.26
C ALA A 555 -14.93 -3.95 18.24
N GLY A 556 -15.45 -4.27 19.43
CA GLY A 556 -16.63 -5.11 19.54
C GLY A 556 -17.87 -4.23 19.71
N ASP A 557 -19.04 -4.85 19.62
CA ASP A 557 -20.31 -4.14 19.61
C ASP A 557 -21.06 -4.35 20.95
N ILE A 558 -21.17 -3.26 21.74
CA ILE A 558 -22.02 -3.21 22.93
C ILE A 558 -23.41 -2.65 22.59
N LYS A 559 -23.47 -1.59 21.76
CA LYS A 559 -24.64 -0.73 21.69
C LYS A 559 -25.76 -1.35 20.86
N SER A 560 -25.43 -2.19 19.87
CA SER A 560 -26.47 -2.77 19.01
C SER A 560 -27.33 -3.80 19.75
N TYR A 561 -26.92 -4.18 20.95
CA TYR A 561 -27.50 -5.38 21.54
C TYR A 561 -28.03 -5.05 22.95
N ASP A 562 -28.75 -6.02 23.53
CA ASP A 562 -29.14 -5.94 24.93
C ASP A 562 -27.94 -6.20 25.84
N ARG A 563 -27.00 -5.24 25.89
CA ARG A 563 -25.73 -5.44 26.59
C ARG A 563 -25.52 -4.28 27.56
N GLU A 564 -25.42 -4.63 28.84
CA GLU A 564 -25.27 -3.65 29.90
C GLU A 564 -23.89 -3.82 30.50
N ALA A 565 -23.18 -2.70 30.63
CA ALA A 565 -21.84 -2.81 31.19
C ALA A 565 -21.41 -1.44 31.68
N TYR A 566 -20.44 -1.44 32.58
CA TYR A 566 -19.91 -0.23 33.16
C TYR A 566 -19.57 0.80 32.08
N SER A 567 -18.91 0.37 30.99
CA SER A 567 -18.50 1.28 29.94
C SER A 567 -19.14 0.86 28.62
N THR A 568 -19.53 1.83 27.80
CA THR A 568 -20.16 1.50 26.53
C THR A 568 -19.12 1.37 25.42
N LYS A 569 -17.84 1.66 25.74
CA LYS A 569 -16.76 1.73 24.77
C LYS A 569 -15.93 0.42 24.76
N GLU A 570 -15.61 -0.15 25.93
CA GLU A 570 -14.57 -1.17 26.02
C GLU A 570 -15.11 -2.57 25.72
N ALA A 571 -14.90 -3.03 24.48
CA ALA A 571 -15.33 -4.33 23.98
C ALA A 571 -14.58 -4.60 22.67
N TYR A 572 -14.13 -5.85 22.47
CA TYR A 572 -13.16 -6.16 21.41
C TYR A 572 -13.48 -7.50 20.75
N ARG A 573 -13.32 -7.56 19.42
CA ARG A 573 -13.57 -8.76 18.64
C ARG A 573 -12.46 -8.89 17.59
N TRP A 574 -11.70 -9.98 17.62
CA TRP A 574 -10.67 -10.24 16.61
C TRP A 574 -11.33 -10.31 15.25
N ARG A 575 -10.85 -9.50 14.31
CA ARG A 575 -11.25 -9.71 12.92
C ARG A 575 -10.51 -10.92 12.37
N GLY A 576 -11.13 -11.53 11.35
CA GLY A 576 -10.44 -12.53 10.53
C GLY A 576 -10.73 -13.94 11.01
N ARG A 577 -11.82 -14.11 11.77
CA ARG A 577 -12.17 -15.48 12.13
C ARG A 577 -12.87 -16.23 11.01
N THR A 578 -12.63 -17.55 10.98
CA THR A 578 -13.41 -18.43 10.13
C THR A 578 -14.14 -19.41 11.04
N VAL A 579 -14.89 -20.35 10.44
CA VAL A 579 -15.78 -21.20 11.22
C VAL A 579 -14.95 -21.94 12.28
N SER A 580 -13.74 -22.41 11.93
CA SER A 580 -13.00 -23.27 12.85
C SER A 580 -11.72 -22.63 13.41
N HIS A 581 -11.44 -21.37 13.04
CA HIS A 581 -10.18 -20.74 13.41
C HIS A 581 -10.37 -19.29 13.86
N CYS A 582 -9.38 -18.81 14.61
CA CYS A 582 -9.12 -17.40 14.81
C CYS A 582 -7.60 -17.19 14.80
N LEU A 583 -7.00 -17.12 13.59
CA LEU A 583 -5.55 -17.15 13.45
C LEU A 583 -4.92 -15.88 14.02
N THR A 584 -5.67 -14.77 13.97
CA THR A 584 -5.10 -13.49 14.36
C THR A 584 -4.87 -13.46 15.87
N SER A 585 -5.65 -14.23 16.64
CA SER A 585 -5.47 -14.25 18.09
C SER A 585 -4.17 -14.96 18.46
N GLY A 586 -3.62 -15.78 17.56
CA GLY A 586 -2.43 -16.55 17.89
C GLY A 586 -2.79 -17.98 18.36
N LEU A 587 -4.04 -18.18 18.83
CA LEU A 587 -4.42 -19.51 19.32
C LEU A 587 -5.30 -20.15 18.26
N ASP A 588 -4.66 -20.62 17.19
CA ASP A 588 -5.28 -20.82 15.89
C ASP A 588 -6.65 -21.46 16.01
N ASP A 589 -6.72 -22.64 16.66
CA ASP A 589 -7.96 -23.40 16.61
C ASP A 589 -8.60 -23.51 17.99
N TYR A 590 -8.19 -22.66 18.94
CA TYR A 590 -8.87 -22.64 20.25
C TYR A 590 -10.35 -22.44 20.01
N PRO A 591 -11.25 -23.21 20.70
CA PRO A 591 -12.70 -23.12 20.44
C PRO A 591 -13.24 -21.73 20.79
N ARG A 592 -14.01 -21.18 19.86
CA ARG A 592 -14.60 -19.87 20.01
C ARG A 592 -16.12 -20.02 19.83
N PRO A 593 -16.93 -18.97 20.05
CA PRO A 593 -18.37 -19.05 19.80
C PRO A 593 -18.72 -19.56 18.42
N GLN A 594 -19.74 -20.43 18.36
CA GLN A 594 -20.21 -20.98 17.10
C GLN A 594 -21.68 -20.59 16.92
N PRO A 595 -22.07 -19.99 15.77
CA PRO A 595 -21.13 -19.68 14.69
C PRO A 595 -20.34 -18.41 15.01
N PRO A 596 -19.30 -18.05 14.23
CA PRO A 596 -18.68 -16.73 14.36
C PRO A 596 -19.82 -15.72 14.15
N HIS A 597 -19.67 -14.51 14.71
CA HIS A 597 -20.79 -13.61 14.78
C HIS A 597 -20.27 -12.20 15.03
N PRO A 598 -20.81 -11.16 14.35
CA PRO A 598 -20.31 -9.80 14.53
C PRO A 598 -20.49 -9.31 15.96
N GLY A 599 -21.33 -10.04 16.72
CA GLY A 599 -21.58 -9.70 18.12
C GLY A 599 -20.63 -10.42 19.09
N GLU A 600 -19.69 -11.24 18.57
CA GLU A 600 -18.70 -11.88 19.44
C GLU A 600 -17.88 -10.84 20.19
N LEU A 601 -17.41 -11.22 21.38
CA LEU A 601 -16.40 -10.49 22.13
C LEU A 601 -15.39 -11.49 22.65
N HIS A 602 -14.10 -11.12 22.54
CA HIS A 602 -13.02 -12.05 22.84
C HIS A 602 -12.27 -11.53 24.07
N VAL A 603 -12.22 -12.30 25.16
CA VAL A 603 -11.67 -11.79 26.41
C VAL A 603 -10.14 -11.67 26.33
N ASP A 604 -9.49 -12.54 25.55
CA ASP A 604 -8.05 -12.41 25.36
C ASP A 604 -7.71 -11.05 24.71
N LEU A 605 -8.45 -10.67 23.67
CA LEU A 605 -8.17 -9.40 23.00
C LEU A 605 -8.37 -8.22 23.96
N MET A 606 -9.46 -8.23 24.72
CA MET A 606 -9.64 -7.13 25.68
C MET A 606 -8.47 -7.09 26.65
N SER A 607 -8.04 -8.26 27.13
CA SER A 607 -6.87 -8.37 28.00
C SER A 607 -5.63 -7.75 27.36
N TRP A 608 -5.40 -8.02 26.06
CA TRP A 608 -4.23 -7.44 25.39
C TRP A 608 -4.35 -5.93 25.35
N VAL A 609 -5.56 -5.40 25.15
CA VAL A 609 -5.71 -3.95 25.13
C VAL A 609 -5.37 -3.39 26.53
N GLY A 610 -5.76 -4.15 27.57
CA GLY A 610 -5.34 -3.89 28.95
C GLY A 610 -3.83 -3.78 29.11
N VAL A 611 -3.08 -4.75 28.56
CA VAL A 611 -1.63 -4.71 28.57
C VAL A 611 -1.14 -3.40 27.93
N MET A 612 -1.65 -3.08 26.74
CA MET A 612 -1.14 -1.92 26.01
C MET A 612 -1.39 -0.66 26.83
N VAL A 613 -2.60 -0.53 27.37
CA VAL A 613 -2.94 0.70 28.06
C VAL A 613 -2.06 0.88 29.30
N LYS A 614 -1.70 -0.21 29.97
CA LYS A 614 -0.85 -0.10 31.14
C LYS A 614 0.57 0.33 30.74
N SER A 615 1.06 -0.18 29.60
CA SER A 615 2.39 0.21 29.15
C SER A 615 2.39 1.69 28.80
N LEU A 616 1.28 2.14 28.19
CA LEU A 616 1.18 3.50 27.70
C LEU A 616 1.09 4.49 28.88
N ILE A 617 0.42 4.07 29.97
CA ILE A 617 0.45 4.82 31.22
C ILE A 617 1.89 4.98 31.70
N SER A 618 2.65 3.87 31.76
CA SER A 618 4.00 3.96 32.31
C SER A 618 4.90 4.80 31.40
N ILE A 619 4.76 4.64 30.08
CA ILE A 619 5.68 5.33 29.18
C ILE A 619 5.25 6.78 29.07
N GLY A 620 3.95 7.01 28.92
CA GLY A 620 3.38 8.35 28.94
C GLY A 620 3.83 9.11 30.20
N SER A 621 3.78 8.45 31.36
CA SER A 621 4.20 9.06 32.62
C SER A 621 5.66 9.50 32.52
N LEU A 622 6.51 8.62 31.99
CA LEU A 622 7.94 8.89 31.87
C LEU A 622 8.16 10.11 30.99
N LEU A 623 7.27 10.34 30.02
CA LEU A 623 7.50 11.37 29.04
C LEU A 623 6.72 12.65 29.39
N GLY A 624 5.95 12.60 30.49
CA GLY A 624 5.13 13.73 30.93
C GLY A 624 3.95 14.00 29.99
N ALA A 625 3.42 12.93 29.40
CA ALA A 625 2.27 13.07 28.50
C ALA A 625 0.99 13.12 29.34
N THR A 626 0.87 14.18 30.13
CA THR A 626 -0.09 14.25 31.22
C THR A 626 -1.49 13.95 30.72
N GLU A 627 -1.84 14.55 29.58
CA GLU A 627 -3.20 14.47 29.04
C GLU A 627 -3.48 13.05 28.55
N ASP A 628 -2.46 12.41 27.96
CA ASP A 628 -2.61 11.05 27.46
C ASP A 628 -2.84 10.10 28.63
N VAL A 629 -2.10 10.31 29.72
CA VAL A 629 -2.14 9.42 30.87
C VAL A 629 -3.52 9.48 31.56
N GLU A 630 -4.15 10.65 31.54
CA GLU A 630 -5.51 10.75 32.06
C GLU A 630 -6.44 9.86 31.21
N PHE A 631 -6.27 9.91 29.89
CA PHE A 631 -7.17 9.19 29.00
C PHE A 631 -7.01 7.68 29.20
N TYR A 632 -5.74 7.23 29.23
CA TYR A 632 -5.40 5.83 29.43
C TYR A 632 -5.99 5.33 30.75
N THR A 633 -5.84 6.13 31.83
CA THR A 633 -6.34 5.75 33.15
C THR A 633 -7.84 5.44 33.09
N LYS A 634 -8.60 6.28 32.38
CA LYS A 634 -10.03 6.07 32.25
C LYS A 634 -10.30 4.77 31.49
N VAL A 635 -9.48 4.54 30.45
CA VAL A 635 -9.67 3.37 29.62
C VAL A 635 -9.41 2.11 30.46
N LEU A 636 -8.34 2.14 31.26
CA LEU A 636 -7.97 0.95 32.02
C LEU A 636 -9.07 0.66 33.04
N ASP A 637 -9.55 1.72 33.71
CA ASP A 637 -10.65 1.60 34.65
C ASP A 637 -11.85 0.94 33.95
N ALA A 638 -12.14 1.38 32.72
CA ALA A 638 -13.27 0.82 31.99
C ALA A 638 -13.04 -0.67 31.63
N ILE A 639 -11.82 -1.03 31.24
CA ILE A 639 -11.54 -2.42 30.86
C ILE A 639 -11.63 -3.31 32.11
N GLU A 640 -11.06 -2.84 33.23
CA GLU A 640 -11.12 -3.61 34.47
C GLU A 640 -12.57 -3.98 34.79
N HIS A 641 -13.50 -3.02 34.63
CA HIS A 641 -14.91 -3.31 34.93
C HIS A 641 -15.51 -4.19 33.84
N ASN A 642 -15.23 -3.87 32.58
CA ASN A 642 -15.92 -4.52 31.48
C ASN A 642 -15.48 -5.97 31.36
N LEU A 643 -14.25 -6.27 31.78
CA LEU A 643 -13.80 -7.65 31.81
C LEU A 643 -14.81 -8.46 32.63
N ASP A 644 -15.22 -7.89 33.77
CA ASP A 644 -16.18 -8.54 34.66
C ASP A 644 -17.56 -8.60 34.02
N ASP A 645 -18.06 -7.44 33.55
CA ASP A 645 -19.44 -7.30 33.13
C ASP A 645 -19.68 -8.14 31.87
N LEU A 646 -18.69 -8.17 30.96
CA LEU A 646 -18.93 -8.81 29.67
C LEU A 646 -18.38 -10.24 29.61
N HIS A 647 -17.44 -10.61 30.48
CA HIS A 647 -16.71 -11.87 30.26
C HIS A 647 -16.65 -12.79 31.48
N TRP A 648 -16.97 -12.30 32.69
CA TRP A 648 -16.86 -13.17 33.86
C TRP A 648 -18.05 -14.12 33.96
N SER A 649 -17.79 -15.43 34.06
CA SER A 649 -18.84 -16.38 34.35
C SER A 649 -18.77 -16.83 35.80
N GLU A 650 -19.75 -16.37 36.61
CA GLU A 650 -19.89 -16.81 37.99
C GLU A 650 -20.17 -18.32 38.01
N LYS A 651 -21.08 -18.79 37.14
CA LYS A 651 -21.39 -20.20 37.09
C LYS A 651 -20.11 -21.03 36.88
N GLU A 652 -19.22 -20.59 35.98
CA GLU A 652 -18.11 -21.45 35.57
C GLU A 652 -16.86 -21.20 36.41
N GLY A 653 -16.82 -20.06 37.10
CA GLY A 653 -15.62 -19.65 37.84
C GLY A 653 -14.43 -19.30 36.93
N CYS A 654 -14.69 -18.74 35.76
CA CYS A 654 -13.61 -18.27 34.90
C CYS A 654 -14.13 -17.21 33.94
N TYR A 655 -13.21 -16.61 33.15
CA TYR A 655 -13.60 -15.72 32.07
C TYR A 655 -13.93 -16.52 30.82
N CYS A 656 -14.79 -15.93 29.98
CA CYS A 656 -15.28 -16.54 28.76
C CYS A 656 -15.40 -15.46 27.69
N ASP A 657 -15.14 -15.85 26.44
CA ASP A 657 -15.60 -15.09 25.30
C ASP A 657 -17.13 -15.03 25.34
N ALA A 658 -17.70 -14.05 24.64
CA ALA A 658 -19.15 -13.88 24.58
C ALA A 658 -19.59 -13.84 23.12
N THR A 659 -20.90 -14.01 22.94
CA THR A 659 -21.50 -13.86 21.62
C THR A 659 -22.91 -13.31 21.81
N ILE A 660 -23.66 -13.28 20.71
CA ILE A 660 -25.05 -12.90 20.69
C ILE A 660 -25.80 -14.11 20.15
N ASP A 661 -26.73 -14.60 20.97
CA ASP A 661 -27.76 -15.62 20.78
C ASP A 661 -28.48 -15.54 19.44
N GLU A 662 -29.16 -16.64 19.11
CA GLU A 662 -30.24 -16.71 18.13
C GLU A 662 -31.36 -15.72 18.50
N PHE A 663 -31.42 -15.29 19.77
CA PHE A 663 -32.47 -14.40 20.24
C PHE A 663 -31.93 -12.98 20.42
N GLU A 664 -30.72 -12.71 19.92
CA GLU A 664 -30.13 -11.38 19.99
C GLU A 664 -29.74 -10.99 21.41
N GLU A 665 -29.56 -11.98 22.31
CA GLU A 665 -29.10 -11.69 23.66
C GLU A 665 -27.63 -12.12 23.84
N HIS A 666 -26.92 -11.37 24.70
CA HIS A 666 -25.59 -11.68 25.18
C HIS A 666 -25.54 -13.07 25.81
N LYS A 667 -24.60 -13.91 25.36
CA LYS A 667 -24.41 -15.23 25.94
C LYS A 667 -22.91 -15.46 26.11
N LEU A 668 -22.52 -16.00 27.28
CA LEU A 668 -21.14 -16.37 27.54
C LEU A 668 -20.90 -17.73 26.92
N VAL A 669 -19.71 -17.94 26.35
CA VAL A 669 -19.41 -19.23 25.74
C VAL A 669 -18.08 -19.69 26.35
N CYS A 670 -18.18 -20.58 27.35
CA CYS A 670 -17.00 -20.91 28.16
C CYS A 670 -16.34 -22.17 27.63
N HIS A 671 -15.05 -22.07 27.38
CA HIS A 671 -14.26 -23.24 27.06
C HIS A 671 -13.01 -23.13 27.91
N LYS A 672 -12.98 -23.93 29.00
CA LYS A 672 -11.97 -23.77 30.01
C LYS A 672 -10.60 -24.15 29.44
N GLY A 673 -9.66 -23.21 29.53
CA GLY A 673 -8.34 -23.36 28.94
C GLY A 673 -7.60 -22.03 29.00
N TYR A 674 -6.63 -21.82 28.11
CA TYR A 674 -5.79 -20.64 28.19
C TYR A 674 -6.65 -19.36 28.15
N ILE A 675 -7.61 -19.30 27.22
CA ILE A 675 -8.40 -18.09 27.03
C ILE A 675 -9.07 -17.70 28.37
N SER A 676 -9.54 -18.71 29.13
CA SER A 676 -10.28 -18.51 30.37
C SER A 676 -9.44 -17.79 31.42
N LEU A 677 -8.10 -17.83 31.23
CA LEU A 677 -7.16 -17.35 32.23
C LEU A 677 -6.66 -15.95 31.89
N PHE A 678 -7.05 -15.42 30.71
CA PHE A 678 -6.33 -14.31 30.12
C PHE A 678 -6.12 -13.10 31.05
N PRO A 679 -7.15 -12.57 31.75
CA PRO A 679 -6.92 -11.40 32.60
C PRO A 679 -5.84 -11.65 33.66
N PHE A 680 -5.71 -12.91 34.13
CA PHE A 680 -4.65 -13.31 35.04
C PHE A 680 -3.29 -13.36 34.31
N LEU A 681 -3.25 -13.99 33.13
CA LEU A 681 -1.99 -14.16 32.40
C LEU A 681 -1.37 -12.82 32.04
N THR A 682 -2.22 -11.80 31.80
CA THR A 682 -1.76 -10.52 31.29
C THR A 682 -1.57 -9.53 32.44
N GLY A 683 -1.77 -10.01 33.68
CA GLY A 683 -1.38 -9.25 34.86
C GLY A 683 -2.39 -8.16 35.21
N LEU A 684 -3.68 -8.40 34.90
CA LEU A 684 -4.70 -7.37 35.01
C LEU A 684 -5.44 -7.46 36.37
N LEU A 685 -5.29 -8.58 37.11
CA LEU A 685 -6.12 -8.82 38.28
C LEU A 685 -5.36 -8.42 39.54
N LYS A 686 -6.07 -7.88 40.53
CA LYS A 686 -5.48 -7.54 41.82
C LYS A 686 -5.13 -8.81 42.59
N PRO A 687 -4.06 -8.80 43.42
CA PRO A 687 -3.60 -10.02 44.07
C PRO A 687 -4.59 -10.63 45.07
N ASP A 688 -5.54 -9.84 45.54
CA ASP A 688 -6.49 -10.35 46.51
C ASP A 688 -7.84 -10.53 45.84
N SER A 689 -7.88 -10.50 44.51
CA SER A 689 -9.16 -10.63 43.82
C SER A 689 -9.75 -12.02 44.05
N PRO A 690 -11.04 -12.15 44.41
CA PRO A 690 -11.70 -13.46 44.52
C PRO A 690 -11.78 -14.19 43.17
N LYS A 691 -11.77 -13.43 42.08
CA LYS A 691 -11.77 -14.02 40.74
C LYS A 691 -10.42 -14.70 40.51
N LEU A 692 -9.34 -14.05 40.97
CA LEU A 692 -8.01 -14.62 40.83
C LEU A 692 -7.93 -15.96 41.56
N GLY A 693 -8.50 -16.05 42.76
CA GLY A 693 -8.53 -17.29 43.53
C GLY A 693 -9.22 -18.43 42.78
N LYS A 694 -10.33 -18.13 42.09
CA LYS A 694 -11.04 -19.18 41.35
C LYS A 694 -10.20 -19.60 40.14
N LEU A 695 -9.48 -18.64 39.54
CA LEU A 695 -8.61 -18.93 38.41
C LEU A 695 -7.43 -19.81 38.86
N LEU A 696 -6.90 -19.59 40.07
CA LEU A 696 -5.84 -20.43 40.61
C LEU A 696 -6.32 -21.86 40.82
N ALA A 697 -7.58 -22.00 41.28
CA ALA A 697 -8.21 -23.29 41.47
C ALA A 697 -8.24 -24.06 40.14
N LEU A 698 -8.65 -23.38 39.08
CA LEU A 698 -8.76 -23.98 37.76
C LEU A 698 -7.37 -24.38 37.25
N ILE A 699 -6.38 -23.51 37.44
CA ILE A 699 -5.03 -23.73 36.97
C ILE A 699 -4.45 -24.98 37.61
N GLY A 700 -4.69 -25.13 38.94
CA GLY A 700 -4.15 -26.23 39.71
C GLY A 700 -4.96 -27.52 39.60
N ASP A 701 -6.11 -27.46 38.91
CA ASP A 701 -7.02 -28.60 38.81
C ASP A 701 -6.53 -29.61 37.77
N GLU A 702 -6.05 -30.75 38.28
CA GLU A 702 -5.54 -31.83 37.45
C GLU A 702 -6.62 -32.33 36.50
N SER A 703 -7.90 -32.24 36.89
CA SER A 703 -8.95 -32.78 36.03
C SER A 703 -9.28 -31.79 34.91
N GLU A 704 -8.79 -30.54 35.01
CA GLU A 704 -8.99 -29.52 33.98
C GLU A 704 -7.69 -29.27 33.17
N LEU A 705 -6.83 -28.37 33.67
CA LEU A 705 -5.69 -27.85 32.92
C LEU A 705 -4.35 -28.40 33.42
N TRP A 706 -4.25 -28.83 34.70
CA TRP A 706 -2.93 -29.18 35.25
C TRP A 706 -2.51 -30.58 34.82
N SER A 707 -1.52 -30.68 33.94
CA SER A 707 -0.94 -31.97 33.60
C SER A 707 0.40 -32.07 34.32
N PRO A 708 1.02 -33.27 34.38
CA PRO A 708 2.36 -33.40 34.95
C PRO A 708 3.41 -32.65 34.14
N TYR A 709 3.04 -32.19 32.92
CA TYR A 709 4.04 -31.66 31.99
C TYR A 709 3.81 -30.17 31.74
N GLY A 710 2.81 -29.58 32.44
CA GLY A 710 2.47 -28.18 32.25
C GLY A 710 0.97 -27.97 32.07
N LEU A 711 0.55 -26.71 31.83
CA LEU A 711 -0.88 -26.41 31.70
C LEU A 711 -1.33 -26.77 30.30
N ARG A 712 -2.41 -27.57 30.21
CA ARG A 712 -3.04 -27.91 28.94
C ARG A 712 -3.70 -26.67 28.34
N SER A 713 -3.62 -26.54 27.00
CA SER A 713 -4.21 -25.40 26.32
C SER A 713 -5.73 -25.37 26.50
N LEU A 714 -6.35 -26.58 26.56
CA LEU A 714 -7.77 -26.75 26.73
C LEU A 714 -8.00 -27.78 27.82
N SER A 715 -9.08 -27.61 28.60
CA SER A 715 -9.45 -28.57 29.65
C SER A 715 -9.81 -29.94 29.08
N LYS A 716 -9.38 -31.01 29.81
CA LYS A 716 -9.80 -32.37 29.49
C LYS A 716 -11.32 -32.49 29.53
N LYS A 717 -11.99 -31.58 30.25
CA LYS A 717 -13.43 -31.62 30.43
C LYS A 717 -14.16 -30.92 29.28
N ASP A 718 -13.42 -30.19 28.42
CA ASP A 718 -14.10 -29.44 27.38
C ASP A 718 -14.54 -30.37 26.27
N GLU A 719 -15.67 -30.03 25.65
CA GLU A 719 -16.18 -30.85 24.56
C GLU A 719 -15.21 -30.90 23.37
N PHE A 720 -14.34 -29.89 23.19
CA PHE A 720 -13.46 -29.87 22.03
C PHE A 720 -12.05 -30.41 22.34
N TYR A 721 -11.84 -30.93 23.56
CA TYR A 721 -10.55 -31.50 23.93
C TYR A 721 -10.10 -32.55 22.93
N GLY A 722 -8.90 -32.35 22.38
CA GLY A 722 -8.29 -33.32 21.49
C GLY A 722 -9.05 -33.54 20.18
N THR A 723 -9.77 -32.52 19.69
CA THR A 723 -10.55 -32.70 18.46
C THR A 723 -9.86 -32.01 17.29
N ALA A 724 -10.31 -32.35 16.06
CA ALA A 724 -9.90 -31.68 14.83
C ALA A 724 -8.38 -31.70 14.74
N GLU A 725 -7.73 -30.53 14.52
CA GLU A 725 -6.28 -30.55 14.32
C GLU A 725 -5.60 -30.57 15.68
N ASN A 726 -6.36 -30.30 16.73
CA ASN A 726 -5.85 -30.45 18.08
C ASN A 726 -4.57 -29.63 18.29
N TYR A 727 -4.57 -28.38 17.82
CA TYR A 727 -3.36 -27.57 17.85
C TYR A 727 -3.29 -26.83 19.19
N TRP A 728 -4.36 -26.08 19.50
CA TRP A 728 -4.50 -25.41 20.78
C TRP A 728 -5.67 -26.00 21.57
N ARG A 729 -5.96 -27.29 21.36
CA ARG A 729 -7.11 -27.92 22.00
C ARG A 729 -6.69 -29.05 22.96
N SER A 730 -5.48 -28.93 23.54
CA SER A 730 -5.01 -29.84 24.60
C SER A 730 -3.52 -29.68 24.84
N PRO A 731 -2.67 -29.51 23.81
CA PRO A 731 -1.23 -29.58 24.02
C PRO A 731 -0.71 -28.46 24.92
N VAL A 732 0.49 -28.68 25.47
CA VAL A 732 1.11 -27.72 26.38
C VAL A 732 1.97 -26.78 25.54
N TRP A 733 1.73 -25.47 25.63
CA TRP A 733 2.52 -24.47 24.90
C TRP A 733 3.34 -23.68 25.91
N ILE A 734 4.62 -23.48 25.57
CA ILE A 734 5.56 -22.89 26.50
C ILE A 734 5.27 -21.39 26.69
N ASN A 735 4.79 -20.70 25.64
CA ASN A 735 4.66 -19.23 25.74
C ASN A 735 3.59 -18.86 26.79
N ILE A 736 2.44 -19.57 26.77
CA ILE A 736 1.36 -19.30 27.70
C ILE A 736 1.72 -19.79 29.09
N ASN A 737 2.41 -20.96 29.16
CA ASN A 737 2.91 -21.47 30.43
C ASN A 737 3.85 -20.47 31.09
N TYR A 738 4.70 -19.84 30.28
CA TYR A 738 5.63 -18.81 30.76
C TYR A 738 4.85 -17.66 31.42
N LEU A 739 3.81 -17.16 30.74
CA LEU A 739 3.01 -16.08 31.31
C LEU A 739 2.41 -16.51 32.66
N ALA A 740 1.90 -17.74 32.73
CA ALA A 740 1.34 -18.25 33.98
C ALA A 740 2.43 -18.28 35.07
N ILE A 741 3.60 -18.80 34.73
CA ILE A 741 4.69 -18.91 35.69
C ILE A 741 5.04 -17.53 36.25
N VAL A 742 5.13 -16.53 35.35
CA VAL A 742 5.52 -15.19 35.77
C VAL A 742 4.46 -14.61 36.71
N GLN A 743 3.18 -14.82 36.38
CA GLN A 743 2.10 -14.24 37.16
C GLN A 743 1.96 -14.96 38.52
N LEU A 744 2.14 -16.27 38.55
CA LEU A 744 2.17 -17.02 39.79
C LEU A 744 3.29 -16.50 40.69
N TYR A 745 4.45 -16.25 40.09
CA TYR A 745 5.58 -15.74 40.85
C TYR A 745 5.23 -14.39 41.47
N ASN A 746 4.52 -13.55 40.72
CA ASN A 746 4.16 -12.21 41.15
C ASN A 746 3.30 -12.28 42.43
N ILE A 747 2.30 -13.17 42.42
CA ILE A 747 1.42 -13.39 43.56
C ILE A 747 2.19 -14.04 44.71
N ALA A 748 3.16 -14.90 44.40
CA ALA A 748 3.84 -15.67 45.44
C ALA A 748 4.75 -14.76 46.27
N THR A 749 5.09 -13.58 45.74
CA THR A 749 6.13 -12.76 46.34
C THR A 749 5.56 -11.43 46.78
N GLN A 750 4.29 -11.44 47.17
CA GLN A 750 3.54 -10.29 47.65
C GLN A 750 2.61 -10.79 48.75
N ASP A 751 2.31 -9.92 49.72
CA ASP A 751 1.33 -10.20 50.76
C ASP A 751 -0.05 -10.35 50.13
N GLY A 752 -0.77 -11.41 50.49
CA GLY A 752 -2.14 -11.58 50.03
C GLY A 752 -2.70 -12.96 50.37
N PRO A 753 -4.02 -13.18 50.18
CA PRO A 753 -4.64 -14.45 50.57
C PRO A 753 -4.18 -15.65 49.75
N TYR A 754 -3.57 -15.42 48.57
CA TYR A 754 -3.24 -16.52 47.68
C TYR A 754 -1.73 -16.72 47.54
N LYS A 755 -0.95 -16.01 48.37
CA LYS A 755 0.51 -16.07 48.33
C LYS A 755 1.03 -17.51 48.37
N GLU A 756 0.58 -18.29 49.36
CA GLU A 756 1.01 -19.67 49.55
C GLU A 756 0.54 -20.57 48.40
N THR A 757 -0.70 -20.41 47.96
CA THR A 757 -1.22 -21.21 46.85
C THR A 757 -0.38 -20.95 45.60
N ALA A 758 -0.08 -19.67 45.36
CA ALA A 758 0.68 -19.27 44.19
C ALA A 758 2.11 -19.79 44.30
N ARG A 759 2.69 -19.72 45.50
CA ARG A 759 4.04 -20.22 45.69
C ARG A 759 4.11 -21.70 45.31
N ASP A 760 3.14 -22.50 45.77
CA ASP A 760 3.17 -23.94 45.49
C ASP A 760 3.05 -24.18 43.99
N LEU A 761 2.11 -23.49 43.34
CA LEU A 761 1.83 -23.67 41.93
C LEU A 761 3.02 -23.19 41.09
N TYR A 762 3.64 -22.05 41.48
CA TYR A 762 4.82 -21.55 40.81
C TYR A 762 5.93 -22.60 40.82
N THR A 763 6.28 -23.09 42.03
CA THR A 763 7.37 -24.03 42.20
C THR A 763 7.17 -25.25 41.29
N ARG A 764 5.97 -25.81 41.33
CA ARG A 764 5.66 -27.03 40.62
C ARG A 764 5.59 -26.78 39.11
N LEU A 765 4.91 -25.70 38.66
CA LEU A 765 4.76 -25.49 37.22
C LEU A 765 6.11 -25.13 36.59
N ARG A 766 6.93 -24.33 37.31
CA ARG A 766 8.28 -24.06 36.85
C ARG A 766 9.01 -25.37 36.58
N LYS A 767 8.96 -26.28 37.57
CA LYS A 767 9.67 -27.53 37.50
C LYS A 767 9.10 -28.39 36.38
N ASN A 768 7.77 -28.46 36.29
CA ASN A 768 7.14 -29.33 35.29
C ASN A 768 7.55 -28.87 33.88
N ILE A 769 7.46 -27.56 33.65
CA ILE A 769 7.74 -26.99 32.32
C ILE A 769 9.19 -27.21 31.93
N VAL A 770 10.14 -26.77 32.80
CA VAL A 770 11.55 -26.92 32.51
C VAL A 770 11.91 -28.39 32.23
N GLU A 771 11.45 -29.28 33.10
CA GLU A 771 11.83 -30.68 33.03
C GLU A 771 11.26 -31.32 31.75
N THR A 772 10.08 -30.89 31.31
CA THR A 772 9.49 -31.47 30.10
C THR A 772 10.34 -31.09 28.90
N VAL A 773 10.70 -29.80 28.85
CA VAL A 773 11.47 -29.30 27.71
C VAL A 773 12.87 -29.91 27.76
N TYR A 774 13.46 -29.98 28.96
CA TYR A 774 14.78 -30.56 29.15
C TYR A 774 14.80 -32.03 28.73
N ARG A 775 13.88 -32.85 29.26
CA ARG A 775 13.90 -34.29 28.95
C ARG A 775 13.83 -34.50 27.42
N ASN A 776 12.93 -33.74 26.75
CA ASN A 776 12.81 -33.90 25.31
C ASN A 776 14.07 -33.49 24.59
N TRP A 777 14.69 -32.41 25.05
CA TRP A 777 15.93 -31.95 24.46
C TRP A 777 17.03 -32.98 24.63
N GLU A 778 17.11 -33.60 25.82
CA GLU A 778 18.15 -34.58 26.08
C GLU A 778 17.94 -35.77 25.13
N GLU A 779 16.67 -36.13 24.93
CA GLU A 779 16.33 -37.32 24.19
C GLU A 779 16.38 -37.09 22.67
N THR A 780 16.02 -35.87 22.19
CA THR A 780 15.86 -35.68 20.75
C THR A 780 16.80 -34.63 20.16
N GLY A 781 17.41 -33.83 21.04
CA GLY A 781 18.25 -32.71 20.62
C GLY A 781 17.45 -31.48 20.20
N PHE A 782 16.12 -31.51 20.35
CA PHE A 782 15.27 -30.43 19.80
C PHE A 782 14.50 -29.71 20.90
N ALA A 783 14.27 -28.41 20.65
CA ALA A 783 13.13 -27.69 21.19
C ALA A 783 11.93 -28.01 20.31
N TRP A 784 10.78 -28.30 20.93
CA TRP A 784 9.56 -28.58 20.18
C TRP A 784 8.57 -27.42 20.33
N GLU A 785 7.66 -27.32 19.37
CA GLU A 785 6.63 -26.29 19.32
C GLU A 785 5.64 -26.43 20.48
N GLN A 786 5.38 -27.70 20.87
CA GLN A 786 4.42 -27.96 21.95
C GLN A 786 4.67 -29.38 22.49
N TYR A 787 4.02 -29.69 23.62
CA TYR A 787 4.31 -30.90 24.39
C TYR A 787 3.00 -31.63 24.73
N ASN A 788 3.02 -32.96 24.56
CA ASN A 788 1.84 -33.80 24.78
C ASN A 788 1.56 -33.90 26.27
N PRO A 789 0.36 -33.52 26.75
CA PRO A 789 0.10 -33.55 28.19
C PRO A 789 -0.15 -34.94 28.80
N GLU A 790 -0.35 -35.96 27.94
CA GLU A 790 -0.49 -37.33 28.40
C GLU A 790 0.87 -38.03 28.47
N THR A 791 1.71 -37.86 27.45
CA THR A 791 2.95 -38.62 27.38
C THR A 791 4.17 -37.75 27.72
N GLY A 792 4.00 -36.42 27.73
CA GLY A 792 5.09 -35.46 27.83
C GLY A 792 5.97 -35.29 26.58
N LYS A 793 5.64 -36.00 25.49
CA LYS A 793 6.49 -35.97 24.30
C LYS A 793 6.39 -34.61 23.58
N GLY A 794 7.54 -34.14 23.10
CA GLY A 794 7.54 -33.02 22.14
C GLY A 794 6.88 -33.44 20.83
N GLN A 795 6.05 -32.53 20.27
CA GLN A 795 5.36 -32.83 19.03
C GLN A 795 5.18 -31.55 18.23
N ARG A 796 4.61 -31.67 17.03
CA ARG A 796 4.56 -30.60 16.03
C ARG A 796 6.00 -30.26 15.66
N THR A 797 6.31 -28.99 15.37
CA THR A 797 7.59 -28.77 14.69
C THR A 797 8.76 -28.74 15.65
N GLN A 798 9.92 -29.21 15.14
CA GLN A 798 11.19 -29.23 15.82
C GLN A 798 11.92 -27.91 15.54
N HIS A 799 13.01 -27.69 16.27
CA HIS A 799 13.84 -26.47 16.10
C HIS A 799 12.99 -25.23 16.41
N PHE A 800 12.05 -25.36 17.33
CA PHE A 800 11.17 -24.24 17.66
C PHE A 800 11.83 -23.32 18.70
N THR A 801 12.75 -22.48 18.25
CA THR A 801 13.46 -21.55 19.13
C THR A 801 13.43 -20.17 18.47
N GLY A 802 12.27 -19.49 18.47
CA GLY A 802 11.00 -20.01 18.95
C GLY A 802 10.84 -19.77 20.45
N TRP A 803 9.58 -19.60 20.91
CA TRP A 803 9.32 -19.20 22.28
C TRP A 803 9.52 -20.35 23.28
N THR A 804 9.75 -21.59 22.77
CA THR A 804 10.10 -22.67 23.69
C THR A 804 11.37 -22.33 24.48
N SER A 805 12.22 -21.48 23.91
CA SER A 805 13.46 -21.06 24.54
C SER A 805 13.23 -20.16 25.76
N LEU A 806 11.97 -19.79 26.00
CA LEU A 806 11.58 -19.02 27.19
C LEU A 806 12.02 -19.81 28.41
N VAL A 807 12.26 -21.14 28.24
CA VAL A 807 12.77 -22.04 29.32
CA VAL A 807 12.77 -22.04 29.33
C VAL A 807 14.04 -21.69 30.16
N VAL A 808 14.86 -20.90 29.45
CA VAL A 808 16.14 -20.31 29.99
CA VAL A 808 16.15 -20.33 30.01
C VAL A 808 15.98 -19.21 31.10
N LYS A 809 14.91 -18.46 30.84
CA LYS A 809 14.43 -17.36 31.69
C LYS A 809 13.61 -18.01 32.81
N ILE A 810 12.81 -19.03 32.51
CA ILE A 810 12.10 -19.68 33.59
C ILE A 810 13.10 -20.24 34.61
N MET A 811 14.21 -20.81 34.11
CA MET A 811 15.22 -21.42 34.97
C MET A 811 15.94 -20.35 35.80
N SER A 812 16.16 -19.15 35.22
CA SER A 812 16.93 -18.09 35.85
C SER A 812 16.17 -17.44 36.99
N GLY A 813 14.84 -17.41 36.87
CA GLY A 813 13.92 -17.08 37.95
C GLY A 813 13.90 -15.59 38.24
N HIS A 814 13.58 -15.23 39.50
CA HIS A 814 13.81 -13.90 40.06
C HIS A 814 13.23 -12.83 39.13
N HIS A 815 11.94 -12.96 38.79
CA HIS A 815 11.24 -12.06 37.86
C HIS A 815 11.10 -10.65 38.44
N GLU B 35 -39.49 7.42 -25.87
CA GLU B 35 -40.71 7.95 -26.58
C GLU B 35 -40.38 8.38 -28.03
N SER B 36 -39.92 9.64 -28.25
CA SER B 36 -40.00 10.21 -29.60
C SER B 36 -38.93 9.61 -30.52
N ILE B 37 -39.34 9.37 -31.77
CA ILE B 37 -38.44 8.81 -32.76
C ILE B 37 -37.22 9.71 -32.94
N LEU B 38 -37.42 11.02 -33.03
CA LEU B 38 -36.31 11.94 -33.27
C LEU B 38 -35.37 11.98 -32.06
N HIS B 39 -35.93 12.02 -30.85
CA HIS B 39 -35.09 12.08 -29.65
C HIS B 39 -34.21 10.83 -29.57
N SER B 40 -34.80 9.65 -29.83
CA SER B 40 -34.08 8.40 -29.84
C SER B 40 -33.00 8.41 -30.91
N GLU B 41 -33.30 8.98 -32.09
CA GLU B 41 -32.37 8.94 -33.21
C GLU B 41 -31.15 9.82 -32.90
N ILE B 42 -31.39 11.05 -32.40
CA ILE B 42 -30.29 11.92 -32.07
C ILE B 42 -29.44 11.28 -30.95
N GLY B 43 -30.10 10.63 -29.99
CA GLY B 43 -29.38 9.91 -28.93
C GLY B 43 -28.43 8.85 -29.52
N ARG B 44 -28.91 8.09 -30.52
CA ARG B 44 -28.14 7.00 -31.13
C ARG B 44 -26.94 7.59 -31.84
N LEU B 45 -27.15 8.69 -32.57
CA LEU B 45 -26.10 9.33 -33.34
C LEU B 45 -25.05 9.90 -32.40
N ASN B 46 -25.52 10.49 -31.32
CA ASN B 46 -24.62 11.03 -30.32
C ASN B 46 -23.77 9.93 -29.69
N ASN B 47 -24.42 8.81 -29.41
CA ASN B 47 -23.82 7.66 -28.78
C ASN B 47 -22.74 7.08 -29.71
N GLN B 48 -23.04 6.92 -30.99
CA GLN B 48 -22.03 6.45 -31.95
C GLN B 48 -20.88 7.43 -32.08
N SER B 49 -21.19 8.73 -32.01
CA SER B 49 -20.19 9.77 -32.22
C SER B 49 -19.20 9.82 -31.05
N LEU B 50 -19.70 9.56 -29.83
CA LEU B 50 -18.90 9.78 -28.62
C LEU B 50 -18.31 8.48 -28.10
N LEU B 51 -18.67 7.33 -28.71
CA LEU B 51 -18.36 6.04 -28.12
C LEU B 51 -16.88 5.88 -27.78
N TRP B 52 -15.98 6.21 -28.73
CA TRP B 52 -14.57 5.98 -28.51
C TRP B 52 -13.88 7.25 -28.03
N GLY B 53 -12.87 7.09 -27.19
CA GLY B 53 -12.01 8.22 -26.91
C GLY B 53 -10.81 7.77 -26.08
N PRO B 54 -9.87 8.68 -25.77
CA PRO B 54 -8.81 8.41 -24.81
C PRO B 54 -9.40 8.65 -23.41
N TYR B 55 -10.43 7.90 -23.10
CA TYR B 55 -11.31 8.22 -21.98
C TYR B 55 -10.75 7.65 -20.67
N ARG B 56 -9.42 7.67 -20.56
CA ARG B 56 -8.71 7.17 -19.38
C ARG B 56 -7.75 8.26 -18.91
N PRO B 57 -8.28 9.39 -18.37
CA PRO B 57 -7.46 10.56 -18.10
C PRO B 57 -6.52 10.34 -16.91
N ASN B 58 -6.75 9.27 -16.14
CA ASN B 58 -5.87 8.92 -15.02
C ASN B 58 -4.49 8.45 -15.47
N ILE B 59 -4.35 8.03 -16.74
CA ILE B 59 -3.04 7.59 -17.26
C ILE B 59 -2.59 8.53 -18.38
N TYR B 60 -1.28 8.50 -18.72
CA TYR B 60 -0.76 9.38 -19.76
C TYR B 60 -1.48 9.14 -21.08
N PHE B 61 -1.61 7.88 -21.48
CA PHE B 61 -2.29 7.63 -22.75
C PHE B 61 -2.94 6.26 -22.76
N GLY B 62 -4.22 6.25 -23.07
CA GLY B 62 -4.94 5.01 -23.23
C GLY B 62 -6.35 5.28 -23.75
N THR B 63 -7.01 4.25 -24.25
CA THR B 63 -8.31 4.46 -24.86
C THR B 63 -9.26 3.43 -24.27
N ARG B 64 -10.53 3.78 -24.27
CA ARG B 64 -11.58 2.81 -24.01
C ARG B 64 -12.86 3.39 -24.59
N PRO B 65 -13.87 2.54 -24.90
CA PRO B 65 -15.17 3.04 -25.34
C PRO B 65 -16.03 3.27 -24.12
N ARG B 66 -17.16 3.95 -24.32
CA ARG B 66 -18.10 4.18 -23.22
C ARG B 66 -18.93 2.91 -22.99
N ILE B 67 -18.25 1.80 -22.65
CA ILE B 67 -18.89 0.52 -22.34
C ILE B 67 -18.16 -0.02 -21.10
N GLY B 68 -18.92 -0.49 -20.10
CA GLY B 68 -18.35 -0.88 -18.82
C GLY B 68 -17.28 -1.97 -18.97
N LYS B 69 -17.64 -3.02 -19.72
CA LYS B 69 -16.75 -4.17 -19.89
C LYS B 69 -16.45 -4.31 -21.37
N SER B 70 -15.26 -3.86 -21.77
CA SER B 70 -14.95 -3.88 -23.18
C SER B 70 -13.43 -3.83 -23.36
N LEU B 71 -13.00 -3.34 -24.53
CA LEU B 71 -11.58 -3.28 -24.90
C LEU B 71 -10.97 -1.98 -24.37
N MET B 72 -9.81 -2.06 -23.68
CA MET B 72 -9.10 -0.91 -23.15
C MET B 72 -7.64 -0.99 -23.56
N THR B 73 -6.99 0.18 -23.73
CA THR B 73 -5.58 0.17 -24.05
C THR B 73 -4.88 1.13 -23.12
N GLY B 74 -3.56 0.95 -22.99
CA GLY B 74 -2.73 1.85 -22.21
C GLY B 74 -1.28 1.80 -22.67
N LEU B 75 -0.59 2.94 -22.57
CA LEU B 75 0.78 3.12 -22.99
C LEU B 75 1.70 3.23 -21.76
N MET B 76 2.85 2.54 -21.82
CA MET B 76 3.89 2.73 -20.82
C MET B 76 5.22 2.93 -21.54
N TRP B 77 6.14 3.65 -20.90
CA TRP B 77 7.49 3.79 -21.46
C TRP B 77 8.46 4.06 -20.32
N GLY B 78 9.74 3.74 -20.54
CA GLY B 78 10.75 4.13 -19.57
C GLY B 78 12.14 3.77 -20.12
N LYS B 79 13.15 4.59 -19.79
CA LYS B 79 14.52 4.26 -20.17
C LYS B 79 14.96 3.06 -19.34
N ILE B 80 15.94 2.30 -19.86
CA ILE B 80 16.51 1.24 -19.05
C ILE B 80 18.03 1.29 -19.16
N GLU B 81 18.71 1.43 -18.02
CA GLU B 81 20.17 1.43 -18.03
C GLU B 81 20.76 0.31 -17.19
N SER B 82 19.95 -0.33 -16.32
CA SER B 82 20.51 -1.33 -15.41
C SER B 82 19.50 -2.48 -15.23
N TYR B 83 19.86 -3.45 -14.39
CA TYR B 83 18.99 -4.59 -14.18
C TYR B 83 17.88 -4.26 -13.19
N THR B 84 17.91 -3.05 -12.62
CA THR B 84 16.94 -2.74 -11.56
C THR B 84 16.33 -1.33 -11.66
N ASP B 85 16.61 -0.58 -12.74
CA ASP B 85 16.15 0.81 -12.82
C ASP B 85 14.75 0.95 -13.43
N PHE B 86 14.36 0.03 -14.32
CA PHE B 86 13.14 0.23 -15.11
C PHE B 86 11.92 0.38 -14.19
N GLN B 87 11.90 -0.34 -13.06
CA GLN B 87 10.81 -0.24 -12.10
C GLN B 87 10.63 1.22 -11.65
N HIS B 88 11.72 2.00 -11.63
CA HIS B 88 11.68 3.38 -11.16
C HIS B 88 11.42 4.36 -12.30
N THR B 89 11.75 4.00 -13.54
CA THR B 89 11.65 4.97 -14.63
C THR B 89 10.31 4.85 -15.37
N VAL B 90 9.64 3.71 -15.27
CA VAL B 90 8.52 3.41 -16.14
C VAL B 90 7.37 4.39 -15.82
N ARG B 91 6.66 4.82 -16.86
CA ARG B 91 5.54 5.74 -16.77
C ARG B 91 4.27 5.02 -17.14
N TYR B 92 3.18 5.34 -16.44
CA TYR B 92 1.89 4.78 -16.78
C TYR B 92 0.80 5.73 -16.28
N THR B 93 0.65 5.82 -14.96
CA THR B 93 -0.34 6.69 -14.29
C THR B 93 0.17 8.13 -14.27
N CYS B 94 -0.73 9.11 -14.45
CA CYS B 94 -0.33 10.51 -14.38
C CYS B 94 0.12 10.88 -12.97
N GLU B 95 1.23 11.63 -12.90
CA GLU B 95 1.74 12.20 -11.66
C GLU B 95 2.22 13.62 -11.96
N GLN B 96 2.64 14.36 -10.94
CA GLN B 96 3.35 15.60 -11.24
C GLN B 96 4.39 15.78 -10.13
N ASN B 97 5.66 15.89 -10.55
CA ASN B 97 6.81 15.96 -9.66
C ASN B 97 7.96 16.50 -10.52
N GLU B 98 9.14 16.65 -9.92
CA GLU B 98 10.31 17.28 -10.53
C GLU B 98 10.73 16.55 -11.82
N GLY B 99 10.42 15.23 -11.92
CA GLY B 99 10.89 14.41 -13.03
C GLY B 99 10.02 14.55 -14.28
N MET B 100 8.91 15.31 -14.14
CA MET B 100 8.03 15.58 -15.28
C MET B 100 7.95 17.08 -15.47
N LYS B 101 8.32 17.55 -16.66
CA LYS B 101 8.24 18.98 -16.90
C LYS B 101 6.78 19.39 -17.02
N GLY B 102 5.99 18.60 -17.76
CA GLY B 102 4.61 18.93 -18.05
C GLY B 102 4.04 17.99 -19.09
N TYR B 103 2.71 18.07 -19.27
CA TYR B 103 2.01 17.28 -20.27
C TYR B 103 0.60 17.82 -20.37
N GLY B 104 -0.07 17.49 -21.46
CA GLY B 104 -1.40 17.99 -21.68
C GLY B 104 -1.76 17.95 -23.14
N TRP B 105 -3.02 18.28 -23.41
CA TRP B 105 -3.56 18.25 -24.75
C TRP B 105 -3.33 19.63 -25.37
N ASP B 106 -2.76 19.66 -26.58
CA ASP B 106 -2.53 20.91 -27.31
C ASP B 106 -3.83 21.29 -28.01
N GLU B 107 -4.57 20.25 -28.40
CA GLU B 107 -5.84 20.43 -29.04
C GLU B 107 -6.66 19.16 -28.79
N TYR B 108 -7.96 19.31 -28.65
CA TYR B 108 -8.75 18.13 -28.43
C TYR B 108 -10.22 18.46 -28.63
N ASP B 109 -10.90 17.52 -29.26
CA ASP B 109 -12.34 17.51 -29.38
C ASP B 109 -12.74 16.05 -29.29
N PRO B 110 -13.58 15.66 -28.32
CA PRO B 110 -13.90 14.25 -28.10
C PRO B 110 -14.54 13.59 -29.32
N ARG B 111 -15.13 14.37 -30.24
CA ARG B 111 -15.73 13.78 -31.43
C ARG B 111 -14.66 13.45 -32.49
N ARG B 112 -13.53 14.13 -32.47
CA ARG B 112 -12.63 14.11 -33.62
C ARG B 112 -11.27 13.58 -33.20
N GLY B 113 -10.82 13.98 -32.01
CA GLY B 113 -9.50 13.57 -31.54
C GLY B 113 -8.64 14.75 -31.13
N GLY B 114 -7.33 14.53 -31.08
CA GLY B 114 -6.48 15.58 -30.55
C GLY B 114 -5.02 15.16 -30.53
N ILE B 115 -4.18 16.05 -29.98
CA ILE B 115 -2.77 15.76 -29.86
C ILE B 115 -2.35 16.13 -28.45
N GLN B 116 -1.67 15.20 -27.80
CA GLN B 116 -1.16 15.43 -26.47
C GLN B 116 0.36 15.50 -26.55
N SER B 117 0.96 16.41 -25.78
CA SER B 117 2.39 16.50 -25.61
C SER B 117 2.80 16.11 -24.19
N ILE B 118 3.89 15.32 -24.06
CA ILE B 118 4.38 14.89 -22.75
C ILE B 118 5.88 15.23 -22.69
N HIS B 119 6.29 15.94 -21.65
CA HIS B 119 7.67 16.40 -21.46
C HIS B 119 8.25 15.75 -20.20
N ASP B 120 8.97 14.64 -20.42
CA ASP B 120 9.45 13.79 -19.35
C ASP B 120 10.95 14.04 -19.16
N ILE B 121 11.33 14.66 -18.03
CA ILE B 121 12.72 14.95 -17.70
C ILE B 121 13.45 13.67 -17.32
N GLN B 122 12.84 12.84 -16.43
CA GLN B 122 13.52 11.65 -15.94
C GLN B 122 13.94 10.73 -17.10
N ASN B 123 13.05 10.53 -18.08
CA ASN B 123 13.29 9.64 -19.22
C ASN B 123 13.89 10.39 -20.43
N GLY B 124 14.11 11.70 -20.29
CA GLY B 124 14.81 12.46 -21.32
C GLY B 124 14.06 12.49 -22.66
N LEU B 125 12.72 12.51 -22.63
CA LEU B 125 11.92 12.29 -23.84
C LEU B 125 10.80 13.33 -23.92
N ASP B 126 10.57 13.83 -25.13
CA ASP B 126 9.38 14.62 -25.44
C ASP B 126 8.54 13.76 -26.34
N ILE B 127 7.32 13.43 -25.87
CA ILE B 127 6.47 12.49 -26.58
C ILE B 127 5.24 13.23 -27.07
N THR B 128 4.75 12.87 -28.26
CA THR B 128 3.42 13.28 -28.67
C THR B 128 2.60 12.03 -28.87
N THR B 129 1.33 12.09 -28.44
CA THR B 129 0.37 11.06 -28.77
C THR B 129 -0.77 11.71 -29.52
N SER B 130 -0.92 11.39 -30.82
N SER B 130 -0.87 11.44 -30.83
CA SER B 130 -2.01 11.93 -31.62
CA SER B 130 -1.99 11.89 -31.63
C SER B 130 -3.09 10.88 -31.77
C SER B 130 -3.09 10.83 -31.55
N PHE B 131 -4.35 11.28 -31.57
CA PHE B 131 -5.49 10.38 -31.54
C PHE B 131 -6.55 10.93 -32.48
N VAL B 132 -7.13 10.07 -33.33
CA VAL B 132 -8.12 10.56 -34.28
C VAL B 132 -9.18 9.49 -34.39
N LYS B 133 -10.43 9.93 -34.56
CA LYS B 133 -11.57 9.05 -34.75
C LYS B 133 -12.03 9.13 -36.21
N ILE B 134 -12.51 7.99 -36.73
CA ILE B 134 -12.91 7.89 -38.13
C ILE B 134 -14.26 7.21 -38.15
N PRO B 135 -15.36 7.97 -38.37
CA PRO B 135 -16.71 7.40 -38.29
C PRO B 135 -16.94 6.39 -39.40
N GLY B 136 -17.86 5.45 -39.14
CA GLY B 136 -18.17 4.41 -40.12
C GLY B 136 -18.65 3.14 -39.43
N GLY B 137 -19.63 2.48 -40.06
CA GLY B 137 -20.18 1.24 -39.56
C GLY B 137 -21.10 1.49 -38.37
N ALA B 138 -21.27 0.45 -37.57
CA ALA B 138 -22.39 0.39 -36.64
C ALA B 138 -21.90 0.33 -35.21
N HIS B 139 -20.59 0.51 -34.96
CA HIS B 139 -20.09 0.14 -33.64
C HIS B 139 -19.22 1.25 -33.07
N GLY B 140 -19.48 2.48 -33.50
CA GLY B 140 -18.81 3.64 -32.92
C GLY B 140 -17.57 4.03 -33.72
N GLY B 141 -17.40 3.37 -34.89
CA GLY B 141 -16.37 3.77 -35.84
C GLY B 141 -14.98 3.25 -35.45
N SER B 142 -13.96 3.83 -36.10
CA SER B 142 -12.57 3.38 -35.99
C SER B 142 -11.76 4.51 -35.37
N TRP B 143 -10.51 4.22 -35.00
CA TRP B 143 -9.63 5.24 -34.45
C TRP B 143 -8.17 4.88 -34.71
N ALA B 144 -7.27 5.83 -34.54
CA ALA B 144 -5.84 5.54 -34.72
C ALA B 144 -5.06 6.50 -33.84
N ALA B 145 -3.88 6.09 -33.42
CA ALA B 145 -3.01 6.98 -32.64
C ALA B 145 -1.59 6.85 -33.15
N ARG B 146 -0.83 7.94 -33.12
CA ARG B 146 0.59 7.90 -33.41
C ARG B 146 1.32 8.28 -32.14
N ILE B 147 2.27 7.41 -31.74
CA ILE B 147 3.13 7.61 -30.59
C ILE B 147 4.52 8.02 -31.08
N LYS B 148 4.97 9.23 -30.71
CA LYS B 148 6.25 9.67 -31.21
C LYS B 148 7.13 10.14 -30.06
N GLY B 149 8.33 9.57 -29.93
CA GLY B 149 9.23 9.96 -28.86
C GLY B 149 10.55 10.53 -29.41
N THR B 150 10.92 11.72 -28.95
CA THR B 150 12.14 12.39 -29.39
C THR B 150 12.98 12.70 -28.17
N LEU B 151 14.21 12.16 -28.11
CA LEU B 151 15.07 12.38 -26.96
C LEU B 151 15.37 13.88 -26.90
N ASN B 152 15.45 14.43 -25.70
CA ASN B 152 15.79 15.83 -25.56
C ASN B 152 17.32 15.94 -25.63
N ASP B 153 17.82 17.18 -25.56
CA ASP B 153 19.22 17.46 -25.78
C ASP B 153 20.09 16.85 -24.69
N ASP B 154 19.54 16.67 -23.48
CA ASP B 154 20.31 16.18 -22.35
C ASP B 154 20.47 14.66 -22.35
N ALA B 155 19.62 13.94 -23.08
CA ALA B 155 19.56 12.48 -22.96
C ALA B 155 20.74 11.88 -23.69
N PRO B 156 21.32 10.75 -23.24
CA PRO B 156 22.34 10.06 -24.04
C PRO B 156 21.70 9.70 -25.37
N LYS B 157 22.42 9.94 -26.48
CA LYS B 157 21.86 9.79 -27.81
C LYS B 157 21.53 8.33 -28.12
N ASP B 158 22.13 7.40 -27.36
CA ASP B 158 21.92 5.98 -27.59
C ASP B 158 21.03 5.40 -26.50
N GLN B 159 20.26 6.26 -25.81
CA GLN B 159 19.39 5.77 -24.74
C GLN B 159 18.51 4.63 -25.26
N LYS B 160 18.38 3.57 -24.44
CA LYS B 160 17.39 2.53 -24.75
C LYS B 160 16.10 2.85 -24.00
N THR B 161 14.99 2.90 -24.74
CA THR B 161 13.68 3.13 -24.13
C THR B 161 12.81 1.92 -24.41
N ILE B 162 12.22 1.37 -23.33
CA ILE B 162 11.18 0.34 -23.48
C ILE B 162 9.84 1.06 -23.65
N VAL B 163 9.07 0.61 -24.63
CA VAL B 163 7.71 1.09 -24.79
C VAL B 163 6.80 -0.15 -24.81
N VAL B 164 5.68 -0.04 -24.08
CA VAL B 164 4.70 -1.11 -24.02
C VAL B 164 3.34 -0.55 -24.42
N PHE B 165 2.63 -1.31 -25.26
CA PHE B 165 1.23 -1.06 -25.49
C PHE B 165 0.45 -2.25 -24.92
N TYR B 166 -0.40 -1.97 -23.91
CA TYR B 166 -1.11 -2.98 -23.15
C TYR B 166 -2.56 -2.95 -23.59
N VAL B 167 -3.11 -4.13 -23.89
CA VAL B 167 -4.47 -4.20 -24.40
C VAL B 167 -5.20 -5.23 -23.56
N SER B 168 -6.36 -4.85 -23.02
CA SER B 168 -7.16 -5.81 -22.25
C SER B 168 -8.59 -5.81 -22.77
N GLN B 169 -9.31 -6.94 -22.58
CA GLN B 169 -10.71 -6.98 -22.93
C GLN B 169 -11.51 -7.75 -21.88
N GLU B 170 -12.54 -7.07 -21.37
CA GLU B 170 -13.40 -7.63 -20.34
C GLU B 170 -14.76 -7.92 -20.99
N GLY B 171 -15.47 -8.93 -20.49
CA GLY B 171 -16.87 -9.15 -20.88
C GLY B 171 -17.10 -10.53 -21.49
N GLU B 172 -18.29 -11.11 -21.23
CA GLU B 172 -18.65 -12.43 -21.73
C GLU B 172 -18.70 -12.41 -23.26
N ASN B 173 -18.47 -13.58 -23.87
CA ASN B 173 -18.69 -13.81 -25.29
C ASN B 173 -17.88 -12.82 -26.12
N SER B 174 -16.59 -12.68 -25.78
CA SER B 174 -15.72 -11.80 -26.54
C SER B 174 -14.35 -12.47 -26.74
N GLU B 175 -13.67 -12.15 -27.83
CA GLU B 175 -12.44 -12.85 -28.19
C GLU B 175 -11.40 -11.81 -28.59
N LEU B 176 -10.13 -12.16 -28.38
CA LEU B 176 -9.04 -11.30 -28.81
C LEU B 176 -7.79 -12.16 -28.97
N GLU B 177 -7.15 -12.06 -30.12
CA GLU B 177 -6.10 -12.99 -30.47
C GLU B 177 -5.04 -12.27 -31.28
N ALA B 178 -3.78 -12.39 -30.87
CA ALA B 178 -2.65 -11.86 -31.62
C ALA B 178 -2.27 -12.85 -32.72
N VAL B 179 -2.24 -12.37 -33.97
CA VAL B 179 -1.83 -13.19 -35.08
C VAL B 179 -0.33 -13.49 -34.91
N PRO B 180 0.09 -14.79 -34.91
CA PRO B 180 1.50 -15.13 -34.73
C PRO B 180 2.36 -14.49 -35.81
N SER B 181 3.60 -14.17 -35.45
CA SER B 181 4.57 -13.70 -36.43
C SER B 181 5.07 -14.87 -37.27
N GLU B 182 5.74 -14.54 -38.39
CA GLU B 182 6.33 -15.55 -39.25
C GLU B 182 7.81 -15.68 -38.93
N ASN B 183 8.27 -15.13 -37.79
CA ASN B 183 9.68 -15.14 -37.39
C ASN B 183 9.81 -15.76 -36.00
N GLU B 184 10.99 -16.27 -35.67
CA GLU B 184 11.08 -17.28 -34.63
C GLU B 184 10.84 -16.68 -33.23
N PHE B 185 11.32 -15.45 -33.02
CA PHE B 185 11.49 -14.90 -31.68
C PHE B 185 10.56 -13.69 -31.46
N GLY B 186 9.78 -13.31 -32.46
CA GLY B 186 9.02 -12.07 -32.40
C GLY B 186 8.75 -11.51 -33.80
N TYR B 187 8.54 -10.18 -33.87
CA TYR B 187 7.93 -9.59 -35.04
C TYR B 187 8.91 -8.62 -35.68
N GLU B 188 9.04 -8.75 -37.00
CA GLU B 188 9.83 -7.82 -37.80
C GLU B 188 8.94 -6.68 -38.25
N GLY B 189 7.62 -6.93 -38.35
CA GLY B 189 6.70 -5.91 -38.84
C GLY B 189 5.57 -5.58 -37.84
N ASP B 190 4.35 -5.47 -38.36
CA ASP B 190 3.20 -5.02 -37.58
C ASP B 190 2.73 -6.18 -36.69
N VAL B 191 2.13 -5.86 -35.55
CA VAL B 191 1.42 -6.83 -34.75
C VAL B 191 -0.05 -6.64 -35.01
N ILE B 192 -0.77 -7.72 -35.34
CA ILE B 192 -2.19 -7.63 -35.59
C ILE B 192 -2.93 -8.38 -34.48
N LEU B 193 -3.82 -7.67 -33.78
CA LEU B 193 -4.79 -8.32 -32.90
C LEU B 193 -6.15 -8.37 -33.62
N LYS B 194 -6.78 -9.54 -33.60
CA LYS B 194 -8.12 -9.70 -34.15
C LYS B 194 -9.06 -10.02 -33.01
N GLY B 195 -10.16 -9.27 -32.91
CA GLY B 195 -11.08 -9.50 -31.81
C GLY B 195 -12.54 -9.34 -32.20
N ARG B 196 -13.41 -9.66 -31.25
CA ARG B 196 -14.84 -9.60 -31.49
C ARG B 196 -15.53 -9.39 -30.16
N SER B 197 -16.57 -8.53 -30.11
CA SER B 197 -17.50 -8.58 -28.98
C SER B 197 -18.89 -8.23 -29.48
N GLU B 198 -19.92 -8.45 -28.67
CA GLU B 198 -21.27 -8.00 -29.03
C GLU B 198 -21.26 -6.48 -29.25
N ALA B 199 -20.61 -5.76 -28.34
CA ALA B 199 -20.63 -4.31 -28.37
C ALA B 199 -19.86 -3.79 -29.59
N LEU B 200 -18.71 -4.42 -29.90
CA LEU B 200 -17.84 -3.83 -30.90
C LEU B 200 -17.97 -4.52 -32.26
N GLY B 201 -18.67 -5.65 -32.31
CA GLY B 201 -18.62 -6.52 -33.48
C GLY B 201 -17.19 -7.02 -33.68
N ASN B 202 -16.82 -7.28 -34.94
CA ASN B 202 -15.45 -7.68 -35.27
C ASN B 202 -14.59 -6.43 -35.44
N TYR B 203 -13.33 -6.56 -35.04
CA TYR B 203 -12.43 -5.43 -35.22
C TYR B 203 -11.00 -5.97 -35.34
N LYS B 204 -10.12 -5.07 -35.74
CA LYS B 204 -8.71 -5.37 -35.82
C LYS B 204 -7.97 -4.21 -35.17
N LEU B 205 -6.93 -4.52 -34.39
CA LEU B 205 -6.11 -3.52 -33.73
C LEU B 205 -4.66 -3.81 -34.10
N VAL B 206 -4.03 -2.86 -34.79
CA VAL B 206 -2.69 -3.09 -35.30
C VAL B 206 -1.73 -2.17 -34.55
N VAL B 207 -0.62 -2.75 -34.08
CA VAL B 207 0.49 -1.93 -33.63
C VAL B 207 1.59 -2.04 -34.68
N THR B 208 1.88 -0.91 -35.33
CA THR B 208 2.72 -0.97 -36.51
C THR B 208 4.18 -1.11 -36.12
N LYS B 209 5.02 -1.45 -37.12
CA LYS B 209 6.43 -1.71 -36.88
C LYS B 209 7.07 -0.48 -36.27
N GLY B 210 6.77 0.67 -36.89
CA GLY B 210 7.27 1.95 -36.44
C GLY B 210 8.62 2.28 -37.09
N LYS B 211 9.21 3.37 -36.62
CA LYS B 211 10.43 3.92 -37.14
C LYS B 211 11.35 4.12 -35.94
N GLY B 212 12.62 3.76 -36.12
CA GLY B 212 13.64 3.95 -35.11
C GLY B 212 14.52 2.71 -35.00
N VAL B 213 15.73 2.93 -34.48
CA VAL B 213 16.73 1.89 -34.35
C VAL B 213 16.29 0.89 -33.28
N ILE B 214 16.35 -0.40 -33.62
CA ILE B 214 16.13 -1.46 -32.63
C ILE B 214 17.48 -2.03 -32.20
N PRO B 215 17.88 -1.93 -30.91
CA PRO B 215 19.18 -2.43 -30.48
C PRO B 215 19.25 -3.95 -30.68
N GLN B 216 20.46 -4.44 -30.93
CA GLN B 216 20.67 -5.85 -31.24
C GLN B 216 21.70 -6.38 -30.26
N SER B 217 21.44 -7.57 -29.72
CA SER B 217 22.37 -8.17 -28.78
C SER B 217 23.14 -9.32 -29.46
N ASP B 218 24.44 -9.37 -29.24
CA ASP B 218 25.24 -10.52 -29.69
C ASP B 218 25.56 -11.44 -28.51
N HIS B 219 24.88 -11.22 -27.39
CA HIS B 219 25.00 -12.09 -26.24
C HIS B 219 24.46 -13.48 -26.58
N ASP B 220 25.00 -14.48 -25.86
CA ASP B 220 24.54 -15.85 -26.00
C ASP B 220 23.03 -15.96 -25.73
N LEU B 221 22.48 -15.12 -24.86
CA LEU B 221 21.03 -15.13 -24.59
C LEU B 221 20.20 -15.04 -25.88
N SER B 222 20.74 -14.33 -26.89
CA SER B 222 20.03 -14.12 -28.16
C SER B 222 19.69 -15.44 -28.85
N ARG B 223 20.41 -16.51 -28.48
CA ARG B 223 20.18 -17.82 -29.09
C ARG B 223 18.79 -18.31 -28.69
N LEU B 224 18.36 -17.91 -27.49
CA LEU B 224 17.10 -18.37 -26.94
C LEU B 224 16.01 -17.28 -27.05
N ARG B 225 16.42 -16.01 -27.14
CA ARG B 225 15.48 -14.88 -26.98
C ARG B 225 15.48 -13.99 -28.22
N GLY B 226 16.31 -14.35 -29.22
CA GLY B 226 16.48 -13.55 -30.42
C GLY B 226 17.38 -12.34 -30.14
N PRO B 227 17.92 -11.65 -31.19
CA PRO B 227 18.85 -10.56 -30.95
C PRO B 227 18.18 -9.25 -30.53
N GLY B 228 16.83 -9.20 -30.59
CA GLY B 228 16.11 -7.97 -30.28
C GLY B 228 15.05 -7.69 -31.34
N GLN B 229 13.78 -7.64 -30.91
CA GLN B 229 12.65 -7.53 -31.83
C GLN B 229 11.39 -7.20 -31.02
N THR B 230 10.33 -6.77 -31.71
CA THR B 230 9.01 -6.58 -31.10
C THR B 230 8.51 -7.94 -30.62
N VAL B 231 7.86 -7.95 -29.45
CA VAL B 231 7.34 -9.18 -28.89
C VAL B 231 5.91 -8.93 -28.40
N VAL B 232 5.13 -10.00 -28.35
CA VAL B 232 3.78 -9.94 -27.81
C VAL B 232 3.61 -11.10 -26.83
N GLN B 233 3.00 -10.82 -25.65
CA GLN B 233 2.53 -11.89 -24.78
C GLN B 233 1.03 -11.80 -24.67
N SER B 234 0.34 -12.90 -24.99
CA SER B 234 -1.11 -13.00 -24.87
C SER B 234 -1.42 -13.86 -23.64
N LEU B 235 -2.25 -13.34 -22.74
CA LEU B 235 -2.36 -13.87 -21.39
C LEU B 235 -3.82 -13.85 -20.98
N THR B 236 -4.16 -14.66 -19.98
CA THR B 236 -5.50 -14.63 -19.44
C THR B 236 -5.39 -14.38 -17.95
N TYR B 237 -6.05 -13.31 -17.52
CA TYR B 237 -6.12 -12.97 -16.12
C TYR B 237 -7.57 -12.89 -15.69
N PRO B 238 -7.82 -12.93 -14.35
CA PRO B 238 -9.16 -12.67 -13.84
C PRO B 238 -9.59 -11.26 -14.23
N ASP B 239 -10.87 -11.10 -14.59
CA ASP B 239 -11.43 -9.78 -14.91
C ASP B 239 -11.09 -8.70 -13.89
N GLU B 240 -11.07 -9.06 -12.60
CA GLU B 240 -10.93 -8.05 -11.54
C GLU B 240 -9.55 -7.43 -11.54
N VAL B 241 -8.58 -8.07 -12.22
CA VAL B 241 -7.24 -7.52 -12.15
C VAL B 241 -6.80 -6.93 -13.49
N LEU B 242 -7.66 -6.90 -14.53
CA LEU B 242 -7.26 -6.33 -15.82
C LEU B 242 -6.76 -4.90 -15.69
N TRP B 243 -7.28 -4.14 -14.71
CA TRP B 243 -6.89 -2.75 -14.58
C TRP B 243 -5.46 -2.64 -14.04
N GLN B 244 -4.95 -3.69 -13.37
CA GLN B 244 -3.65 -3.59 -12.71
C GLN B 244 -2.56 -3.85 -13.74
N ALA B 245 -2.46 -2.97 -14.75
CA ALA B 245 -1.61 -3.18 -15.92
C ALA B 245 -0.13 -3.24 -15.52
N LYS B 246 0.29 -2.32 -14.67
CA LYS B 246 1.70 -2.24 -14.34
C LYS B 246 2.12 -3.46 -13.52
N PRO B 247 1.39 -3.83 -12.45
CA PRO B 247 1.64 -5.08 -11.75
C PRO B 247 1.74 -6.29 -12.68
N ILE B 248 0.86 -6.34 -13.69
CA ILE B 248 0.82 -7.46 -14.63
C ILE B 248 2.09 -7.45 -15.47
N LEU B 249 2.48 -6.27 -15.99
CA LEU B 249 3.71 -6.16 -16.75
C LEU B 249 4.90 -6.65 -15.92
N PHE B 250 4.99 -6.16 -14.69
CA PHE B 250 6.12 -6.49 -13.83
C PHE B 250 6.15 -7.98 -13.44
N GLN B 251 4.95 -8.57 -13.30
CA GLN B 251 4.86 -9.99 -13.05
C GLN B 251 5.52 -10.73 -14.21
N GLN B 252 5.20 -10.31 -15.43
CA GLN B 252 5.72 -10.96 -16.63
C GLN B 252 7.22 -10.73 -16.75
N LEU B 253 7.69 -9.51 -16.44
CA LEU B 253 9.10 -9.21 -16.52
C LEU B 253 9.90 -10.08 -15.53
N LYS B 254 9.37 -10.20 -14.30
CA LYS B 254 10.00 -11.00 -13.25
C LYS B 254 10.06 -12.47 -13.66
N ALA B 255 8.97 -12.99 -14.22
CA ALA B 255 8.93 -14.38 -14.65
C ALA B 255 10.01 -14.60 -15.71
N GLY B 256 10.17 -13.60 -16.59
CA GLY B 256 11.13 -13.66 -17.69
C GLY B 256 12.55 -13.69 -17.15
N ILE B 257 12.77 -13.07 -15.97
CA ILE B 257 14.09 -13.03 -15.37
C ILE B 257 14.35 -14.32 -14.59
N ASP B 258 13.33 -14.82 -13.89
CA ASP B 258 13.45 -16.08 -13.16
C ASP B 258 13.80 -17.22 -14.12
N TRP B 259 13.25 -17.14 -15.33
CA TRP B 259 13.48 -18.10 -16.39
C TRP B 259 14.96 -18.26 -16.73
N LEU B 260 15.76 -17.21 -16.55
CA LEU B 260 17.18 -17.23 -16.92
C LEU B 260 17.94 -18.32 -16.14
N VAL B 261 17.59 -18.50 -14.86
CA VAL B 261 18.34 -19.41 -14.02
C VAL B 261 17.95 -20.85 -14.28
N GLU B 262 16.93 -21.09 -15.12
CA GLU B 262 16.47 -22.44 -15.39
C GLU B 262 16.82 -22.83 -16.81
N ASN B 263 17.54 -21.96 -17.55
CA ASN B 263 17.73 -22.23 -18.98
C ASN B 263 19.19 -22.03 -19.40
N LYS B 264 19.58 -22.74 -20.46
CA LYS B 264 20.97 -22.94 -20.81
C LYS B 264 21.48 -21.81 -21.71
N TYR B 265 22.28 -20.90 -21.14
CA TYR B 265 23.06 -19.96 -21.94
C TYR B 265 24.24 -19.52 -21.09
N ASP B 266 25.25 -18.95 -21.74
CA ASP B 266 26.52 -18.59 -21.14
C ASP B 266 26.33 -17.32 -20.31
N VAL B 267 26.70 -17.37 -19.03
CA VAL B 267 26.42 -16.28 -18.09
C VAL B 267 27.71 -15.62 -17.63
N ALA B 268 28.80 -15.86 -18.36
CA ALA B 268 30.08 -15.27 -17.98
C ALA B 268 30.05 -13.75 -18.16
N ASP B 269 29.37 -13.28 -19.23
CA ASP B 269 29.36 -11.85 -19.55
C ASP B 269 27.98 -11.27 -19.23
N PRO B 270 27.88 -10.01 -18.74
CA PRO B 270 26.58 -9.39 -18.45
C PRO B 270 25.76 -9.13 -19.72
N PRO B 271 24.49 -9.61 -19.77
CA PRO B 271 23.67 -9.39 -20.95
C PRO B 271 23.16 -7.94 -20.90
N PRO B 272 22.76 -7.36 -22.04
CA PRO B 272 22.21 -5.98 -22.02
C PRO B 272 20.96 -5.91 -21.12
N PRO B 273 20.84 -4.90 -20.24
CA PRO B 273 19.60 -4.72 -19.45
C PRO B 273 18.34 -4.80 -20.28
N TRP B 274 18.34 -4.12 -21.44
CA TRP B 274 17.13 -4.07 -22.25
C TRP B 274 16.76 -5.48 -22.70
N GLN B 275 17.74 -6.38 -22.85
CA GLN B 275 17.44 -7.73 -23.31
C GLN B 275 16.89 -8.59 -22.18
N VAL B 276 17.40 -8.40 -20.96
CA VAL B 276 16.84 -9.18 -19.85
C VAL B 276 15.42 -8.71 -19.51
N TYR B 277 15.08 -7.46 -19.89
CA TYR B 277 13.74 -6.92 -19.71
C TYR B 277 12.88 -7.00 -20.97
N LEU B 278 13.34 -7.71 -22.02
CA LEU B 278 12.48 -7.93 -23.18
C LEU B 278 11.74 -9.25 -23.01
N LEU B 279 10.40 -9.21 -23.03
CA LEU B 279 9.60 -10.40 -22.73
C LEU B 279 9.82 -11.45 -23.80
N ALA B 280 9.64 -12.73 -23.44
CA ALA B 280 9.59 -13.80 -24.42
C ALA B 280 8.32 -13.68 -25.24
N ASN B 281 8.47 -13.80 -26.57
CA ASN B 281 7.33 -13.75 -27.47
C ASN B 281 6.39 -14.94 -27.22
N LYS B 282 5.10 -14.68 -26.98
CA LYS B 282 4.12 -15.75 -26.78
C LYS B 282 2.73 -15.30 -27.22
N PRO B 283 2.51 -14.96 -28.52
CA PRO B 283 1.20 -14.48 -28.97
C PRO B 283 0.19 -15.62 -29.01
N GLY B 284 -1.07 -15.26 -28.87
CA GLY B 284 -2.16 -16.19 -29.04
C GLY B 284 -3.44 -15.52 -28.54
N SER B 285 -4.31 -16.33 -27.97
CA SER B 285 -5.58 -15.84 -27.50
C SER B 285 -5.42 -15.39 -26.06
N GLY B 286 -6.23 -14.41 -25.63
CA GLY B 286 -6.30 -14.05 -24.22
C GLY B 286 -7.06 -12.74 -24.01
N ASN B 287 -7.18 -12.31 -22.75
CA ASN B 287 -7.89 -11.08 -22.40
C ASN B 287 -6.88 -9.98 -22.02
N VAL B 288 -5.59 -10.32 -22.06
CA VAL B 288 -4.52 -9.33 -21.95
C VAL B 288 -3.51 -9.59 -23.06
N HIS B 289 -3.09 -8.54 -23.75
CA HIS B 289 -1.99 -8.63 -24.71
C HIS B 289 -1.01 -7.51 -24.41
N ILE B 290 0.26 -7.89 -24.19
CA ILE B 290 1.32 -6.92 -23.96
C ILE B 290 2.18 -6.88 -25.23
N VAL B 291 2.22 -5.73 -25.88
CA VAL B 291 3.04 -5.51 -27.07
C VAL B 291 4.25 -4.68 -26.64
N GLN B 292 5.46 -5.22 -26.82
CA GLN B 292 6.62 -4.54 -26.26
C GLN B 292 7.62 -4.24 -27.36
N LYS B 293 8.22 -3.05 -27.30
CA LYS B 293 9.29 -2.66 -28.21
C LYS B 293 10.41 -2.04 -27.41
N VAL B 294 11.65 -2.18 -27.93
CA VAL B 294 12.78 -1.44 -27.39
C VAL B 294 13.35 -0.61 -28.53
N PHE B 295 13.61 0.66 -28.24
CA PHE B 295 14.19 1.56 -29.23
C PHE B 295 15.48 2.13 -28.68
N GLU B 296 16.41 2.42 -29.61
CA GLU B 296 17.60 3.18 -29.27
C GLU B 296 17.48 4.54 -29.98
N GLY B 297 17.54 5.64 -29.23
CA GLY B 297 17.27 6.94 -29.85
C GLY B 297 15.77 7.21 -30.03
N ASP B 298 15.44 8.04 -31.03
CA ASP B 298 14.09 8.49 -31.30
C ASP B 298 13.24 7.37 -31.87
N PHE B 299 11.92 7.46 -31.71
CA PHE B 299 11.08 6.39 -32.21
C PHE B 299 9.68 6.90 -32.54
N GLU B 300 8.96 6.13 -33.35
CA GLU B 300 7.54 6.32 -33.49
C GLU B 300 6.90 5.02 -33.92
N PHE B 301 5.61 4.85 -33.60
CA PHE B 301 4.78 3.79 -34.17
C PHE B 301 3.31 4.18 -34.11
N ASP B 302 2.47 3.42 -34.82
CA ASP B 302 1.06 3.76 -34.87
C ASP B 302 0.24 2.65 -34.23
N ILE B 303 -0.95 3.02 -33.79
CA ILE B 303 -1.94 2.04 -33.40
C ILE B 303 -3.14 2.27 -34.32
N LEU B 304 -3.61 1.21 -34.95
CA LEU B 304 -4.70 1.37 -35.92
C LEU B 304 -5.85 0.45 -35.51
N PHE B 305 -6.98 1.05 -35.10
CA PHE B 305 -8.16 0.27 -34.73
C PHE B 305 -9.18 0.37 -35.86
N SER B 306 -9.50 -0.76 -36.49
CA SER B 306 -10.42 -0.83 -37.61
C SER B 306 -11.68 -1.57 -37.19
N SER B 307 -12.80 -0.83 -37.14
CA SER B 307 -14.10 -1.45 -36.95
C SER B 307 -14.47 -2.20 -38.21
N GLU B 308 -14.73 -3.51 -38.11
CA GLU B 308 -15.02 -4.28 -39.32
C GLU B 308 -16.25 -3.71 -40.03
N SER B 309 -17.25 -3.34 -39.23
CA SER B 309 -18.51 -2.68 -39.56
C SER B 309 -18.35 -1.62 -40.66
N ALA B 310 -17.24 -0.89 -40.59
CA ALA B 310 -17.01 0.28 -41.41
C ALA B 310 -16.56 -0.10 -42.84
N GLY B 311 -16.21 -1.36 -43.04
CA GLY B 311 -16.00 -1.92 -44.38
C GLY B 311 -14.75 -1.36 -45.04
N LYS B 312 -13.85 -0.78 -44.23
CA LYS B 312 -12.63 -0.10 -44.69
C LYS B 312 -11.66 -0.01 -43.51
N GLU B 313 -10.51 -0.67 -43.64
CA GLU B 313 -9.51 -0.70 -42.60
C GLU B 313 -8.67 0.58 -42.62
N VAL B 314 -8.29 1.06 -41.43
CA VAL B 314 -7.58 2.32 -41.25
C VAL B 314 -6.10 2.10 -41.54
N THR B 315 -5.49 3.08 -42.23
CA THR B 315 -4.07 3.01 -42.54
C THR B 315 -3.34 4.14 -41.83
N SER B 316 -1.99 4.06 -41.78
CA SER B 316 -1.19 5.15 -41.29
C SER B 316 -1.39 6.41 -42.14
N LYS B 317 -1.63 6.24 -43.45
CA LYS B 317 -1.90 7.39 -44.31
C LYS B 317 -3.21 8.08 -43.87
N ASP B 318 -4.23 7.28 -43.55
CA ASP B 318 -5.49 7.82 -43.03
C ASP B 318 -5.23 8.60 -41.73
N LEU B 319 -4.46 7.98 -40.83
CA LEU B 319 -4.12 8.61 -39.57
C LEU B 319 -3.60 10.02 -39.84
N GLU B 320 -2.63 10.14 -40.74
CA GLU B 320 -1.94 11.41 -40.96
C GLU B 320 -2.89 12.45 -41.56
N ARG B 321 -3.70 12.01 -42.53
CA ARG B 321 -4.66 12.91 -43.16
C ARG B 321 -5.66 13.43 -42.11
N GLU B 322 -6.17 12.52 -41.28
CA GLU B 322 -7.28 12.82 -40.38
C GLU B 322 -6.81 13.71 -39.26
N VAL B 323 -5.57 13.52 -38.80
CA VAL B 323 -4.94 14.37 -37.80
C VAL B 323 -4.85 15.80 -38.34
N LYS B 324 -4.38 15.97 -39.58
CA LYS B 324 -4.19 17.31 -40.12
C LYS B 324 -5.55 18.01 -40.24
N GLN B 325 -6.56 17.26 -40.65
CA GLN B 325 -7.92 17.73 -40.84
C GLN B 325 -8.53 18.19 -39.50
N ALA B 326 -8.38 17.36 -38.45
CA ALA B 326 -8.99 17.64 -37.17
C ALA B 326 -8.40 18.92 -36.61
N THR B 327 -7.10 19.12 -36.82
CA THR B 327 -6.42 20.33 -36.36
C THR B 327 -7.03 21.54 -37.05
N GLU B 328 -7.24 21.45 -38.37
CA GLU B 328 -7.81 22.56 -39.14
C GLU B 328 -9.19 22.92 -38.56
N VAL B 329 -10.03 21.90 -38.37
CA VAL B 329 -11.39 22.10 -37.88
C VAL B 329 -11.35 22.69 -36.45
N PHE B 330 -10.39 22.26 -35.63
CA PHE B 330 -10.33 22.74 -34.25
C PHE B 330 -10.03 24.24 -34.25
N GLY B 331 -9.02 24.63 -35.04
CA GLY B 331 -8.62 26.03 -35.16
C GLY B 331 -9.81 26.93 -35.53
N GLU B 332 -10.59 26.51 -36.54
CA GLU B 332 -11.72 27.30 -37.03
C GLU B 332 -12.80 27.38 -35.95
N ARG B 333 -13.08 26.24 -35.29
CA ARG B 333 -14.15 26.22 -34.30
C ARG B 333 -13.77 27.13 -33.12
N PHE B 334 -12.51 27.05 -32.68
CA PHE B 334 -12.08 27.84 -31.54
C PHE B 334 -12.27 29.33 -31.80
N ALA B 335 -11.88 29.78 -33.01
CA ALA B 335 -11.97 31.19 -33.41
C ALA B 335 -13.41 31.70 -33.31
N ARG B 336 -14.36 30.84 -33.64
CA ARG B 336 -15.78 31.13 -33.64
C ARG B 336 -16.30 31.06 -32.19
N VAL B 337 -16.00 29.96 -31.48
CA VAL B 337 -16.63 29.73 -30.19
C VAL B 337 -16.02 30.61 -29.09
N PHE B 338 -14.68 30.73 -29.10
CA PHE B 338 -13.98 31.50 -28.09
C PHE B 338 -13.31 32.70 -28.77
N ASP B 339 -14.15 33.64 -29.21
CA ASP B 339 -13.76 34.91 -29.80
C ASP B 339 -13.17 35.78 -28.68
N LEU B 340 -11.84 35.79 -28.56
CA LEU B 340 -11.19 36.43 -27.43
C LEU B 340 -11.25 37.95 -27.61
N LYS B 341 -11.69 38.68 -26.57
CA LYS B 341 -11.94 40.12 -26.67
C LYS B 341 -10.78 40.93 -26.10
N ALA B 342 -10.68 42.23 -26.48
CA ALA B 342 -9.64 43.10 -25.96
C ALA B 342 -9.60 43.02 -24.45
N PRO B 343 -8.41 43.07 -23.80
CA PRO B 343 -7.12 43.14 -24.50
C PRO B 343 -6.41 41.80 -24.75
N PHE B 344 -7.19 40.76 -25.06
CA PHE B 344 -6.64 39.41 -25.10
C PHE B 344 -6.78 38.82 -26.50
N GLN B 345 -6.73 39.69 -27.53
CA GLN B 345 -6.89 39.24 -28.90
C GLN B 345 -5.57 38.71 -29.45
N GLY B 346 -4.45 38.94 -28.74
CA GLY B 346 -3.15 38.54 -29.24
C GLY B 346 -3.01 37.02 -29.41
N ASP B 347 -2.04 36.62 -30.23
CA ASP B 347 -1.71 35.22 -30.52
C ASP B 347 -1.33 34.50 -29.23
N ASN B 348 -0.65 35.20 -28.32
CA ASN B 348 -0.15 34.62 -27.09
C ASN B 348 -1.33 34.19 -26.21
N TYR B 349 -2.42 34.98 -26.22
CA TYR B 349 -3.62 34.67 -25.45
C TYR B 349 -4.44 33.57 -26.13
N LYS B 350 -4.37 33.53 -27.46
CA LYS B 350 -5.06 32.48 -28.21
C LYS B 350 -4.44 31.12 -27.86
N LYS B 351 -3.11 31.06 -27.81
CA LYS B 351 -2.40 29.80 -27.53
C LYS B 351 -2.74 29.37 -26.10
N PHE B 352 -2.73 30.33 -25.19
CA PHE B 352 -3.10 30.11 -23.79
C PHE B 352 -4.52 29.56 -23.71
N GLY B 353 -5.46 30.20 -24.40
CA GLY B 353 -6.86 29.80 -24.33
C GLY B 353 -7.05 28.39 -24.89
N LYS B 354 -6.32 28.09 -25.98
CA LYS B 354 -6.43 26.79 -26.63
C LYS B 354 -5.93 25.69 -25.68
N SER B 355 -4.88 26.02 -24.91
CA SER B 355 -4.29 25.06 -24.00
C SER B 355 -5.24 24.85 -22.80
N MET B 356 -5.76 25.94 -22.23
CA MET B 356 -6.65 25.83 -21.07
C MET B 356 -7.91 25.04 -21.46
N PHE B 357 -8.45 25.32 -22.64
CA PHE B 357 -9.67 24.68 -23.08
C PHE B 357 -9.41 23.21 -23.42
N SER B 358 -8.34 22.93 -24.18
CA SER B 358 -8.05 21.58 -24.61
C SER B 358 -7.81 20.65 -23.43
N ASN B 359 -7.13 21.15 -22.40
CA ASN B 359 -6.89 20.37 -21.18
C ASN B 359 -8.19 20.06 -20.47
N LEU B 360 -9.13 21.02 -20.43
CA LEU B 360 -10.40 20.81 -19.75
C LEU B 360 -11.22 19.75 -20.49
N ILE B 361 -11.44 19.94 -21.78
CA ILE B 361 -12.31 19.02 -22.48
C ILE B 361 -11.59 17.68 -22.65
N GLY B 362 -10.26 17.74 -22.74
CA GLY B 362 -9.42 16.56 -22.91
C GLY B 362 -9.38 15.70 -21.64
N GLY B 363 -9.88 16.24 -20.52
CA GLY B 363 -9.90 15.51 -19.25
C GLY B 363 -11.07 14.51 -19.16
N ILE B 364 -11.96 14.54 -20.15
CA ILE B 364 -13.18 13.73 -20.09
C ILE B 364 -12.83 12.23 -19.93
N GLY B 365 -13.46 11.58 -18.96
CA GLY B 365 -13.22 10.17 -18.76
C GLY B 365 -14.53 9.40 -18.79
N TYR B 366 -14.47 8.10 -19.14
CA TYR B 366 -15.58 7.20 -18.91
C TYR B 366 -15.22 6.26 -17.74
N PHE B 367 -16.09 6.23 -16.73
CA PHE B 367 -15.83 5.49 -15.50
C PHE B 367 -16.97 4.49 -15.29
N TYR B 368 -16.63 3.30 -14.76
CA TYR B 368 -17.62 2.26 -14.61
C TYR B 368 -17.23 1.37 -13.44
N GLY B 369 -18.20 1.10 -12.58
CA GLY B 369 -18.05 0.06 -11.56
C GLY B 369 -18.94 0.37 -10.36
N HIS B 370 -18.63 -0.24 -9.21
CA HIS B 370 -19.41 -0.03 -8.01
C HIS B 370 -18.88 1.17 -7.25
N SER B 371 -19.79 1.74 -6.46
CA SER B 371 -19.55 2.89 -5.61
C SER B 371 -19.75 2.43 -4.16
N LEU B 372 -19.06 3.06 -3.22
CA LEU B 372 -19.19 2.67 -1.81
C LEU B 372 -20.12 3.67 -1.11
N VAL B 373 -21.26 3.17 -0.57
CA VAL B 373 -22.26 4.04 0.02
C VAL B 373 -22.71 3.48 1.37
N ASP B 374 -22.93 4.37 2.35
CA ASP B 374 -23.57 4.02 3.62
C ASP B 374 -25.07 4.19 3.46
N ARG B 375 -25.79 3.09 3.33
CA ARG B 375 -27.24 3.13 3.16
C ARG B 375 -27.99 2.86 4.46
N SER B 376 -27.35 3.13 5.61
CA SER B 376 -28.00 2.87 6.89
C SER B 376 -29.06 3.92 7.24
N TYR B 377 -28.87 5.16 6.79
CA TYR B 377 -29.74 6.26 7.17
C TYR B 377 -29.84 6.29 8.70
N ALA B 378 -28.70 6.13 9.36
CA ALA B 378 -28.63 6.14 10.81
C ALA B 378 -29.23 7.44 11.36
N PRO B 379 -29.91 7.40 12.53
CA PRO B 379 -30.53 8.59 13.09
C PRO B 379 -29.51 9.67 13.44
N GLU B 380 -28.28 9.25 13.74
CA GLU B 380 -27.18 10.18 14.00
C GLU B 380 -26.97 11.14 12.81
N TYR B 381 -27.30 10.66 11.61
CA TYR B 381 -27.03 11.43 10.39
C TYR B 381 -28.05 12.56 10.23
N ASP B 382 -29.10 12.54 11.08
CA ASP B 382 -30.08 13.63 11.07
C ASP B 382 -29.46 14.89 11.64
N GLU B 383 -28.37 14.75 12.40
CA GLU B 383 -27.62 15.86 13.00
C GLU B 383 -28.57 16.77 13.80
N GLU B 384 -29.38 16.18 14.70
CA GLU B 384 -30.35 16.95 15.47
C GLU B 384 -29.74 17.53 16.76
N ASN B 385 -28.64 16.92 17.24
CA ASN B 385 -28.13 17.29 18.56
C ASN B 385 -26.91 18.20 18.42
N GLU B 386 -26.64 18.95 19.50
CA GLU B 386 -25.32 19.51 19.71
C GLU B 386 -24.30 18.38 19.68
N GLY B 387 -23.10 18.68 19.18
CA GLY B 387 -22.04 17.69 19.02
C GLY B 387 -22.37 16.58 18.02
N PHE B 388 -23.18 16.88 16.98
CA PHE B 388 -23.65 15.88 16.03
C PHE B 388 -22.47 15.20 15.32
N TRP B 389 -21.33 15.87 15.21
CA TRP B 389 -20.20 15.30 14.48
C TRP B 389 -19.67 14.06 15.22
N GLU B 390 -19.76 14.07 16.56
CA GLU B 390 -19.38 12.92 17.36
C GLU B 390 -20.37 11.77 17.12
N ASP B 391 -21.66 12.09 17.06
CA ASP B 391 -22.70 11.10 16.76
C ASP B 391 -22.45 10.45 15.39
N ALA B 392 -22.10 11.31 14.40
CA ALA B 392 -21.88 10.81 13.04
C ALA B 392 -20.67 9.87 13.02
N ALA B 393 -19.62 10.21 13.79
CA ALA B 393 -18.42 9.36 13.88
C ALA B 393 -18.78 7.99 14.45
N GLU B 394 -19.64 7.98 15.46
CA GLU B 394 -20.05 6.71 16.03
C GLU B 394 -20.86 5.88 15.03
N ALA B 395 -21.72 6.53 14.22
CA ALA B 395 -22.48 5.79 13.22
C ALA B 395 -21.53 5.26 12.14
N ARG B 396 -20.50 6.03 11.77
CA ARG B 396 -19.57 5.57 10.74
C ARG B 396 -18.83 4.35 11.27
N ALA B 397 -18.52 4.36 12.58
CA ALA B 397 -17.80 3.27 13.21
C ALA B 397 -18.60 1.96 13.17
N ARG B 398 -19.90 2.00 12.86
CA ARG B 398 -20.66 0.75 12.74
C ARG B 398 -20.47 0.08 11.37
N HIS B 399 -19.73 0.74 10.47
CA HIS B 399 -19.35 0.24 9.13
C HIS B 399 -20.50 -0.47 8.41
N GLN B 400 -21.62 0.23 8.19
CA GLN B 400 -22.70 -0.35 7.41
C GLN B 400 -22.45 -0.20 5.91
N GLU B 401 -21.42 0.55 5.49
CA GLU B 401 -21.36 0.86 4.06
C GLU B 401 -21.08 -0.41 3.25
N ALA B 402 -21.60 -0.45 2.02
CA ALA B 402 -21.40 -1.55 1.09
C ALA B 402 -21.24 -1.00 -0.32
N LEU B 403 -20.64 -1.83 -1.21
CA LEU B 403 -20.52 -1.48 -2.62
C LEU B 403 -21.87 -1.64 -3.29
N GLU B 404 -22.21 -0.71 -4.17
CA GLU B 404 -23.45 -0.84 -4.91
C GLU B 404 -23.22 -0.37 -6.34
N GLY B 405 -24.15 -0.75 -7.20
CA GLY B 405 -24.05 -0.46 -8.63
C GLY B 405 -24.16 -1.75 -9.41
N PRO B 406 -23.39 -1.95 -10.52
CA PRO B 406 -22.38 -0.98 -10.97
C PRO B 406 -23.02 0.26 -11.62
N TYR B 407 -22.29 1.39 -11.60
CA TYR B 407 -22.73 2.62 -12.26
C TYR B 407 -21.73 2.97 -13.36
N GLU B 408 -22.11 3.88 -14.25
CA GLU B 408 -21.16 4.44 -15.18
C GLU B 408 -21.24 5.97 -15.09
N LEU B 409 -20.17 6.65 -15.53
CA LEU B 409 -20.21 8.11 -15.59
C LEU B 409 -19.27 8.57 -16.69
N PHE B 410 -19.80 9.47 -17.52
CA PHE B 410 -19.04 10.16 -18.53
C PHE B 410 -18.97 11.62 -18.10
N THR B 411 -17.75 12.12 -17.83
CA THR B 411 -17.63 13.41 -17.13
C THR B 411 -16.24 13.99 -17.37
N SER B 412 -16.13 15.35 -17.34
CA SER B 412 -14.79 15.92 -17.19
C SER B 412 -14.37 15.81 -15.72
N ILE B 413 -13.11 16.19 -15.42
CA ILE B 413 -12.52 15.95 -14.10
C ILE B 413 -11.77 17.20 -13.67
N PRO B 414 -11.58 17.43 -12.36
CA PRO B 414 -10.76 18.56 -11.91
C PRO B 414 -9.29 18.43 -12.30
N SER B 415 -8.74 17.20 -12.31
CA SER B 415 -7.30 17.07 -12.43
C SER B 415 -6.86 15.63 -12.73
N ARG B 416 -6.05 15.45 -13.81
CA ARG B 416 -5.57 14.12 -14.15
C ARG B 416 -4.68 13.49 -13.06
N PRO B 417 -3.59 14.12 -12.59
CA PRO B 417 -2.73 13.46 -11.60
C PRO B 417 -3.35 13.35 -10.21
N PHE B 418 -4.22 14.30 -9.83
CA PHE B 418 -4.63 14.39 -8.42
C PHE B 418 -6.09 13.99 -8.20
N PHE B 419 -7.01 14.41 -9.10
CA PHE B 419 -8.43 14.20 -8.81
C PHE B 419 -9.14 13.60 -10.02
N PRO B 420 -8.71 12.43 -10.57
CA PRO B 420 -9.22 12.00 -11.86
C PRO B 420 -10.56 11.30 -11.73
N ARG B 421 -11.60 12.04 -11.29
CA ARG B 421 -12.94 11.43 -11.24
C ARG B 421 -13.97 12.55 -11.17
N GLY B 422 -15.28 12.20 -11.14
CA GLY B 422 -16.35 13.19 -11.16
C GLY B 422 -16.51 13.86 -9.78
N PHE B 423 -16.60 15.18 -9.76
CA PHE B 423 -16.98 15.95 -8.57
C PHE B 423 -18.17 16.83 -8.95
N LEU B 424 -19.25 16.75 -8.17
CA LEU B 424 -20.58 17.21 -8.55
C LEU B 424 -20.59 18.72 -8.78
N TRP B 425 -20.09 19.53 -7.85
CA TRP B 425 -20.13 20.98 -8.09
C TRP B 425 -19.04 21.45 -9.07
N ASP B 426 -17.89 20.73 -9.14
CA ASP B 426 -16.87 21.09 -10.14
C ASP B 426 -17.47 20.99 -11.53
N GLU B 427 -18.32 19.97 -11.75
CA GLU B 427 -18.74 19.68 -13.13
C GLU B 427 -19.58 20.84 -13.69
N GLY B 428 -20.42 21.44 -12.83
CA GLY B 428 -21.16 22.61 -13.27
C GLY B 428 -20.23 23.69 -13.84
N PHE B 429 -19.06 23.88 -13.23
CA PHE B 429 -18.12 24.86 -13.78
C PHE B 429 -17.46 24.31 -15.06
N HIS B 430 -17.05 23.04 -15.04
CA HIS B 430 -16.37 22.47 -16.23
C HIS B 430 -17.22 22.66 -17.48
N LEU B 431 -18.53 22.43 -17.34
CA LEU B 431 -19.37 22.31 -18.53
C LEU B 431 -19.73 23.69 -19.08
N LEU B 432 -19.41 24.78 -18.37
CA LEU B 432 -19.75 26.11 -18.90
C LEU B 432 -18.97 26.36 -20.21
N PRO B 433 -17.64 26.18 -20.25
CA PRO B 433 -16.91 26.28 -21.55
C PRO B 433 -17.21 25.10 -22.49
N ILE B 434 -17.43 23.92 -21.91
CA ILE B 434 -17.68 22.78 -22.78
C ILE B 434 -19.01 22.96 -23.54
N ALA B 435 -20.02 23.52 -22.87
CA ALA B 435 -21.32 23.74 -23.53
C ALA B 435 -21.22 24.73 -24.70
N ASP B 436 -20.34 25.75 -24.55
CA ASP B 436 -20.11 26.73 -25.62
C ASP B 436 -19.60 25.98 -26.86
N TRP B 437 -18.68 25.04 -26.62
CA TRP B 437 -18.03 24.27 -27.67
C TRP B 437 -18.97 23.29 -28.31
N ASP B 438 -19.76 22.57 -27.49
CA ASP B 438 -20.51 21.41 -27.96
C ASP B 438 -21.67 21.21 -26.96
N ILE B 439 -22.78 21.91 -27.20
CA ILE B 439 -23.91 21.84 -26.28
C ILE B 439 -24.35 20.38 -26.09
N ASP B 440 -24.36 19.61 -27.18
CA ASP B 440 -24.90 18.25 -27.12
C ASP B 440 -24.01 17.34 -26.25
N LEU B 441 -22.70 17.60 -26.28
CA LEU B 441 -21.76 16.88 -25.40
C LEU B 441 -22.05 17.25 -23.94
N ALA B 442 -22.16 18.56 -23.65
CA ALA B 442 -22.46 18.97 -22.27
C ALA B 442 -23.76 18.31 -21.77
N LEU B 443 -24.78 18.27 -22.63
CA LEU B 443 -26.09 17.72 -22.22
C LEU B 443 -25.95 16.23 -21.90
N GLU B 444 -25.07 15.57 -22.66
CA GLU B 444 -24.81 14.16 -22.48
C GLU B 444 -24.15 13.93 -21.12
N ILE B 445 -23.24 14.82 -20.71
CA ILE B 445 -22.57 14.69 -19.42
C ILE B 445 -23.58 14.98 -18.29
N ILE B 446 -24.41 16.00 -18.46
CA ILE B 446 -25.46 16.27 -17.46
C ILE B 446 -26.34 15.02 -17.31
N LYS B 447 -26.68 14.41 -18.44
CA LYS B 447 -27.59 13.29 -18.38
C LYS B 447 -26.91 12.12 -17.68
N SER B 448 -25.62 11.92 -17.96
CA SER B 448 -24.83 10.90 -17.29
C SER B 448 -24.89 11.10 -15.78
N TRP B 449 -24.66 12.32 -15.32
CA TRP B 449 -24.65 12.60 -13.89
C TRP B 449 -26.03 12.34 -13.28
N TYR B 450 -27.09 12.81 -13.96
CA TYR B 450 -28.43 12.74 -13.35
C TYR B 450 -28.95 11.31 -13.35
N ASN B 451 -28.39 10.47 -14.24
CA ASN B 451 -28.65 9.03 -14.24
C ASN B 451 -28.12 8.35 -12.96
N LEU B 452 -27.25 9.03 -12.23
CA LEU B 452 -26.74 8.48 -10.97
C LEU B 452 -27.68 8.79 -9.81
N MET B 453 -28.62 9.72 -9.97
CA MET B 453 -29.45 10.14 -8.84
C MET B 453 -30.31 8.98 -8.33
N ASP B 454 -30.42 8.84 -7.01
CA ASP B 454 -31.21 7.74 -6.43
C ASP B 454 -32.67 8.19 -6.33
N GLU B 455 -33.51 7.33 -5.75
CA GLU B 455 -34.96 7.53 -5.79
C GLU B 455 -35.33 8.73 -4.89
N ASP B 456 -34.46 9.11 -3.97
CA ASP B 456 -34.74 10.22 -3.08
C ASP B 456 -34.33 11.60 -3.67
N GLY B 457 -33.45 11.60 -4.67
CA GLY B 457 -32.92 12.86 -5.23
C GLY B 457 -31.46 13.13 -4.92
N TRP B 458 -30.74 12.11 -4.39
CA TRP B 458 -29.35 12.23 -4.00
C TRP B 458 -28.43 11.73 -5.13
N ILE B 459 -27.40 12.53 -5.44
CA ILE B 459 -26.26 12.15 -6.27
C ILE B 459 -25.02 12.31 -5.39
N ALA B 460 -24.19 11.26 -5.25
CA ALA B 460 -23.02 11.40 -4.41
C ALA B 460 -22.11 12.49 -4.97
N ARG B 461 -21.50 13.30 -4.09
CA ARG B 461 -20.76 14.45 -4.58
C ARG B 461 -19.43 14.04 -5.20
N GLU B 462 -18.93 12.83 -4.87
CA GLU B 462 -17.65 12.36 -5.40
C GLU B 462 -17.88 10.96 -5.96
N GLN B 463 -17.64 10.77 -7.28
CA GLN B 463 -18.03 9.52 -7.93
C GLN B 463 -16.77 8.71 -8.16
N ILE B 464 -16.59 7.70 -7.31
CA ILE B 464 -15.43 6.82 -7.37
C ILE B 464 -15.95 5.48 -7.86
N LEU B 465 -15.88 5.25 -9.18
CA LEU B 465 -16.58 4.12 -9.75
C LEU B 465 -15.56 3.06 -10.17
N GLY B 466 -15.55 1.92 -9.47
CA GLY B 466 -14.72 0.79 -9.85
C GLY B 466 -13.41 0.73 -9.06
N ALA B 467 -12.78 -0.47 -9.08
CA ALA B 467 -11.56 -0.72 -8.31
C ALA B 467 -10.41 0.17 -8.80
N GLU B 468 -10.32 0.38 -10.12
CA GLU B 468 -9.27 1.26 -10.65
C GLU B 468 -9.41 2.66 -10.04
N ALA B 469 -10.64 3.20 -10.00
CA ALA B 469 -10.83 4.55 -9.44
C ALA B 469 -10.53 4.55 -7.93
N ARG B 470 -10.90 3.47 -7.23
CA ARG B 470 -10.73 3.34 -5.78
C ARG B 470 -9.26 3.31 -5.37
N SER B 471 -8.41 2.79 -6.26
CA SER B 471 -7.00 2.59 -5.94
C SER B 471 -6.34 3.94 -5.67
N LYS B 472 -6.96 5.03 -6.13
CA LYS B 472 -6.36 6.35 -6.00
C LYS B 472 -6.83 7.04 -4.71
N VAL B 473 -7.79 6.43 -3.99
CA VAL B 473 -8.47 7.14 -2.92
C VAL B 473 -8.23 6.41 -1.59
N PRO B 474 -7.68 7.10 -0.56
CA PRO B 474 -7.60 6.55 0.80
C PRO B 474 -8.98 6.11 1.24
N LYS B 475 -9.02 4.97 1.92
CA LYS B 475 -10.28 4.32 2.24
C LYS B 475 -11.17 5.25 3.09
N GLU B 476 -10.57 6.09 3.92
CA GLU B 476 -11.28 7.02 4.77
C GLU B 476 -12.11 8.02 3.94
N PHE B 477 -11.80 8.16 2.63
CA PHE B 477 -12.53 9.10 1.79
C PHE B 477 -13.44 8.41 0.78
N GLN B 478 -13.55 7.07 0.82
CA GLN B 478 -14.29 6.39 -0.24
C GLN B 478 -15.80 6.41 -0.01
N THR B 479 -16.25 6.25 1.24
CA THR B 479 -17.68 6.04 1.46
C THR B 479 -18.44 7.34 1.20
N GLN B 480 -19.56 7.24 0.49
CA GLN B 480 -20.40 8.41 0.24
C GLN B 480 -21.63 8.33 1.13
N TYR B 481 -22.16 9.52 1.51
CA TYR B 481 -23.23 9.60 2.50
C TYR B 481 -24.44 10.26 1.84
N PRO B 482 -25.60 9.57 1.84
CA PRO B 482 -26.81 10.08 1.20
C PRO B 482 -27.43 11.33 1.82
N HIS B 483 -26.85 11.88 2.90
CA HIS B 483 -27.28 13.15 3.46
C HIS B 483 -26.31 14.28 3.09
N TYR B 484 -25.28 13.97 2.30
CA TYR B 484 -24.25 14.95 1.99
C TYR B 484 -24.51 15.53 0.61
N ALA B 485 -24.71 16.86 0.56
CA ALA B 485 -25.00 17.51 -0.71
C ALA B 485 -23.71 18.09 -1.29
N ASN B 486 -23.85 18.86 -2.39
CA ASN B 486 -22.77 19.66 -2.92
C ASN B 486 -23.47 20.76 -3.75
N PRO B 487 -22.87 21.94 -4.02
CA PRO B 487 -23.56 22.93 -4.82
C PRO B 487 -24.09 22.45 -6.16
N PRO B 488 -25.34 22.80 -6.49
CA PRO B 488 -25.98 22.33 -7.74
C PRO B 488 -25.61 23.27 -8.91
N THR B 489 -24.30 23.40 -9.14
CA THR B 489 -23.79 24.22 -10.21
C THR B 489 -24.20 23.67 -11.56
N LEU B 490 -24.58 22.39 -11.65
CA LEU B 490 -25.03 21.89 -12.95
C LEU B 490 -26.24 22.68 -13.46
N PHE B 491 -27.01 23.25 -12.55
CA PHE B 491 -28.14 24.09 -12.95
C PHE B 491 -27.69 25.32 -13.74
N LEU B 492 -26.51 25.88 -13.42
CA LEU B 492 -26.00 27.03 -14.18
C LEU B 492 -25.81 26.67 -15.66
N VAL B 493 -25.39 25.42 -15.96
CA VAL B 493 -25.22 25.03 -17.37
C VAL B 493 -26.58 24.98 -18.05
N LEU B 494 -27.58 24.44 -17.33
CA LEU B 494 -28.91 24.32 -17.91
C LEU B 494 -29.47 25.73 -18.15
N ASP B 495 -29.18 26.69 -17.25
CA ASP B 495 -29.62 28.08 -17.41
C ASP B 495 -29.10 28.64 -18.75
N ASN B 496 -27.81 28.38 -19.05
CA ASN B 496 -27.22 28.83 -20.32
C ASN B 496 -27.91 28.17 -21.50
N PHE B 497 -28.22 26.89 -21.37
CA PHE B 497 -28.85 26.12 -22.43
C PHE B 497 -30.27 26.66 -22.68
N VAL B 498 -31.02 26.89 -21.61
CA VAL B 498 -32.35 27.48 -21.73
C VAL B 498 -32.27 28.82 -22.49
N GLU B 499 -31.29 29.65 -22.12
CA GLU B 499 -31.10 30.95 -22.74
C GLU B 499 -30.83 30.81 -24.24
N ARG B 500 -30.04 29.81 -24.62
CA ARG B 500 -29.75 29.57 -26.03
C ARG B 500 -30.99 29.08 -26.78
N LEU B 501 -31.81 28.27 -26.10
CA LEU B 501 -33.04 27.74 -26.65
C LEU B 501 -34.02 28.88 -26.92
N ARG B 502 -34.00 29.91 -26.07
CA ARG B 502 -34.88 31.06 -26.21
C ARG B 502 -34.42 31.94 -27.38
N LYS B 503 -33.12 32.21 -27.48
CA LYS B 503 -32.57 33.01 -28.56
C LYS B 503 -32.22 32.13 -29.77
N THR B 520 -23.97 19.62 -37.74
CA THR B 520 -23.08 19.07 -36.69
C THR B 520 -23.95 18.49 -35.55
N LEU B 521 -23.55 17.32 -35.05
CA LEU B 521 -24.20 16.71 -33.89
C LEU B 521 -24.03 17.59 -32.66
N SER B 522 -22.97 18.40 -32.66
CA SER B 522 -22.62 19.34 -31.60
C SER B 522 -23.80 20.20 -31.16
N THR B 523 -24.66 20.62 -32.11
CA THR B 523 -25.70 21.60 -31.79
C THR B 523 -27.09 21.09 -32.23
N ALA B 524 -27.26 19.77 -32.39
CA ALA B 524 -28.51 19.21 -32.89
C ALA B 524 -29.66 19.58 -31.95
N SER B 525 -29.37 19.69 -30.64
CA SER B 525 -30.40 19.92 -29.64
C SER B 525 -30.86 21.39 -29.65
N VAL B 526 -30.05 22.27 -30.25
CA VAL B 526 -30.47 23.65 -30.41
C VAL B 526 -30.99 23.87 -31.84
N ASP B 527 -30.36 23.23 -32.84
CA ASP B 527 -30.68 23.51 -34.24
C ASP B 527 -32.14 23.16 -34.53
N ASN B 528 -32.61 22.08 -33.90
CA ASN B 528 -34.02 21.77 -33.84
C ASN B 528 -34.44 21.90 -32.39
N PRO B 529 -35.04 23.03 -31.96
CA PRO B 529 -35.32 23.25 -30.55
C PRO B 529 -36.32 22.28 -29.90
N GLU B 530 -37.11 21.57 -30.72
CA GLU B 530 -38.00 20.54 -30.21
C GLU B 530 -37.16 19.42 -29.56
N VAL B 531 -35.95 19.17 -30.09
CA VAL B 531 -35.05 18.16 -29.53
C VAL B 531 -34.62 18.59 -28.11
N GLY B 532 -34.13 19.83 -28.00
CA GLY B 532 -33.73 20.43 -26.73
C GLY B 532 -34.86 20.45 -25.71
N LEU B 533 -36.07 20.80 -26.18
CA LEU B 533 -37.22 20.86 -25.29
C LEU B 533 -37.56 19.47 -24.75
N GLU B 534 -37.49 18.45 -25.61
CA GLU B 534 -37.79 17.10 -25.15
C GLU B 534 -36.73 16.64 -24.14
N TYR B 535 -35.45 16.98 -24.38
CA TYR B 535 -34.41 16.70 -23.40
C TYR B 535 -34.81 17.28 -22.04
N LEU B 536 -35.18 18.57 -22.02
CA LEU B 536 -35.57 19.22 -20.79
C LEU B 536 -36.80 18.56 -20.19
N ARG B 537 -37.73 18.15 -21.05
CA ARG B 537 -38.95 17.51 -20.57
C ARG B 537 -38.57 16.26 -19.78
N ARG B 538 -37.60 15.52 -20.28
CA ARG B 538 -37.17 14.29 -19.62
C ARG B 538 -36.39 14.56 -18.32
N LEU B 539 -35.58 15.64 -18.29
CA LEU B 539 -34.66 15.87 -17.19
C LEU B 539 -35.40 16.59 -16.04
N TYR B 540 -36.45 17.36 -16.38
CA TYR B 540 -37.08 18.27 -15.43
C TYR B 540 -37.52 17.54 -14.15
N PRO B 541 -38.18 16.34 -14.24
CA PRO B 541 -38.62 15.63 -13.02
C PRO B 541 -37.46 15.32 -12.07
N LEU B 542 -36.26 15.04 -12.63
CA LEU B 542 -35.10 14.73 -11.81
C LEU B 542 -34.59 16.00 -11.15
N LEU B 543 -34.64 17.13 -11.89
CA LEU B 543 -34.26 18.41 -11.30
C LEU B 543 -35.18 18.74 -10.12
N ARG B 544 -36.47 18.54 -10.31
CA ARG B 544 -37.45 18.77 -9.24
C ARG B 544 -37.17 17.81 -8.07
N ARG B 545 -36.86 16.55 -8.39
CA ARG B 545 -36.56 15.59 -7.33
C ARG B 545 -35.40 16.09 -6.50
N GLN B 546 -34.38 16.65 -7.17
CA GLN B 546 -33.19 17.08 -6.46
C GLN B 546 -33.52 18.30 -5.60
N PHE B 547 -34.32 19.21 -6.17
CA PHE B 547 -34.75 20.40 -5.46
C PHE B 547 -35.47 20.00 -4.17
N ASP B 548 -36.44 19.09 -4.33
CA ASP B 548 -37.22 18.58 -3.21
C ASP B 548 -36.27 17.98 -2.15
N TRP B 549 -35.26 17.24 -2.64
CA TRP B 549 -34.26 16.57 -1.79
C TRP B 549 -33.47 17.59 -0.97
N PHE B 550 -33.02 18.68 -1.60
CA PHE B 550 -32.32 19.74 -0.89
C PHE B 550 -33.20 20.29 0.24
N ARG B 551 -34.48 20.53 -0.07
CA ARG B 551 -35.34 21.24 0.88
C ARG B 551 -35.69 20.31 2.05
N LYS B 552 -35.80 19.01 1.78
CA LYS B 552 -36.09 18.03 2.82
C LYS B 552 -34.85 17.75 3.67
N THR B 553 -33.69 17.49 3.04
CA THR B 553 -32.54 16.92 3.77
C THR B 553 -31.58 17.99 4.26
N GLN B 554 -31.60 19.21 3.67
CA GLN B 554 -30.66 20.23 4.14
C GLN B 554 -31.41 21.38 4.83
N ALA B 555 -32.62 21.11 5.35
CA ALA B 555 -33.44 22.14 6.01
C ALA B 555 -32.71 22.67 7.24
N GLY B 556 -32.76 24.00 7.44
CA GLY B 556 -32.33 24.62 8.69
C GLY B 556 -33.53 24.78 9.62
N ASP B 557 -33.27 25.21 10.85
CA ASP B 557 -34.31 25.23 11.89
C ASP B 557 -34.61 26.69 12.26
N ILE B 558 -35.83 27.14 11.92
CA ILE B 558 -36.36 28.44 12.36
C ILE B 558 -37.24 28.26 13.62
N LYS B 559 -38.10 27.22 13.62
CA LYS B 559 -39.25 27.08 14.50
C LYS B 559 -38.81 26.81 15.94
N SER B 560 -37.76 26.00 16.11
CA SER B 560 -37.45 25.55 17.45
C SER B 560 -36.61 26.58 18.22
N TYR B 561 -36.38 27.76 17.63
CA TYR B 561 -35.56 28.76 18.32
C TYR B 561 -36.27 30.11 18.38
N ASP B 562 -35.66 31.07 19.11
CA ASP B 562 -36.16 32.46 19.12
C ASP B 562 -35.71 33.15 17.82
N ARG B 563 -36.36 32.81 16.70
CA ARG B 563 -35.96 33.32 15.39
C ARG B 563 -37.19 33.88 14.69
N GLU B 564 -37.09 35.14 14.24
CA GLU B 564 -38.17 35.78 13.52
C GLU B 564 -37.77 35.94 12.05
N ALA B 565 -38.68 35.62 11.14
CA ALA B 565 -38.34 35.77 9.74
C ALA B 565 -39.62 35.88 8.94
N TYR B 566 -39.51 36.53 7.77
CA TYR B 566 -40.61 36.63 6.83
C TYR B 566 -41.26 35.25 6.61
N SER B 567 -40.43 34.20 6.43
CA SER B 567 -40.95 32.88 6.16
C SER B 567 -40.40 31.95 7.23
N THR B 568 -41.21 30.98 7.69
CA THR B 568 -40.72 30.08 8.71
C THR B 568 -40.13 28.82 8.05
N LYS B 569 -40.22 28.73 6.71
CA LYS B 569 -39.85 27.52 5.98
C LYS B 569 -38.43 27.62 5.36
N GLU B 570 -38.08 28.80 4.81
CA GLU B 570 -36.86 28.93 4.01
C GLU B 570 -35.67 29.23 4.91
N ALA B 571 -34.88 28.18 5.18
CA ALA B 571 -33.68 28.22 6.00
C ALA B 571 -32.95 26.92 5.74
N TYR B 572 -31.62 26.99 5.68
CA TYR B 572 -30.81 25.87 5.16
C TYR B 572 -29.52 25.71 5.95
N ARG B 573 -29.14 24.43 6.14
CA ARG B 573 -27.93 24.10 6.89
C ARG B 573 -27.27 22.89 6.20
N TRP B 574 -26.03 23.06 5.78
CA TRP B 574 -25.32 21.97 5.12
C TRP B 574 -25.15 20.83 6.13
N ARG B 575 -25.62 19.63 5.79
CA ARG B 575 -25.25 18.48 6.60
C ARG B 575 -23.78 18.16 6.36
N GLY B 576 -23.12 17.59 7.37
CA GLY B 576 -21.85 16.94 7.14
C GLY B 576 -20.69 17.77 7.59
N ARG B 577 -20.96 18.82 8.40
CA ARG B 577 -19.82 19.58 8.85
C ARG B 577 -19.06 18.90 10.00
N THR B 578 -17.78 19.22 10.10
CA THR B 578 -17.00 18.82 11.27
C THR B 578 -16.47 20.09 11.92
N VAL B 579 -15.63 19.95 12.96
CA VAL B 579 -15.28 21.10 13.78
C VAL B 579 -14.61 22.18 12.93
N SER B 580 -13.75 21.78 11.98
CA SER B 580 -12.95 22.75 11.24
C SER B 580 -13.31 22.83 9.73
N HIS B 581 -14.30 22.06 9.29
CA HIS B 581 -14.59 21.93 7.87
C HIS B 581 -16.09 21.98 7.60
N CYS B 582 -16.42 22.33 6.34
CA CYS B 582 -17.71 22.02 5.75
C CYS B 582 -17.47 21.60 4.30
N LEU B 583 -17.16 20.29 4.11
CA LEU B 583 -16.67 19.82 2.81
C LEU B 583 -17.80 19.82 1.79
N THR B 584 -19.03 19.62 2.27
CA THR B 584 -20.17 19.48 1.38
C THR B 584 -20.44 20.81 0.67
N SER B 585 -20.09 21.93 1.31
CA SER B 585 -20.34 23.24 0.71
C SER B 585 -19.39 23.48 -0.48
N GLY B 586 -18.27 22.75 -0.53
CA GLY B 586 -17.26 23.02 -1.55
C GLY B 586 -16.12 23.93 -1.06
N LEU B 587 -16.39 24.77 -0.05
CA LEU B 587 -15.38 25.68 0.45
C LEU B 587 -14.81 25.08 1.73
N ASP B 588 -13.96 24.03 1.54
CA ASP B 588 -13.66 23.04 2.56
C ASP B 588 -13.46 23.68 3.94
N ASP B 589 -12.55 24.66 4.06
CA ASP B 589 -12.15 25.12 5.39
C ASP B 589 -12.50 26.60 5.57
N TYR B 590 -13.41 27.13 4.75
CA TYR B 590 -13.86 28.51 4.96
C TYR B 590 -14.44 28.56 6.38
N PRO B 591 -14.11 29.61 7.17
CA PRO B 591 -14.57 29.68 8.57
C PRO B 591 -16.09 29.71 8.66
N ARG B 592 -16.62 28.84 9.52
CA ARG B 592 -18.05 28.67 9.77
C ARG B 592 -18.30 28.89 11.25
N PRO B 593 -19.57 28.92 11.73
CA PRO B 593 -19.83 29.11 13.16
C PRO B 593 -19.10 28.07 14.03
N GLN B 594 -18.61 28.52 15.19
CA GLN B 594 -17.95 27.62 16.14
C GLN B 594 -18.72 27.61 17.47
N PRO B 595 -19.15 26.44 17.99
CA PRO B 595 -18.92 25.16 17.32
C PRO B 595 -19.94 24.94 16.22
N PRO B 596 -19.82 23.86 15.40
CA PRO B 596 -20.92 23.47 14.53
C PRO B 596 -22.13 23.24 15.43
N HIS B 597 -23.35 23.38 14.90
CA HIS B 597 -24.53 23.41 15.75
C HIS B 597 -25.76 23.16 14.88
N PRO B 598 -26.73 22.35 15.37
CA PRO B 598 -27.94 22.06 14.58
C PRO B 598 -28.74 23.33 14.24
N GLY B 599 -28.41 24.43 14.93
CA GLY B 599 -29.07 25.70 14.73
C GLY B 599 -28.33 26.59 13.72
N GLU B 600 -27.24 26.10 13.12
CA GLU B 600 -26.54 26.86 12.09
C GLU B 600 -27.47 27.11 10.91
N LEU B 601 -27.22 28.22 10.20
CA LEU B 601 -27.80 28.49 8.90
C LEU B 601 -26.68 29.00 8.00
N HIS B 602 -26.64 28.47 6.78
CA HIS B 602 -25.55 28.76 5.87
C HIS B 602 -26.12 29.59 4.71
N VAL B 603 -25.59 30.81 4.49
CA VAL B 603 -26.18 31.68 3.49
C VAL B 603 -25.85 31.20 2.07
N ASP B 604 -24.69 30.53 1.88
CA ASP B 604 -24.38 30.01 0.55
C ASP B 604 -25.39 28.95 0.14
N LEU B 605 -25.78 28.07 1.09
CA LEU B 605 -26.70 27.02 0.75
C LEU B 605 -28.07 27.61 0.37
N MET B 606 -28.54 28.58 1.17
CA MET B 606 -29.82 29.19 0.83
C MET B 606 -29.73 29.79 -0.58
N SER B 607 -28.61 30.47 -0.87
CA SER B 607 -28.39 31.05 -2.18
C SER B 607 -28.50 29.98 -3.28
N TRP B 608 -27.89 28.80 -3.07
CA TRP B 608 -27.97 27.73 -4.06
C TRP B 608 -29.41 27.28 -4.27
N VAL B 609 -30.22 27.25 -3.19
CA VAL B 609 -31.61 26.82 -3.37
C VAL B 609 -32.32 27.88 -4.24
N GLY B 610 -31.92 29.16 -4.03
CA GLY B 610 -32.37 30.26 -4.88
C GLY B 610 -32.07 30.02 -6.36
N VAL B 611 -30.81 29.62 -6.66
CA VAL B 611 -30.43 29.29 -8.03
C VAL B 611 -31.37 28.21 -8.59
N MET B 612 -31.61 27.15 -7.83
CA MET B 612 -32.36 26.02 -8.36
C MET B 612 -33.79 26.47 -8.63
N VAL B 613 -34.41 27.21 -7.68
CA VAL B 613 -35.79 27.60 -7.87
C VAL B 613 -35.93 28.48 -9.12
N LYS B 614 -34.97 29.37 -9.37
CA LYS B 614 -35.04 30.20 -10.57
C LYS B 614 -34.91 29.35 -11.84
N SER B 615 -34.04 28.33 -11.83
CA SER B 615 -33.89 27.48 -13.01
C SER B 615 -35.20 26.74 -13.26
N LEU B 616 -35.84 26.30 -12.16
CA LEU B 616 -37.04 25.48 -12.30
C LEU B 616 -38.22 26.33 -12.77
N ILE B 617 -38.28 27.59 -12.33
CA ILE B 617 -39.26 28.55 -12.89
C ILE B 617 -39.06 28.65 -14.41
N SER B 618 -37.82 28.84 -14.85
CA SER B 618 -37.64 29.07 -16.28
C SER B 618 -37.88 27.79 -17.09
N ILE B 619 -37.48 26.62 -16.56
CA ILE B 619 -37.63 25.39 -17.32
C ILE B 619 -39.10 24.97 -17.25
N GLY B 620 -39.69 25.07 -16.05
CA GLY B 620 -41.10 24.80 -15.88
C GLY B 620 -41.95 25.63 -16.84
N SER B 621 -41.61 26.93 -16.95
CA SER B 621 -42.29 27.82 -17.87
C SER B 621 -42.22 27.29 -19.31
N LEU B 622 -41.02 26.85 -19.73
CA LEU B 622 -40.79 26.34 -21.07
C LEU B 622 -41.66 25.11 -21.33
N LEU B 623 -41.94 24.36 -20.28
CA LEU B 623 -42.63 23.09 -20.44
C LEU B 623 -44.13 23.24 -20.15
N GLY B 624 -44.57 24.44 -19.74
CA GLY B 624 -45.95 24.69 -19.39
C GLY B 624 -46.38 23.99 -18.09
N ALA B 625 -45.45 23.86 -17.14
CA ALA B 625 -45.74 23.23 -15.87
C ALA B 625 -46.39 24.25 -14.94
N THR B 626 -47.58 24.69 -15.36
CA THR B 626 -48.33 25.75 -14.69
C THR B 626 -48.47 25.43 -13.22
N GLU B 627 -48.70 24.14 -12.91
CA GLU B 627 -49.02 23.66 -11.59
C GLU B 627 -47.88 23.94 -10.61
N ASP B 628 -46.64 24.05 -11.13
CA ASP B 628 -45.47 24.20 -10.29
C ASP B 628 -45.22 25.68 -9.90
N VAL B 629 -46.00 26.61 -10.51
CA VAL B 629 -45.64 28.01 -10.59
C VAL B 629 -45.94 28.71 -9.26
N GLU B 630 -47.11 28.42 -8.67
CA GLU B 630 -47.43 29.01 -7.39
C GLU B 630 -46.38 28.60 -6.36
N PHE B 631 -45.97 27.31 -6.39
CA PHE B 631 -45.01 26.81 -5.42
C PHE B 631 -43.67 27.53 -5.59
N TYR B 632 -43.11 27.53 -6.81
CA TYR B 632 -41.77 28.07 -7.02
C TYR B 632 -41.72 29.57 -6.70
N THR B 633 -42.77 30.30 -7.14
CA THR B 633 -42.90 31.74 -6.91
C THR B 633 -42.80 32.02 -5.43
N LYS B 634 -43.55 31.24 -4.64
CA LYS B 634 -43.62 31.41 -3.20
C LYS B 634 -42.24 31.18 -2.60
N VAL B 635 -41.56 30.13 -3.09
CA VAL B 635 -40.28 29.76 -2.50
C VAL B 635 -39.28 30.87 -2.77
N LEU B 636 -39.26 31.37 -4.01
CA LEU B 636 -38.26 32.38 -4.35
C LEU B 636 -38.51 33.66 -3.54
N ASP B 637 -39.79 34.07 -3.46
CA ASP B 637 -40.16 35.24 -2.67
C ASP B 637 -39.72 35.06 -1.22
N ALA B 638 -39.91 33.86 -0.66
CA ALA B 638 -39.51 33.60 0.73
C ALA B 638 -37.98 33.66 0.89
N ILE B 639 -37.23 33.11 -0.06
CA ILE B 639 -35.77 33.14 0.02
C ILE B 639 -35.27 34.57 -0.06
N GLU B 640 -35.82 35.34 -1.01
CA GLU B 640 -35.39 36.73 -1.15
C GLU B 640 -35.51 37.47 0.19
N HIS B 641 -36.62 37.26 0.90
CA HIS B 641 -36.80 37.97 2.17
C HIS B 641 -35.93 37.36 3.26
N ASN B 642 -35.88 36.02 3.32
CA ASN B 642 -35.19 35.35 4.41
C ASN B 642 -33.69 35.55 4.33
N LEU B 643 -33.17 35.76 3.13
CA LEU B 643 -31.76 36.09 3.01
C LEU B 643 -31.47 37.33 3.86
N ASP B 644 -32.38 38.31 3.79
CA ASP B 644 -32.23 39.55 4.55
C ASP B 644 -32.42 39.27 6.04
N ASP B 645 -33.54 38.62 6.39
CA ASP B 645 -33.96 38.50 7.78
C ASP B 645 -32.96 37.65 8.55
N LEU B 646 -32.46 36.57 7.92
CA LEU B 646 -31.68 35.60 8.65
C LEU B 646 -30.17 35.83 8.47
N HIS B 647 -29.72 36.53 7.41
CA HIS B 647 -28.30 36.52 7.07
C HIS B 647 -27.70 37.90 6.84
N TRP B 648 -28.51 38.98 6.73
CA TRP B 648 -27.89 40.28 6.45
C TRP B 648 -27.33 40.90 7.72
N SER B 649 -26.06 41.31 7.72
CA SER B 649 -25.50 42.07 8.83
C SER B 649 -25.35 43.54 8.44
N GLU B 650 -26.20 44.40 9.04
CA GLU B 650 -26.07 45.84 8.86
C GLU B 650 -24.73 46.33 9.41
N LYS B 651 -24.35 45.86 10.59
CA LYS B 651 -23.07 46.26 11.18
C LYS B 651 -21.92 45.96 10.22
N GLU B 652 -21.92 44.78 9.57
CA GLU B 652 -20.74 44.37 8.82
C GLU B 652 -20.83 44.79 7.36
N GLY B 653 -22.04 45.11 6.90
CA GLY B 653 -22.26 45.45 5.49
C GLY B 653 -22.12 44.25 4.54
N CYS B 654 -22.50 43.06 5.01
CA CYS B 654 -22.45 41.87 4.15
C CYS B 654 -23.38 40.80 4.69
N TYR B 655 -23.53 39.70 3.94
CA TYR B 655 -24.24 38.53 4.43
C TYR B 655 -23.31 37.66 5.27
N CYS B 656 -23.93 36.89 6.21
CA CYS B 656 -23.23 36.06 7.17
C CYS B 656 -24.03 34.78 7.37
N ASP B 657 -23.33 33.67 7.63
CA ASP B 657 -23.91 32.48 8.21
C ASP B 657 -24.44 32.86 9.60
N ALA B 658 -25.38 32.08 10.12
CA ALA B 658 -25.94 32.33 11.44
C ALA B 658 -25.79 31.06 12.29
N THR B 659 -25.92 31.24 13.61
CA THR B 659 -25.96 30.10 14.50
C THR B 659 -26.87 30.42 15.68
N ILE B 660 -26.95 29.45 16.61
CA ILE B 660 -27.58 29.64 17.90
C ILE B 660 -26.47 29.55 18.94
N ASP B 661 -26.24 30.64 19.69
CA ASP B 661 -24.99 30.73 20.44
C ASP B 661 -25.15 30.04 21.80
N GLU B 662 -24.15 30.22 22.68
CA GLU B 662 -24.09 29.56 23.97
C GLU B 662 -25.25 30.02 24.86
N PHE B 663 -25.88 31.15 24.53
CA PHE B 663 -26.99 31.66 25.31
C PHE B 663 -28.31 31.30 24.65
N GLU B 664 -28.28 30.45 23.61
CA GLU B 664 -29.49 30.07 22.89
C GLU B 664 -30.06 31.25 22.08
N GLU B 665 -29.19 32.20 21.69
CA GLU B 665 -29.64 33.32 20.87
C GLU B 665 -29.21 33.17 19.39
N HIS B 666 -30.05 33.69 18.48
CA HIS B 666 -29.69 33.83 17.06
C HIS B 666 -28.53 34.81 16.96
N LYS B 667 -27.42 34.36 16.36
CA LYS B 667 -26.24 35.21 16.24
C LYS B 667 -25.73 35.07 14.80
N LEU B 668 -25.36 36.20 14.21
CA LEU B 668 -24.71 36.21 12.92
C LEU B 668 -23.24 35.93 13.15
N VAL B 669 -22.62 35.16 12.26
CA VAL B 669 -21.19 34.89 12.39
C VAL B 669 -20.53 35.33 11.09
N CYS B 670 -19.95 36.53 11.10
CA CYS B 670 -19.51 37.15 9.87
C CYS B 670 -18.02 36.91 9.67
N HIS B 671 -17.68 36.40 8.51
CA HIS B 671 -16.29 36.29 8.10
C HIS B 671 -16.22 36.75 6.66
N LYS B 672 -15.70 37.96 6.46
CA LYS B 672 -15.82 38.63 5.18
C LYS B 672 -14.96 37.90 4.14
N GLY B 673 -15.60 37.49 3.03
CA GLY B 673 -14.96 36.68 2.01
C GLY B 673 -16.01 36.13 1.06
N TYR B 674 -15.74 34.98 0.41
CA TYR B 674 -16.64 34.53 -0.64
C TYR B 674 -18.03 34.31 -0.10
N ILE B 675 -18.15 33.65 1.06
CA ILE B 675 -19.46 33.29 1.59
C ILE B 675 -20.33 34.56 1.74
N SER B 676 -19.69 35.68 2.14
CA SER B 676 -20.36 36.94 2.45
C SER B 676 -21.02 37.51 1.20
N LEU B 677 -20.58 37.06 0.02
CA LEU B 677 -20.98 37.61 -1.27
C LEU B 677 -22.07 36.78 -1.93
N PHE B 678 -22.42 35.64 -1.32
CA PHE B 678 -23.12 34.59 -2.04
C PHE B 678 -24.38 35.04 -2.78
N PRO B 679 -25.33 35.76 -2.14
CA PRO B 679 -26.54 36.20 -2.87
C PRO B 679 -26.22 36.99 -4.14
N PHE B 680 -25.11 37.74 -4.12
CA PHE B 680 -24.65 38.43 -5.31
C PHE B 680 -24.04 37.47 -6.35
N LEU B 681 -23.18 36.55 -5.90
CA LEU B 681 -22.49 35.61 -6.77
C LEU B 681 -23.48 34.71 -7.51
N THR B 682 -24.62 34.41 -6.90
CA THR B 682 -25.57 33.48 -7.46
C THR B 682 -26.69 34.21 -8.20
N GLY B 683 -26.60 35.54 -8.25
CA GLY B 683 -27.47 36.29 -9.14
C GLY B 683 -28.82 36.57 -8.53
N LEU B 684 -28.89 36.65 -7.19
CA LEU B 684 -30.18 36.76 -6.50
C LEU B 684 -30.58 38.22 -6.23
N LEU B 685 -29.65 39.18 -6.38
CA LEU B 685 -29.92 40.55 -5.97
C LEU B 685 -30.34 41.38 -7.19
N LYS B 686 -31.31 42.26 -6.99
CA LYS B 686 -31.76 43.17 -8.03
C LYS B 686 -30.68 44.25 -8.20
N PRO B 687 -30.59 44.87 -9.39
CA PRO B 687 -29.64 45.98 -9.60
C PRO B 687 -29.90 47.21 -8.71
N ASP B 688 -31.11 47.34 -8.18
CA ASP B 688 -31.41 48.46 -7.29
C ASP B 688 -31.35 48.01 -5.84
N SER B 689 -30.72 46.87 -5.53
CA SER B 689 -30.66 46.48 -4.12
C SER B 689 -29.66 47.36 -3.37
N PRO B 690 -30.02 47.97 -2.22
CA PRO B 690 -29.04 48.71 -1.41
C PRO B 690 -27.95 47.82 -0.81
N LYS B 691 -28.27 46.52 -0.67
CA LYS B 691 -27.29 45.56 -0.18
C LYS B 691 -26.23 45.31 -1.24
N LEU B 692 -26.66 45.34 -2.50
CA LEU B 692 -25.72 45.14 -3.61
C LEU B 692 -24.63 46.20 -3.55
N GLY B 693 -25.00 47.47 -3.29
CA GLY B 693 -24.01 48.53 -3.20
C GLY B 693 -22.93 48.28 -2.13
N LYS B 694 -23.36 47.78 -0.97
CA LYS B 694 -22.42 47.50 0.12
C LYS B 694 -21.51 46.33 -0.25
N LEU B 695 -22.06 45.36 -0.99
CA LEU B 695 -21.26 44.22 -1.42
C LEU B 695 -20.22 44.64 -2.46
N LEU B 696 -20.58 45.58 -3.34
CA LEU B 696 -19.64 46.06 -4.34
C LEU B 696 -18.47 46.82 -3.69
N ALA B 697 -18.79 47.57 -2.63
CA ALA B 697 -17.75 48.30 -1.92
C ALA B 697 -16.74 47.32 -1.31
N LEU B 698 -17.26 46.24 -0.70
CA LEU B 698 -16.41 45.24 -0.08
C LEU B 698 -15.56 44.52 -1.13
N ILE B 699 -16.16 44.17 -2.28
CA ILE B 699 -15.48 43.46 -3.34
C ILE B 699 -14.30 44.30 -3.85
N GLY B 700 -14.53 45.61 -4.00
CA GLY B 700 -13.52 46.54 -4.51
C GLY B 700 -12.52 47.01 -3.43
N ASP B 701 -12.70 46.59 -2.20
CA ASP B 701 -11.85 47.08 -1.11
C ASP B 701 -10.53 46.31 -1.04
N GLU B 702 -9.43 47.01 -1.40
CA GLU B 702 -8.08 46.47 -1.40
C GLU B 702 -7.69 45.96 -0.01
N SER B 703 -8.25 46.56 1.06
CA SER B 703 -7.86 46.14 2.39
C SER B 703 -8.61 44.88 2.80
N GLU B 704 -9.66 44.50 2.04
CA GLU B 704 -10.46 43.31 2.35
C GLU B 704 -10.21 42.20 1.32
N LEU B 705 -10.92 42.25 0.17
CA LEU B 705 -10.97 41.15 -0.78
C LEU B 705 -10.18 41.42 -2.06
N TRP B 706 -9.99 42.70 -2.42
CA TRP B 706 -9.42 43.03 -3.72
C TRP B 706 -7.89 42.93 -3.68
N SER B 707 -7.36 41.86 -4.30
CA SER B 707 -5.91 41.74 -4.46
C SER B 707 -5.60 42.12 -5.91
N PRO B 708 -4.31 42.34 -6.25
CA PRO B 708 -3.92 42.58 -7.64
C PRO B 708 -4.20 41.40 -8.56
N TYR B 709 -4.56 40.25 -7.97
CA TYR B 709 -4.59 39.00 -8.73
C TYR B 709 -6.01 38.42 -8.75
N GLY B 710 -6.96 39.15 -8.14
CA GLY B 710 -8.33 38.62 -8.04
C GLY B 710 -8.87 38.77 -6.63
N LEU B 711 -10.11 38.30 -6.43
CA LEU B 711 -10.76 38.38 -5.12
C LEU B 711 -10.22 37.29 -4.20
N ARG B 712 -9.72 37.71 -3.02
CA ARG B 712 -9.31 36.80 -1.96
C ARG B 712 -10.50 36.01 -1.43
N SER B 713 -10.30 34.71 -1.13
CA SER B 713 -11.36 33.86 -0.58
C SER B 713 -11.83 34.39 0.76
N LEU B 714 -10.88 34.96 1.55
CA LEU B 714 -11.15 35.49 2.89
C LEU B 714 -10.47 36.84 3.00
N SER B 715 -11.08 37.79 3.73
CA SER B 715 -10.54 39.14 3.88
C SER B 715 -9.23 39.12 4.67
N LYS B 716 -8.28 39.99 4.28
CA LYS B 716 -7.03 40.21 5.03
C LYS B 716 -7.35 40.63 6.46
N LYS B 717 -8.53 41.21 6.67
CA LYS B 717 -8.91 41.70 8.00
C LYS B 717 -9.55 40.62 8.86
N ASP B 718 -9.85 39.45 8.29
CA ASP B 718 -10.55 38.44 9.07
C ASP B 718 -9.58 37.76 10.03
N GLU B 719 -10.08 37.36 11.20
CA GLU B 719 -9.22 36.73 12.19
C GLU B 719 -8.62 35.43 11.66
N PHE B 720 -9.29 34.76 10.67
CA PHE B 720 -8.80 33.48 10.20
C PHE B 720 -7.97 33.58 8.92
N TYR B 721 -7.67 34.80 8.47
CA TYR B 721 -6.92 34.98 7.24
C TYR B 721 -5.59 34.23 7.33
N GLY B 722 -5.32 33.35 6.35
CA GLY B 722 -4.03 32.68 6.23
C GLY B 722 -3.79 31.57 7.26
N THR B 723 -4.80 31.16 8.03
CA THR B 723 -4.62 30.21 9.11
C THR B 723 -4.89 28.75 8.70
N ALA B 724 -4.50 27.82 9.59
CA ALA B 724 -4.68 26.37 9.42
C ALA B 724 -4.13 25.94 8.05
N GLU B 725 -4.94 25.21 7.28
CA GLU B 725 -4.50 24.72 5.99
C GLU B 725 -4.59 25.82 4.95
N ASN B 726 -5.30 26.91 5.27
CA ASN B 726 -5.31 28.09 4.42
C ASN B 726 -5.75 27.73 2.98
N TYR B 727 -6.80 26.90 2.88
CA TYR B 727 -7.23 26.42 1.57
C TYR B 727 -8.21 27.44 0.96
N TRP B 728 -9.27 27.76 1.71
CA TRP B 728 -10.22 28.79 1.32
C TRP B 728 -10.16 29.97 2.31
N ARG B 729 -8.97 30.22 2.89
CA ARG B 729 -8.84 31.26 3.90
C ARG B 729 -7.87 32.35 3.46
N SER B 730 -7.80 32.60 2.15
CA SER B 730 -7.10 33.77 1.60
C SER B 730 -6.91 33.61 0.08
N PRO B 731 -6.56 32.41 -0.44
CA PRO B 731 -6.13 32.30 -1.82
C PRO B 731 -7.22 32.67 -2.82
N VAL B 732 -6.80 32.92 -4.08
CA VAL B 732 -7.70 33.33 -5.12
C VAL B 732 -8.15 32.08 -5.87
N TRP B 733 -9.48 31.83 -5.94
CA TRP B 733 -10.05 30.70 -6.66
C TRP B 733 -10.78 31.19 -7.91
N ILE B 734 -10.56 30.49 -9.04
CA ILE B 734 -11.04 31.00 -10.33
C ILE B 734 -12.54 30.83 -10.47
N ASN B 735 -13.05 29.69 -9.96
CA ASN B 735 -14.40 29.28 -9.63
C ASN B 735 -15.31 30.49 -9.30
N ILE B 736 -15.05 30.98 -8.12
CA ILE B 736 -15.83 32.01 -7.47
C ILE B 736 -15.55 33.34 -8.15
N ASN B 737 -14.30 33.58 -8.57
CA ASN B 737 -13.99 34.82 -9.25
C ASN B 737 -14.81 34.93 -10.55
N TYR B 738 -14.94 33.78 -11.26
CA TYR B 738 -15.77 33.72 -12.44
C TYR B 738 -17.21 34.16 -12.14
N LEU B 739 -17.81 33.60 -11.07
CA LEU B 739 -19.18 33.98 -10.71
C LEU B 739 -19.27 35.49 -10.46
N ALA B 740 -18.27 36.07 -9.77
CA ALA B 740 -18.25 37.52 -9.53
C ALA B 740 -18.17 38.28 -10.85
N ILE B 741 -17.29 37.85 -11.76
CA ILE B 741 -17.12 38.53 -13.02
C ILE B 741 -18.44 38.52 -13.79
N VAL B 742 -19.13 37.37 -13.80
CA VAL B 742 -20.37 37.25 -14.56
C VAL B 742 -21.42 38.20 -13.97
N GLN B 743 -21.50 38.23 -12.63
CA GLN B 743 -22.54 39.02 -11.97
C GLN B 743 -22.26 40.52 -12.08
N LEU B 744 -20.99 40.92 -11.98
CA LEU B 744 -20.58 42.29 -12.24
C LEU B 744 -20.99 42.69 -13.66
N TYR B 745 -20.76 41.80 -14.62
CA TYR B 745 -21.13 42.08 -16.01
C TYR B 745 -22.65 42.33 -16.11
N ASN B 746 -23.44 41.51 -15.40
CA ASN B 746 -24.90 41.64 -15.40
C ASN B 746 -25.33 43.03 -14.90
N ILE B 747 -24.72 43.52 -13.80
CA ILE B 747 -25.06 44.84 -13.25
C ILE B 747 -24.57 45.95 -14.21
N ALA B 748 -23.44 45.69 -14.89
CA ALA B 748 -22.82 46.75 -15.68
C ALA B 748 -23.63 47.02 -16.95
N THR B 749 -24.57 46.13 -17.29
CA THR B 749 -25.21 46.21 -18.59
C THR B 749 -26.71 46.39 -18.39
N GLN B 750 -27.08 47.04 -17.29
CA GLN B 750 -28.47 47.44 -17.10
C GLN B 750 -28.53 48.71 -16.26
N ASP B 751 -29.67 49.41 -16.36
CA ASP B 751 -29.88 50.68 -15.68
C ASP B 751 -29.84 50.45 -14.18
N GLY B 752 -29.10 51.29 -13.48
CA GLY B 752 -29.20 51.31 -12.03
C GLY B 752 -28.12 52.19 -11.40
N PRO B 753 -28.18 52.43 -10.06
CA PRO B 753 -27.20 53.29 -9.43
C PRO B 753 -25.79 52.70 -9.39
N TYR B 754 -25.68 51.37 -9.61
CA TYR B 754 -24.38 50.71 -9.49
C TYR B 754 -23.79 50.28 -10.83
N LYS B 755 -24.41 50.71 -11.93
CA LYS B 755 -24.01 50.31 -13.28
C LYS B 755 -22.53 50.62 -13.52
N GLU B 756 -22.14 51.89 -13.25
CA GLU B 756 -20.77 52.32 -13.45
C GLU B 756 -19.81 51.63 -12.48
N THR B 757 -20.20 51.48 -11.22
CA THR B 757 -19.34 50.79 -10.26
C THR B 757 -19.05 49.36 -10.76
N ALA B 758 -20.11 48.69 -11.22
CA ALA B 758 -19.98 47.30 -11.63
C ALA B 758 -19.16 47.23 -12.93
N ARG B 759 -19.37 48.19 -13.85
CA ARG B 759 -18.60 48.20 -15.09
C ARG B 759 -17.11 48.28 -14.77
N ASP B 760 -16.74 49.19 -13.85
CA ASP B 760 -15.33 49.40 -13.54
C ASP B 760 -14.76 48.13 -12.89
N LEU B 761 -15.50 47.54 -11.93
CA LEU B 761 -15.02 46.36 -11.22
C LEU B 761 -14.90 45.18 -12.18
N TYR B 762 -15.89 45.01 -13.09
CA TYR B 762 -15.85 43.95 -14.09
C TYR B 762 -14.57 44.04 -14.92
N THR B 763 -14.33 45.24 -15.52
CA THR B 763 -13.18 45.43 -16.39
C THR B 763 -11.89 45.07 -15.67
N ARG B 764 -11.77 45.55 -14.44
CA ARG B 764 -10.55 45.39 -13.67
C ARG B 764 -10.35 43.92 -13.23
N LEU B 765 -11.42 43.29 -12.70
CA LEU B 765 -11.28 41.92 -12.20
C LEU B 765 -11.07 40.93 -13.38
N ARG B 766 -11.74 41.16 -14.50
CA ARG B 766 -11.51 40.36 -15.70
C ARG B 766 -10.02 40.40 -16.03
N LYS B 767 -9.44 41.62 -16.08
CA LYS B 767 -8.02 41.79 -16.41
C LYS B 767 -7.12 41.08 -15.40
N ASN B 768 -7.39 41.31 -14.11
CA ASN B 768 -6.57 40.74 -13.05
C ASN B 768 -6.56 39.21 -13.14
N ILE B 769 -7.75 38.62 -13.31
CA ILE B 769 -7.88 37.16 -13.27
C ILE B 769 -7.18 36.54 -14.48
N VAL B 770 -7.48 37.03 -15.68
CA VAL B 770 -6.88 36.47 -16.89
C VAL B 770 -5.34 36.56 -16.79
N GLU B 771 -4.83 37.74 -16.42
CA GLU B 771 -3.40 37.99 -16.35
C GLU B 771 -2.73 37.04 -15.33
N THR B 772 -3.38 36.80 -14.20
CA THR B 772 -2.79 35.92 -13.18
C THR B 772 -2.68 34.49 -13.73
N VAL B 773 -3.75 33.98 -14.33
CA VAL B 773 -3.74 32.61 -14.81
C VAL B 773 -2.80 32.50 -16.01
N TYR B 774 -2.83 33.52 -16.89
CA TYR B 774 -1.98 33.56 -18.08
C TYR B 774 -0.50 33.58 -17.68
N ARG B 775 -0.11 34.50 -16.79
CA ARG B 775 1.30 34.66 -16.44
C ARG B 775 1.84 33.35 -15.86
N ASN B 776 1.04 32.70 -15.00
CA ASN B 776 1.52 31.46 -14.38
C ASN B 776 1.64 30.37 -15.43
N TRP B 777 0.71 30.35 -16.38
CA TRP B 777 0.75 29.36 -17.43
C TRP B 777 2.01 29.55 -18.29
N GLU B 778 2.30 30.81 -18.60
CA GLU B 778 3.47 31.13 -19.42
C GLU B 778 4.74 30.67 -18.68
N GLU B 779 4.75 30.85 -17.37
CA GLU B 779 5.94 30.61 -16.57
C GLU B 779 6.10 29.14 -16.25
N THR B 780 5.00 28.43 -15.97
CA THR B 780 5.12 27.08 -15.39
C THR B 780 4.53 26.01 -16.31
N GLY B 781 3.78 26.41 -17.32
CA GLY B 781 3.08 25.50 -18.21
C GLY B 781 1.82 24.92 -17.59
N PHE B 782 1.42 25.38 -16.38
CA PHE B 782 0.29 24.75 -15.69
C PHE B 782 -0.85 25.73 -15.45
N ALA B 783 -2.07 25.19 -15.46
CA ALA B 783 -3.20 25.72 -14.71
C ALA B 783 -3.07 25.26 -13.27
N TRP B 784 -3.29 26.17 -12.31
CA TRP B 784 -3.17 25.81 -10.91
C TRP B 784 -4.56 25.82 -10.26
N GLU B 785 -4.65 25.13 -9.13
CA GLU B 785 -5.88 24.99 -8.36
C GLU B 785 -6.29 26.33 -7.75
N GLN B 786 -5.29 27.15 -7.36
CA GLN B 786 -5.56 28.47 -6.79
C GLN B 786 -4.31 29.33 -6.91
N TYR B 787 -4.43 30.61 -6.53
CA TYR B 787 -3.39 31.58 -6.79
C TYR B 787 -3.15 32.40 -5.52
N ASN B 788 -1.86 32.59 -5.22
CA ASN B 788 -1.42 33.34 -4.05
C ASN B 788 -1.91 34.79 -4.18
N PRO B 789 -2.60 35.35 -3.16
CA PRO B 789 -3.13 36.72 -3.27
C PRO B 789 -2.10 37.84 -3.04
N GLU B 790 -0.93 37.45 -2.53
CA GLU B 790 0.17 38.36 -2.23
C GLU B 790 1.10 38.47 -3.46
N THR B 791 1.40 37.32 -4.09
CA THR B 791 2.39 37.30 -5.16
C THR B 791 1.74 36.93 -6.50
N GLY B 792 0.56 36.29 -6.46
CA GLY B 792 -0.07 35.90 -7.71
C GLY B 792 0.37 34.52 -8.19
N LYS B 793 1.31 33.89 -7.46
CA LYS B 793 1.86 32.60 -7.88
C LYS B 793 0.80 31.49 -7.79
N GLY B 794 0.77 30.63 -8.81
CA GLY B 794 -0.03 29.41 -8.72
C GLY B 794 0.45 28.50 -7.59
N GLN B 795 -0.48 27.92 -6.84
CA GLN B 795 -0.10 27.09 -5.70
C GLN B 795 -1.19 26.02 -5.51
N ARG B 796 -1.03 25.16 -4.49
CA ARG B 796 -1.74 23.88 -4.43
C ARG B 796 -1.47 23.08 -5.71
N THR B 797 -2.44 22.29 -6.21
CA THR B 797 -2.08 21.33 -7.24
C THR B 797 -2.01 21.97 -8.62
N GLN B 798 -1.15 21.39 -9.47
CA GLN B 798 -1.01 21.72 -10.88
C GLN B 798 -1.98 20.86 -11.71
N HIS B 799 -2.11 21.19 -12.99
CA HIS B 799 -2.94 20.46 -13.96
C HIS B 799 -4.42 20.58 -13.57
N PHE B 800 -4.80 21.70 -12.98
CA PHE B 800 -6.16 21.85 -12.48
C PHE B 800 -7.08 22.37 -13.59
N THR B 801 -7.50 21.48 -14.49
CA THR B 801 -8.35 21.86 -15.60
C THR B 801 -9.50 20.86 -15.67
N GLY B 802 -10.47 20.95 -14.75
CA GLY B 802 -10.44 21.86 -13.60
C GLY B 802 -11.09 23.18 -13.96
N TRP B 803 -11.70 23.85 -12.94
CA TRP B 803 -12.47 25.06 -13.22
C TRP B 803 -11.56 26.27 -13.49
N THR B 804 -10.25 26.14 -13.29
CA THR B 804 -9.32 27.20 -13.68
C THR B 804 -9.45 27.53 -15.18
N SER B 805 -9.94 26.57 -15.95
CA SER B 805 -10.08 26.76 -17.39
C SER B 805 -11.26 27.69 -17.73
N LEU B 806 -12.07 28.08 -16.73
CA LEU B 806 -13.11 29.09 -16.96
C LEU B 806 -12.50 30.35 -17.59
N VAL B 807 -11.19 30.56 -17.39
CA VAL B 807 -10.50 31.70 -17.94
C VAL B 807 -10.75 31.86 -19.46
N VAL B 808 -11.00 30.77 -20.19
CA VAL B 808 -11.26 30.89 -21.62
C VAL B 808 -12.56 31.68 -21.84
N LYS B 809 -13.58 31.43 -21.01
CA LYS B 809 -14.84 32.15 -21.14
C LYS B 809 -14.69 33.58 -20.62
N ILE B 810 -13.88 33.79 -19.60
CA ILE B 810 -13.65 35.16 -19.14
C ILE B 810 -13.06 36.02 -20.27
N MET B 811 -12.19 35.42 -21.07
CA MET B 811 -11.53 36.14 -22.15
C MET B 811 -12.50 36.42 -23.30
N SER B 812 -13.46 35.52 -23.52
CA SER B 812 -14.36 35.59 -24.66
C SER B 812 -15.47 36.61 -24.42
N GLY B 813 -15.74 36.93 -23.14
CA GLY B 813 -16.71 37.93 -22.76
C GLY B 813 -18.15 37.39 -22.70
N HIS B 814 -19.07 38.19 -22.13
CA HIS B 814 -20.45 37.73 -21.98
C HIS B 814 -21.37 38.56 -22.87
#